data_4L8C
#
_entry.id   4L8C
#
_cell.length_a   81.567
_cell.length_b   85.464
_cell.length_c   138.506
_cell.angle_alpha   90.00
_cell.angle_beta   90.18
_cell.angle_gamma   90.00
#
_symmetry.space_group_name_H-M   'P 1 21 1'
#
loop_
_entity.id
_entity.type
_entity.pdbx_description
1 polymer 'H-2 class I histocompatibility antigen, D-B alpha chain'
2 polymer Beta-2-microglobulin
3 polymer 'NP-N3D peptide'
4 non-polymer 'SULFATE ION'
5 water water
#
loop_
_entity_poly.entity_id
_entity_poly.type
_entity_poly.pdbx_seq_one_letter_code
_entity_poly.pdbx_strand_id
1 'polypeptide(L)'
;GPHSMRYFETAVSRPGLEEPRYISVGYVDNKEFVRFDSDAENPRYEPRAPWMEQEGPEYWERETQKAKGQEQWFRVSLRN
LLGYYNQSAGGSHTLQQMSGCDLGSDWRLLRGYLQFAYEGRDYIALNEDLKTWTAADMAAQITRRKWEQSGAAEHYKAYL
EGECVEWLHRYLKNGNATLLRTDSPKAHVTHHPRSKGEVTLRCWALGFYPADITLTWQLNGEELTQDMELVETRPAGDGT
FQKWASVVVPLGKEQNYTCRVYHEGLPEPLTLRWEPPPST
;
A,C,E,G
2 'polypeptide(L)'
;IQKTPQIQVYSRHPPENGKPNILNCYVTQFHPPHIEIQMLKNGKKIPKVEMSDMSFSKDWSFYILAHTEFTPTETDTYAC
RVKHASMAEPKTVYWDRDM
;
B,D,F,H
3 'polypeptide(L)' ASDENMETM I,J,K,L
#
loop_
_chem_comp.id
_chem_comp.type
_chem_comp.name
_chem_comp.formula
SO4 non-polymer 'SULFATE ION' 'O4 S -2'
#
# COMPACT_ATOMS: atom_id res chain seq x y z
N GLY A 1 -4.67 -36.32 -22.55
CA GLY A 1 -5.26 -36.91 -21.37
C GLY A 1 -5.61 -35.89 -20.30
N PRO A 2 -5.83 -36.29 -19.00
CA PRO A 2 -6.15 -35.29 -17.97
C PRO A 2 -4.92 -34.47 -17.58
N HIS A 3 -5.15 -33.23 -17.15
CA HIS A 3 -4.10 -32.29 -16.77
C HIS A 3 -4.46 -31.66 -15.47
N SER A 4 -3.44 -31.36 -14.65
CA SER A 4 -3.61 -30.76 -13.34
C SER A 4 -2.49 -29.83 -12.91
N MET A 5 -2.86 -28.87 -12.07
CA MET A 5 -1.95 -27.98 -11.37
C MET A 5 -2.33 -28.07 -9.91
N ARG A 6 -1.31 -28.28 -9.05
CA ARG A 6 -1.44 -28.37 -7.61
C ARG A 6 -0.35 -27.55 -6.94
N TYR A 7 -0.68 -26.99 -5.75
CA TYR A 7 0.27 -26.28 -4.92
C TYR A 7 0.27 -26.99 -3.57
N PHE A 8 1.43 -27.57 -3.22
CA PHE A 8 1.66 -28.32 -2.00
C PHE A 8 2.41 -27.41 -1.01
N GLU A 9 1.62 -26.68 -0.15
CA GLU A 9 2.11 -25.73 0.88
C GLU A 9 2.18 -26.40 2.25
N THR A 10 3.29 -26.14 2.99
CA THR A 10 3.62 -26.72 4.31
C THR A 10 4.21 -25.62 5.21
N ALA A 11 3.76 -25.56 6.47
CA ALA A 11 4.32 -24.69 7.49
C ALA A 11 4.68 -25.52 8.74
N VAL A 12 5.97 -25.60 9.05
CA VAL A 12 6.46 -26.32 10.21
C VAL A 12 6.78 -25.27 11.27
N SER A 13 6.17 -25.33 12.45
CA SER A 13 6.47 -24.36 13.49
C SER A 13 7.78 -24.77 14.19
N ARG A 14 8.71 -23.81 14.43
CA ARG A 14 10.00 -24.08 15.10
C ARG A 14 9.94 -23.52 16.51
N PRO A 15 10.04 -24.34 17.59
CA PRO A 15 9.98 -23.77 18.95
C PRO A 15 11.09 -22.75 19.26
N GLY A 16 10.73 -21.66 19.97
CA GLY A 16 11.63 -20.56 20.33
C GLY A 16 11.96 -19.57 19.21
N LEU A 17 10.98 -19.34 18.29
CA LEU A 17 11.01 -18.45 17.11
C LEU A 17 9.55 -18.09 16.74
N GLU A 18 9.30 -16.85 16.26
CA GLU A 18 7.95 -16.40 15.88
C GLU A 18 7.56 -16.83 14.46
N GLU A 19 8.56 -16.99 13.58
CA GLU A 19 8.26 -17.36 12.21
C GLU A 19 8.42 -18.88 11.93
N PRO A 20 7.37 -19.53 11.36
CA PRO A 20 7.51 -20.95 10.99
C PRO A 20 8.25 -21.07 9.65
N ARG A 21 8.79 -22.25 9.35
CA ARG A 21 9.41 -22.45 8.05
C ARG A 21 8.26 -22.74 7.10
N TYR A 22 8.22 -22.05 5.94
CA TYR A 22 7.15 -22.24 4.98
C TYR A 22 7.69 -22.66 3.63
N ILE A 23 7.21 -23.81 3.10
CA ILE A 23 7.60 -24.36 1.81
C ILE A 23 6.36 -24.46 0.90
N SER A 24 6.45 -23.91 -0.32
CA SER A 24 5.37 -24.03 -1.29
C SER A 24 6.00 -24.70 -2.49
N VAL A 25 5.34 -25.74 -3.04
CA VAL A 25 5.82 -26.52 -4.18
C VAL A 25 4.66 -26.63 -5.16
N GLY A 26 4.90 -26.14 -6.37
CA GLY A 26 3.95 -26.16 -7.47
C GLY A 26 4.26 -27.32 -8.39
N TYR A 27 3.21 -28.00 -8.87
CA TYR A 27 3.28 -29.15 -9.77
C TYR A 27 2.33 -28.89 -10.91
N VAL A 28 2.80 -29.17 -12.13
CA VAL A 28 2.01 -29.19 -13.36
C VAL A 28 2.15 -30.64 -13.84
N ASP A 29 1.00 -31.32 -14.07
CA ASP A 29 0.96 -32.71 -14.51
C ASP A 29 1.80 -33.68 -13.64
N ASN A 30 1.69 -33.50 -12.29
CA ASN A 30 2.37 -34.29 -11.25
C ASN A 30 3.90 -34.18 -11.31
N LYS A 31 4.38 -33.04 -11.82
CA LYS A 31 5.81 -32.80 -11.99
C LYS A 31 6.15 -31.41 -11.48
N GLU A 32 7.05 -31.33 -10.44
CA GLU A 32 7.49 -30.07 -9.82
C GLU A 32 7.94 -29.09 -10.90
N PHE A 33 7.37 -27.87 -10.88
CA PHE A 33 7.61 -26.81 -11.84
C PHE A 33 8.09 -25.51 -11.19
N VAL A 34 7.69 -25.24 -9.93
CA VAL A 34 8.08 -24.09 -9.10
C VAL A 34 8.19 -24.51 -7.61
N ARG A 35 9.04 -23.82 -6.84
CA ARG A 35 9.24 -24.06 -5.42
C ARG A 35 9.60 -22.78 -4.63
N PHE A 36 9.32 -22.75 -3.33
CA PHE A 36 9.65 -21.68 -2.40
C PHE A 36 10.04 -22.31 -1.06
N ASP A 37 11.16 -21.87 -0.46
CA ASP A 37 11.60 -22.36 0.85
C ASP A 37 12.18 -21.19 1.65
N SER A 38 11.57 -20.87 2.80
CA SER A 38 12.00 -19.77 3.67
C SER A 38 13.41 -19.93 4.28
N ASP A 39 13.90 -21.16 4.36
CA ASP A 39 15.20 -21.55 4.92
C ASP A 39 16.37 -21.15 4.03
N ALA A 40 16.13 -21.04 2.71
CA ALA A 40 17.17 -20.73 1.72
C ALA A 40 17.79 -19.36 1.90
N GLU A 41 19.08 -19.24 1.50
CA GLU A 41 19.85 -17.99 1.49
C GLU A 41 19.25 -17.16 0.35
N ASN A 42 18.54 -16.07 0.69
CA ASN A 42 17.76 -15.23 -0.24
C ASN A 42 16.52 -16.03 -0.71
N PRO A 43 15.45 -16.10 0.13
CA PRO A 43 14.26 -16.89 -0.24
C PRO A 43 13.28 -16.26 -1.23
N ARG A 44 13.02 -16.99 -2.34
CA ARG A 44 12.05 -16.62 -3.40
C ARG A 44 11.54 -17.83 -4.21
N TYR A 45 10.48 -17.63 -5.05
CA TYR A 45 9.93 -18.67 -5.93
C TYR A 45 10.94 -18.98 -7.03
N GLU A 46 11.38 -20.23 -7.16
CA GLU A 46 12.41 -20.63 -8.11
C GLU A 46 11.90 -21.61 -9.20
N PRO A 47 12.42 -21.60 -10.46
CA PRO A 47 11.89 -22.51 -11.50
C PRO A 47 12.47 -23.90 -11.36
N ARG A 48 11.60 -24.91 -11.44
CA ARG A 48 12.00 -26.32 -11.27
C ARG A 48 11.96 -27.15 -12.55
N ALA A 49 11.35 -26.59 -13.61
CA ALA A 49 11.28 -27.17 -14.96
C ALA A 49 12.00 -26.19 -15.91
N PRO A 50 12.77 -26.67 -16.92
CA PRO A 50 13.49 -25.73 -17.81
C PRO A 50 12.57 -24.78 -18.58
N TRP A 51 11.35 -25.22 -18.95
CA TRP A 51 10.38 -24.35 -19.62
C TRP A 51 9.85 -23.27 -18.68
N MET A 52 10.33 -23.23 -17.43
CA MET A 52 9.90 -22.22 -16.48
C MET A 52 10.79 -20.98 -16.57
N GLU A 53 11.93 -21.12 -17.25
CA GLU A 53 12.86 -20.01 -17.49
C GLU A 53 12.22 -18.94 -18.40
N GLN A 54 11.34 -19.36 -19.35
CA GLN A 54 10.61 -18.46 -20.26
C GLN A 54 9.54 -17.62 -19.54
N GLU A 55 9.89 -17.09 -18.35
CA GLU A 55 9.03 -16.27 -17.48
C GLU A 55 9.80 -15.06 -16.98
N GLY A 56 9.17 -13.90 -17.08
CA GLY A 56 9.77 -12.61 -16.74
C GLY A 56 10.11 -12.48 -15.27
N PRO A 57 11.28 -11.88 -14.91
CA PRO A 57 11.62 -11.74 -13.48
C PRO A 57 10.57 -11.00 -12.61
N GLU A 58 9.54 -10.41 -13.26
CA GLU A 58 8.43 -9.72 -12.62
C GLU A 58 7.26 -10.68 -12.35
N TYR A 59 7.33 -11.92 -12.86
CA TYR A 59 6.33 -12.96 -12.57
C TYR A 59 6.72 -13.50 -11.21
N TRP A 60 8.03 -13.77 -11.05
CA TRP A 60 8.64 -14.27 -9.85
C TRP A 60 8.46 -13.32 -8.70
N GLU A 61 8.41 -12.01 -8.99
CA GLU A 61 8.18 -10.98 -7.98
C GLU A 61 6.77 -11.04 -7.48
N ARG A 62 5.80 -11.14 -8.40
CA ARG A 62 4.36 -11.25 -8.11
C ARG A 62 4.09 -12.45 -7.19
N GLU A 63 4.67 -13.63 -7.54
CA GLU A 63 4.59 -14.91 -6.84
C GLU A 63 5.26 -14.86 -5.45
N THR A 64 6.50 -14.31 -5.36
CA THR A 64 7.27 -14.22 -4.12
C THR A 64 6.53 -13.43 -3.05
N GLN A 65 5.78 -12.41 -3.46
CA GLN A 65 4.99 -11.58 -2.56
C GLN A 65 3.91 -12.45 -1.95
N LYS A 66 3.25 -13.27 -2.79
CA LYS A 66 2.20 -14.22 -2.40
C LYS A 66 2.70 -15.18 -1.29
N ALA A 67 3.95 -15.70 -1.44
CA ALA A 67 4.60 -16.60 -0.46
C ALA A 67 4.77 -15.90 0.85
N LYS A 68 5.06 -14.58 0.81
CA LYS A 68 5.27 -13.75 1.99
C LYS A 68 4.00 -13.55 2.82
N GLY A 69 2.85 -13.46 2.16
CA GLY A 69 1.55 -13.34 2.81
C GLY A 69 1.08 -14.67 3.38
N GLN A 70 1.42 -15.77 2.67
CA GLN A 70 1.10 -17.14 3.08
C GLN A 70 1.82 -17.48 4.36
N GLU A 71 3.10 -17.05 4.49
CA GLU A 71 3.95 -17.25 5.67
C GLU A 71 3.23 -16.74 6.92
N GLN A 72 2.47 -15.64 6.75
CA GLN A 72 1.71 -14.99 7.81
C GLN A 72 0.37 -15.62 7.97
N TRP A 73 -0.15 -16.25 6.91
CA TRP A 73 -1.45 -16.92 7.00
C TRP A 73 -1.21 -18.13 7.90
N PHE A 74 -0.12 -18.87 7.60
CA PHE A 74 0.28 -20.09 8.29
C PHE A 74 0.65 -19.89 9.75
N ARG A 75 1.48 -18.86 10.05
CA ARG A 75 1.92 -18.48 11.38
C ARG A 75 0.73 -18.22 12.33
N VAL A 76 -0.30 -17.53 11.83
CA VAL A 76 -1.51 -17.21 12.58
C VAL A 76 -2.39 -18.45 12.68
N SER A 77 -2.48 -19.23 11.57
CA SER A 77 -3.27 -20.46 11.52
C SER A 77 -2.68 -21.51 12.48
N LEU A 78 -1.34 -21.60 12.60
CA LEU A 78 -0.63 -22.51 13.51
C LEU A 78 -0.91 -22.18 14.97
N ARG A 79 -0.89 -20.88 15.31
CA ARG A 79 -1.12 -20.35 16.65
C ARG A 79 -2.50 -20.70 17.17
N ASN A 80 -3.50 -20.62 16.29
CA ASN A 80 -4.88 -20.85 16.65
C ASN A 80 -5.20 -22.28 16.90
N LEU A 81 -4.66 -23.22 16.08
CA LEU A 81 -4.90 -24.66 16.25
C LEU A 81 -4.22 -25.16 17.55
N LEU A 82 -3.08 -24.53 17.89
CA LEU A 82 -2.28 -24.79 19.09
C LEU A 82 -3.20 -24.54 20.26
N GLY A 83 -4.04 -23.54 20.13
CA GLY A 83 -5.05 -23.22 21.13
C GLY A 83 -6.27 -24.12 21.07
N TYR A 84 -6.75 -24.49 19.84
CA TYR A 84 -7.94 -25.34 19.65
C TYR A 84 -7.72 -26.71 20.23
N TYR A 85 -6.49 -27.26 20.03
CA TYR A 85 -6.03 -28.58 20.44
C TYR A 85 -5.25 -28.61 21.74
N ASN A 86 -5.23 -27.46 22.49
CA ASN A 86 -4.55 -27.25 23.79
C ASN A 86 -3.14 -27.84 23.78
N GLN A 87 -2.31 -27.30 22.86
CA GLN A 87 -0.92 -27.74 22.64
C GLN A 87 0.09 -26.70 23.11
N SER A 88 1.38 -27.09 23.16
CA SER A 88 2.51 -26.27 23.55
C SER A 88 3.38 -25.91 22.35
N ALA A 89 3.91 -24.68 22.32
CA ALA A 89 4.80 -24.25 21.24
C ALA A 89 6.23 -24.73 21.53
N GLY A 90 6.42 -25.49 22.61
CA GLY A 90 7.72 -26.07 22.96
C GLY A 90 8.11 -27.13 21.97
N GLY A 91 7.12 -27.57 21.20
CA GLY A 91 7.27 -28.55 20.15
C GLY A 91 6.81 -28.03 18.81
N SER A 92 7.33 -28.62 17.76
CA SER A 92 7.02 -28.30 16.37
C SER A 92 5.65 -28.79 15.97
N HIS A 93 4.98 -28.05 15.08
CA HIS A 93 3.66 -28.45 14.57
C HIS A 93 3.59 -28.26 13.07
N THR A 94 2.72 -29.05 12.39
CA THR A 94 2.59 -29.09 10.95
C THR A 94 1.19 -28.78 10.41
N LEU A 95 1.13 -27.73 9.59
CA LEU A 95 -0.04 -27.32 8.84
C LEU A 95 0.35 -27.49 7.37
N GLN A 96 -0.48 -28.25 6.63
CA GLN A 96 -0.32 -28.57 5.21
C GLN A 96 -1.55 -28.21 4.40
N GLN A 97 -1.33 -27.74 3.16
CA GLN A 97 -2.39 -27.42 2.22
C GLN A 97 -2.16 -28.06 0.82
N MET A 98 -3.23 -28.46 0.15
CA MET A 98 -3.14 -28.94 -1.22
C MET A 98 -4.25 -28.25 -1.95
N SER A 99 -3.92 -27.45 -2.94
CA SER A 99 -4.94 -26.77 -3.73
C SER A 99 -4.54 -26.73 -5.18
N GLY A 100 -5.54 -26.62 -6.05
CA GLY A 100 -5.39 -26.64 -7.49
C GLY A 100 -6.62 -27.11 -8.24
N CYS A 101 -6.43 -27.56 -9.48
CA CYS A 101 -7.53 -27.99 -10.36
C CYS A 101 -7.14 -29.13 -11.29
N ASP A 102 -8.14 -29.81 -11.83
CA ASP A 102 -7.99 -30.90 -12.78
C ASP A 102 -8.70 -30.52 -14.07
N LEU A 103 -8.11 -30.91 -15.23
CA LEU A 103 -8.67 -30.61 -16.57
C LEU A 103 -8.83 -31.82 -17.45
N GLY A 104 -9.87 -31.85 -18.26
CA GLY A 104 -10.07 -32.96 -19.22
C GLY A 104 -9.03 -32.96 -20.33
N SER A 105 -9.19 -33.87 -21.32
CA SER A 105 -8.34 -33.99 -22.52
C SER A 105 -8.45 -32.70 -23.38
N ASP A 106 -9.69 -32.08 -23.35
CA ASP A 106 -10.13 -30.86 -24.05
C ASP A 106 -9.76 -29.58 -23.30
N TRP A 107 -8.95 -29.70 -22.22
CA TRP A 107 -8.46 -28.62 -21.36
C TRP A 107 -9.57 -27.89 -20.58
N ARG A 108 -10.74 -28.53 -20.46
CA ARG A 108 -11.89 -27.98 -19.74
C ARG A 108 -11.87 -28.45 -18.26
N LEU A 109 -12.36 -27.56 -17.36
CA LEU A 109 -12.43 -27.79 -15.91
C LEU A 109 -13.26 -29.01 -15.54
N LEU A 110 -12.64 -29.93 -14.77
CA LEU A 110 -13.26 -31.14 -14.25
C LEU A 110 -13.62 -30.86 -12.81
N ARG A 111 -12.61 -30.54 -11.96
CA ARG A 111 -12.82 -30.19 -10.54
C ARG A 111 -11.78 -29.24 -9.95
N GLY A 112 -12.20 -28.56 -8.89
CA GLY A 112 -11.39 -27.69 -8.04
C GLY A 112 -10.97 -28.53 -6.86
N TYR A 113 -9.90 -28.15 -6.19
CA TYR A 113 -9.36 -28.91 -5.08
C TYR A 113 -8.70 -28.00 -4.01
N LEU A 114 -9.14 -28.11 -2.74
CA LEU A 114 -8.56 -27.38 -1.61
C LEU A 114 -8.79 -28.21 -0.36
N GLN A 115 -7.67 -28.71 0.21
CA GLN A 115 -7.64 -29.53 1.41
C GLN A 115 -6.56 -29.06 2.35
N PHE A 116 -6.85 -29.16 3.66
CA PHE A 116 -5.95 -28.85 4.78
C PHE A 116 -5.80 -30.08 5.75
N ALA A 117 -4.59 -30.19 6.32
CA ALA A 117 -4.15 -31.21 7.27
C ALA A 117 -3.35 -30.58 8.43
N TYR A 118 -3.63 -31.04 9.65
CA TYR A 118 -2.91 -30.61 10.85
C TYR A 118 -2.31 -31.85 11.43
N GLU A 119 -0.97 -31.80 11.66
CA GLU A 119 -0.20 -32.91 12.19
C GLU A 119 -0.30 -34.12 11.25
N GLY A 120 -0.43 -33.82 9.95
CA GLY A 120 -0.51 -34.82 8.88
C GLY A 120 -1.80 -35.63 8.80
N ARG A 121 -2.87 -35.18 9.46
CA ARG A 121 -4.19 -35.83 9.46
C ARG A 121 -5.16 -34.80 8.91
N ASP A 122 -6.22 -35.21 8.17
CA ASP A 122 -7.17 -34.23 7.66
C ASP A 122 -7.69 -33.28 8.76
N TYR A 123 -7.90 -32.01 8.37
CA TYR A 123 -8.43 -30.98 9.25
C TYR A 123 -9.70 -30.43 8.61
N ILE A 124 -9.59 -29.85 7.40
CA ILE A 124 -10.73 -29.27 6.67
C ILE A 124 -10.57 -29.44 5.19
N ALA A 125 -11.66 -29.74 4.49
CA ALA A 125 -11.67 -29.93 3.05
C ALA A 125 -12.82 -29.17 2.49
N LEU A 126 -12.64 -28.63 1.27
CA LEU A 126 -13.69 -27.97 0.52
C LEU A 126 -14.25 -29.07 -0.34
N ASN A 127 -15.56 -29.29 -0.20
CA ASN A 127 -16.30 -30.32 -0.89
C ASN A 127 -16.31 -30.01 -2.37
N GLU A 128 -16.34 -31.06 -3.23
CA GLU A 128 -16.30 -30.90 -4.70
C GLU A 128 -17.23 -29.83 -5.24
N ASP A 129 -18.38 -29.59 -4.53
CA ASP A 129 -19.39 -28.56 -4.83
C ASP A 129 -18.82 -27.12 -4.80
N LEU A 130 -17.63 -26.93 -4.18
CA LEU A 130 -16.93 -25.67 -4.01
C LEU A 130 -17.71 -24.63 -3.21
N LYS A 131 -18.76 -25.11 -2.51
CA LYS A 131 -19.68 -24.34 -1.68
C LYS A 131 -19.53 -24.73 -0.18
N THR A 132 -19.78 -26.03 0.17
CA THR A 132 -19.71 -26.60 1.53
C THR A 132 -18.30 -27.06 2.00
N TRP A 133 -18.10 -27.13 3.35
CA TRP A 133 -16.85 -27.54 4.00
C TRP A 133 -17.05 -28.82 4.80
N THR A 134 -16.01 -29.66 4.88
CA THR A 134 -16.04 -30.87 5.72
C THR A 134 -14.96 -30.73 6.79
N ALA A 135 -15.39 -30.72 8.06
CA ALA A 135 -14.56 -30.66 9.26
C ALA A 135 -14.28 -32.10 9.71
N ALA A 136 -13.00 -32.41 9.99
CA ALA A 136 -12.54 -33.75 10.36
C ALA A 136 -12.88 -34.20 11.78
N ASP A 137 -12.90 -33.25 12.74
CA ASP A 137 -13.18 -33.50 14.16
C ASP A 137 -13.89 -32.29 14.73
N MET A 138 -14.05 -32.21 16.06
CA MET A 138 -14.73 -31.14 16.78
C MET A 138 -14.09 -29.76 16.64
N ALA A 139 -12.74 -29.71 16.62
CA ALA A 139 -11.92 -28.50 16.57
C ALA A 139 -12.00 -27.84 15.21
N ALA A 140 -12.12 -28.64 14.13
CA ALA A 140 -12.23 -28.14 12.76
C ALA A 140 -13.54 -27.43 12.53
N GLN A 141 -14.46 -27.45 13.55
CA GLN A 141 -15.76 -26.76 13.54
C GLN A 141 -15.63 -25.30 13.88
N ILE A 142 -14.61 -24.97 14.67
CA ILE A 142 -14.31 -23.57 14.99
C ILE A 142 -13.95 -22.93 13.64
N THR A 143 -13.19 -23.65 12.79
CA THR A 143 -12.76 -23.19 11.48
C THR A 143 -13.87 -23.30 10.43
N ARG A 144 -14.66 -24.40 10.40
CA ARG A 144 -15.77 -24.55 9.44
C ARG A 144 -16.79 -23.43 9.63
N ARG A 145 -17.17 -23.17 10.89
CA ARG A 145 -18.13 -22.13 11.25
C ARG A 145 -17.58 -20.73 10.96
N LYS A 146 -16.30 -20.53 11.28
CA LYS A 146 -15.58 -19.28 11.02
C LYS A 146 -15.63 -18.91 9.51
N TRP A 147 -15.39 -19.92 8.63
CA TRP A 147 -15.33 -19.85 7.17
C TRP A 147 -16.69 -19.81 6.47
N GLU A 148 -17.76 -20.00 7.21
CA GLU A 148 -19.08 -19.91 6.62
C GLU A 148 -19.62 -18.47 6.82
N GLN A 149 -19.32 -17.89 8.01
CA GLN A 149 -19.67 -16.52 8.42
C GLN A 149 -18.92 -15.53 7.55
N SER A 150 -17.66 -15.84 7.20
CA SER A 150 -16.82 -14.99 6.36
C SER A 150 -16.94 -15.26 4.83
N GLY A 151 -17.62 -16.36 4.45
CA GLY A 151 -17.80 -16.76 3.05
C GLY A 151 -16.50 -17.04 2.30
N ALA A 152 -15.56 -17.75 2.95
CA ALA A 152 -14.24 -18.06 2.39
C ALA A 152 -14.28 -18.90 1.14
N ALA A 153 -15.25 -19.84 1.06
CA ALA A 153 -15.41 -20.76 -0.07
C ALA A 153 -15.51 -20.01 -1.38
N GLU A 154 -16.40 -18.97 -1.45
CA GLU A 154 -16.63 -18.06 -2.59
C GLU A 154 -15.31 -17.57 -3.18
N HIS A 155 -14.42 -17.02 -2.34
CA HIS A 155 -13.09 -16.56 -2.71
C HIS A 155 -12.31 -17.65 -3.49
N TYR A 156 -12.32 -18.91 -2.97
CA TYR A 156 -11.61 -20.06 -3.54
C TYR A 156 -12.23 -20.57 -4.83
N LYS A 157 -13.58 -20.76 -4.85
CA LYS A 157 -14.34 -21.23 -6.02
C LYS A 157 -13.98 -20.33 -7.21
N ALA A 158 -13.99 -19.01 -6.97
CA ALA A 158 -13.61 -18.00 -7.94
C ALA A 158 -12.25 -18.34 -8.60
N TYR A 159 -11.16 -18.46 -7.80
CA TYR A 159 -9.81 -18.77 -8.30
C TYR A 159 -9.68 -20.16 -8.94
N LEU A 160 -10.18 -21.19 -8.23
CA LEU A 160 -10.09 -22.58 -8.66
C LEU A 160 -10.75 -22.87 -10.00
N GLU A 161 -11.78 -22.09 -10.34
CA GLU A 161 -12.56 -22.19 -11.58
C GLU A 161 -12.15 -21.10 -12.60
N GLY A 162 -11.35 -20.14 -12.17
CA GLY A 162 -10.97 -19.01 -13.02
C GLY A 162 -9.51 -19.02 -13.31
N GLU A 163 -8.72 -18.31 -12.48
CA GLU A 163 -7.27 -18.11 -12.60
C GLU A 163 -6.44 -19.37 -12.65
N CYS A 164 -6.81 -20.40 -11.87
CA CYS A 164 -6.10 -21.69 -11.81
C CYS A 164 -6.09 -22.36 -13.17
N VAL A 165 -7.28 -22.36 -13.79
CA VAL A 165 -7.58 -22.92 -15.11
C VAL A 165 -6.68 -22.18 -16.14
N GLU A 166 -6.72 -20.83 -16.14
CA GLU A 166 -6.00 -19.91 -17.02
C GLU A 166 -4.54 -20.18 -17.00
N TRP A 167 -3.94 -20.12 -15.83
CA TRP A 167 -2.51 -20.33 -15.68
C TRP A 167 -1.97 -21.68 -16.20
N LEU A 168 -2.73 -22.78 -16.00
CA LEU A 168 -2.33 -24.12 -16.42
C LEU A 168 -2.36 -24.25 -17.92
N HIS A 169 -3.32 -23.58 -18.60
CA HIS A 169 -3.44 -23.52 -20.06
C HIS A 169 -2.14 -22.94 -20.64
N ARG A 170 -1.59 -21.90 -19.96
CA ARG A 170 -0.34 -21.20 -20.25
C ARG A 170 0.86 -22.14 -20.00
N TYR A 171 0.88 -22.83 -18.84
CA TYR A 171 1.96 -23.75 -18.49
C TYR A 171 1.99 -24.98 -19.42
N LEU A 172 0.80 -25.49 -19.80
CA LEU A 172 0.70 -26.63 -20.69
C LEU A 172 1.08 -26.27 -22.12
N LYS A 173 1.01 -24.97 -22.46
CA LYS A 173 1.39 -24.41 -23.76
C LYS A 173 2.93 -24.24 -23.77
N ASN A 174 3.47 -23.47 -22.81
CA ASN A 174 4.91 -23.21 -22.70
C ASN A 174 5.81 -24.48 -22.48
N GLY A 175 5.24 -25.56 -21.94
CA GLY A 175 6.00 -26.77 -21.66
C GLY A 175 5.62 -28.05 -22.36
N ASN A 176 4.57 -28.02 -23.21
CA ASN A 176 4.00 -29.15 -23.97
C ASN A 176 4.94 -30.27 -24.43
N ALA A 177 6.07 -29.94 -25.07
CA ALA A 177 7.02 -30.96 -25.54
C ALA A 177 7.42 -31.86 -24.38
N THR A 178 7.81 -31.23 -23.24
CA THR A 178 8.24 -31.86 -22.00
C THR A 178 7.08 -32.57 -21.31
N LEU A 179 5.90 -31.92 -21.24
CA LEU A 179 4.70 -32.45 -20.59
C LEU A 179 3.99 -33.60 -21.30
N LEU A 180 3.97 -33.62 -22.65
CA LEU A 180 3.34 -34.70 -23.45
C LEU A 180 4.32 -35.88 -23.68
N ARG A 181 5.57 -35.74 -23.18
CA ARG A 181 6.58 -36.78 -23.31
C ARG A 181 6.36 -37.89 -22.33
N THR A 182 6.60 -39.12 -22.82
CA THR A 182 6.53 -40.38 -22.09
C THR A 182 7.81 -41.18 -22.34
N ASP A 183 8.18 -42.04 -21.38
CA ASP A 183 9.34 -42.91 -21.51
C ASP A 183 8.94 -44.37 -21.37
N SER A 184 9.37 -45.16 -22.32
CA SER A 184 8.97 -46.55 -22.34
C SER A 184 9.77 -47.36 -21.36
N PRO A 185 9.09 -48.24 -20.58
CA PRO A 185 9.86 -49.15 -19.71
C PRO A 185 10.73 -50.11 -20.53
N LYS A 186 11.86 -50.55 -19.92
CA LYS A 186 12.80 -51.46 -20.56
C LYS A 186 12.97 -52.68 -19.68
N ALA A 187 12.13 -53.70 -19.95
CA ALA A 187 12.00 -54.96 -19.22
C ALA A 187 13.03 -56.07 -19.48
N HIS A 188 13.12 -57.01 -18.51
CA HIS A 188 13.98 -58.19 -18.47
C HIS A 188 13.64 -59.03 -17.25
N VAL A 189 13.83 -60.36 -17.34
CA VAL A 189 13.58 -61.25 -16.23
C VAL A 189 14.92 -61.74 -15.69
N THR A 190 15.05 -61.78 -14.35
CA THR A 190 16.23 -62.26 -13.64
C THR A 190 15.86 -63.57 -12.96
N HIS A 191 16.81 -64.51 -12.93
CA HIS A 191 16.65 -65.85 -12.41
C HIS A 191 17.34 -66.00 -11.07
N HIS A 192 16.59 -66.43 -10.05
CA HIS A 192 17.14 -66.58 -8.71
C HIS A 192 16.94 -67.99 -8.14
N PRO A 193 17.95 -68.87 -8.30
CA PRO A 193 17.81 -70.24 -7.77
C PRO A 193 17.78 -70.26 -6.25
N ARG A 194 16.91 -71.13 -5.71
CA ARG A 194 16.72 -71.26 -4.26
C ARG A 194 16.50 -72.70 -3.77
N SER A 195 16.21 -72.87 -2.47
CA SER A 195 16.02 -74.16 -1.83
C SER A 195 14.65 -74.75 -2.14
N LYS A 196 14.47 -76.07 -1.77
CA LYS A 196 13.26 -76.92 -1.91
C LYS A 196 12.86 -77.20 -3.37
N GLY A 197 13.82 -77.05 -4.30
CA GLY A 197 13.61 -77.24 -5.73
C GLY A 197 12.71 -76.17 -6.33
N GLU A 198 12.88 -74.92 -5.82
CA GLU A 198 12.13 -73.71 -6.16
C GLU A 198 13.06 -72.62 -6.74
N VAL A 199 12.45 -71.60 -7.39
CA VAL A 199 13.15 -70.49 -8.07
C VAL A 199 12.30 -69.20 -8.04
N THR A 200 12.97 -68.02 -7.94
CA THR A 200 12.33 -66.71 -7.97
C THR A 200 12.54 -66.09 -9.38
N LEU A 201 11.43 -65.74 -10.04
CA LEU A 201 11.48 -65.12 -11.36
C LEU A 201 11.03 -63.69 -11.19
N ARG A 202 11.97 -62.76 -11.28
CA ARG A 202 11.80 -61.33 -11.07
C ARG A 202 11.84 -60.57 -12.38
N CYS A 203 10.68 -60.09 -12.81
CA CYS A 203 10.57 -59.30 -14.03
C CYS A 203 10.66 -57.79 -13.65
N TRP A 204 11.71 -57.12 -14.19
CA TRP A 204 12.05 -55.71 -13.96
C TRP A 204 11.47 -54.84 -15.05
N ALA A 205 11.28 -53.55 -14.77
CA ALA A 205 10.80 -52.54 -15.71
C ALA A 205 11.55 -51.28 -15.28
N LEU A 206 12.34 -50.69 -16.20
CA LEU A 206 13.23 -49.58 -15.90
C LEU A 206 13.15 -48.39 -16.84
N GLY A 207 13.50 -47.24 -16.27
CA GLY A 207 13.56 -45.94 -16.94
C GLY A 207 12.32 -45.57 -17.71
N PHE A 208 11.19 -45.46 -17.01
CA PHE A 208 9.92 -45.15 -17.62
C PHE A 208 9.24 -43.92 -17.00
N TYR A 209 8.48 -43.18 -17.82
CA TYR A 209 7.73 -42.02 -17.35
C TYR A 209 6.40 -41.89 -18.12
N PRO A 210 5.22 -41.60 -17.51
CA PRO A 210 4.91 -41.38 -16.07
C PRO A 210 5.02 -42.64 -15.22
N ALA A 211 4.92 -42.47 -13.86
CA ALA A 211 5.05 -43.51 -12.82
C ALA A 211 4.07 -44.68 -12.90
N ASP A 212 2.90 -44.50 -13.53
CA ASP A 212 1.90 -45.57 -13.59
C ASP A 212 2.31 -46.65 -14.55
N ILE A 213 2.37 -47.88 -14.05
CA ILE A 213 2.75 -49.08 -14.79
C ILE A 213 2.01 -50.27 -14.19
N THR A 214 1.77 -51.30 -15.01
CA THR A 214 1.13 -52.50 -14.51
C THR A 214 1.99 -53.65 -14.95
N LEU A 215 2.50 -54.43 -13.98
CA LEU A 215 3.31 -55.62 -14.22
C LEU A 215 2.49 -56.80 -13.73
N THR A 216 2.26 -57.78 -14.59
CA THR A 216 1.52 -58.97 -14.19
C THR A 216 2.27 -60.22 -14.64
N TRP A 217 2.18 -61.32 -13.85
CA TRP A 217 2.79 -62.61 -14.18
C TRP A 217 1.65 -63.58 -14.55
N GLN A 218 1.87 -64.45 -15.56
CA GLN A 218 0.85 -65.38 -16.02
C GLN A 218 1.33 -66.81 -16.37
N LEU A 219 0.64 -67.83 -15.79
CA LEU A 219 0.87 -69.27 -16.00
C LEU A 219 0.05 -69.76 -17.22
N ASN A 220 0.65 -69.73 -18.43
CA ASN A 220 0.03 -70.16 -19.69
C ASN A 220 -1.31 -69.43 -19.98
N GLY A 221 -1.30 -68.10 -19.88
CA GLY A 221 -2.48 -67.27 -20.14
C GLY A 221 -3.32 -66.92 -18.93
N GLU A 222 -3.16 -67.68 -17.82
CA GLU A 222 -3.87 -67.49 -16.56
C GLU A 222 -3.04 -66.63 -15.58
N GLU A 223 -3.65 -65.60 -14.98
CA GLU A 223 -2.97 -64.66 -14.08
C GLU A 223 -2.70 -65.19 -12.67
N LEU A 224 -1.54 -64.80 -12.10
CA LEU A 224 -1.14 -65.14 -10.73
C LEU A 224 -1.35 -63.93 -9.80
N THR A 225 -2.63 -63.62 -9.47
CA THR A 225 -3.02 -62.53 -8.57
C THR A 225 -2.35 -62.75 -7.18
N GLN A 226 -2.49 -64.00 -6.67
CA GLN A 226 -1.96 -64.50 -5.39
C GLN A 226 -0.48 -64.86 -5.43
N ASP A 227 0.19 -64.64 -4.29
CA ASP A 227 1.60 -64.94 -4.04
C ASP A 227 2.59 -64.40 -5.11
N MET A 228 2.32 -63.18 -5.58
CA MET A 228 3.15 -62.48 -6.52
C MET A 228 3.69 -61.24 -5.80
N GLU A 229 4.96 -61.30 -5.39
CA GLU A 229 5.66 -60.21 -4.69
C GLU A 229 5.90 -59.02 -5.62
N LEU A 230 5.73 -57.82 -5.10
CA LEU A 230 5.90 -56.56 -5.79
C LEU A 230 6.92 -55.70 -5.06
N VAL A 231 7.04 -54.44 -5.49
CA VAL A 231 7.87 -53.38 -4.94
C VAL A 231 7.16 -52.06 -5.31
N GLU A 232 7.24 -51.07 -4.42
CA GLU A 232 6.61 -49.77 -4.65
C GLU A 232 7.38 -49.04 -5.77
N THR A 233 6.66 -48.33 -6.66
CA THR A 233 7.31 -47.61 -7.75
C THR A 233 8.29 -46.58 -7.20
N ARG A 234 9.57 -46.84 -7.48
CA ARG A 234 10.67 -46.03 -6.97
C ARG A 234 11.33 -45.17 -8.04
N PRO A 235 11.70 -43.93 -7.70
CA PRO A 235 12.38 -43.08 -8.67
C PRO A 235 13.84 -43.51 -8.90
N ALA A 236 14.27 -43.52 -10.17
CA ALA A 236 15.64 -43.82 -10.55
C ALA A 236 16.53 -42.60 -10.23
N GLY A 237 15.99 -41.40 -10.26
CA GLY A 237 16.78 -40.22 -9.96
C GLY A 237 17.07 -39.36 -11.17
N ASP A 238 16.89 -39.95 -12.38
CA ASP A 238 17.06 -39.32 -13.70
C ASP A 238 15.71 -38.76 -14.26
N GLY A 239 14.68 -38.78 -13.43
CA GLY A 239 13.35 -38.29 -13.74
C GLY A 239 12.42 -39.41 -14.17
N THR A 240 12.99 -40.64 -14.25
CA THR A 240 12.26 -41.86 -14.63
C THR A 240 12.13 -42.89 -13.48
N PHE A 241 11.17 -43.83 -13.60
CA PHE A 241 10.90 -44.80 -12.55
C PHE A 241 11.34 -46.23 -12.81
N GLN A 242 11.33 -47.03 -11.74
CA GLN A 242 11.64 -48.44 -11.68
C GLN A 242 10.51 -49.09 -10.89
N LYS A 243 10.35 -50.41 -11.07
CA LYS A 243 9.40 -51.30 -10.41
C LYS A 243 9.70 -52.70 -10.91
N TRP A 244 9.51 -53.72 -10.07
CA TRP A 244 9.69 -55.12 -10.44
C TRP A 244 8.62 -56.03 -9.82
N ALA A 245 8.42 -57.21 -10.39
CA ALA A 245 7.46 -58.19 -9.89
C ALA A 245 8.08 -59.58 -9.92
N SER A 246 8.05 -60.26 -8.79
CA SER A 246 8.59 -61.59 -8.59
C SER A 246 7.46 -62.61 -8.35
N VAL A 247 7.77 -63.92 -8.49
CA VAL A 247 6.86 -65.05 -8.28
C VAL A 247 7.71 -66.31 -8.05
N VAL A 248 7.45 -67.06 -6.95
CA VAL A 248 8.19 -68.29 -6.70
C VAL A 248 7.65 -69.41 -7.57
N VAL A 249 8.48 -69.87 -8.50
CA VAL A 249 8.08 -70.87 -9.48
C VAL A 249 9.00 -72.09 -9.50
N PRO A 250 8.47 -73.34 -9.52
CA PRO A 250 9.35 -74.51 -9.55
C PRO A 250 10.23 -74.60 -10.81
N LEU A 251 11.43 -75.16 -10.63
CA LEU A 251 12.51 -75.36 -11.62
C LEU A 251 12.13 -76.16 -12.89
N GLY A 252 12.62 -75.68 -14.05
CA GLY A 252 12.38 -76.25 -15.37
C GLY A 252 11.14 -75.66 -16.02
N LYS A 253 10.10 -75.44 -15.18
CA LYS A 253 8.79 -74.87 -15.52
C LYS A 253 8.88 -73.36 -15.87
N GLU A 254 10.12 -72.84 -16.08
CA GLU A 254 10.43 -71.44 -16.43
C GLU A 254 9.55 -70.88 -17.55
N GLN A 255 9.51 -71.57 -18.71
CA GLN A 255 8.77 -71.17 -19.89
C GLN A 255 7.22 -71.22 -19.82
N ASN A 256 6.65 -71.70 -18.70
CA ASN A 256 5.20 -71.75 -18.47
C ASN A 256 4.70 -70.39 -18.03
N TYR A 257 5.56 -69.66 -17.30
CA TYR A 257 5.32 -68.35 -16.71
C TYR A 257 5.72 -67.21 -17.65
N THR A 258 4.75 -66.32 -17.96
CA THR A 258 4.94 -65.17 -18.86
C THR A 258 4.76 -63.85 -18.14
N CYS A 259 5.51 -62.84 -18.56
CA CYS A 259 5.40 -61.55 -17.90
C CYS A 259 4.94 -60.45 -18.83
N ARG A 260 3.92 -59.68 -18.39
CA ARG A 260 3.35 -58.57 -19.16
C ARG A 260 3.53 -57.24 -18.47
N VAL A 261 3.86 -56.22 -19.26
CA VAL A 261 4.11 -54.86 -18.80
C VAL A 261 3.19 -53.93 -19.60
N TYR A 262 2.42 -53.07 -18.90
CA TYR A 262 1.52 -52.12 -19.55
C TYR A 262 1.89 -50.72 -19.13
N HIS A 263 1.85 -49.76 -20.08
CA HIS A 263 2.26 -48.39 -19.85
C HIS A 263 1.88 -47.51 -21.05
N GLU A 264 1.31 -46.33 -20.78
CA GLU A 264 0.90 -45.29 -21.74
C GLU A 264 1.90 -45.11 -22.91
N GLY A 265 3.19 -45.08 -22.59
CA GLY A 265 4.25 -44.86 -23.56
C GLY A 265 4.83 -46.16 -24.05
N LEU A 266 4.00 -46.96 -24.70
CA LEU A 266 4.44 -48.24 -25.22
C LEU A 266 3.78 -48.48 -26.58
N PRO A 267 4.61 -48.91 -27.59
CA PRO A 267 4.06 -49.22 -28.93
C PRO A 267 3.13 -50.45 -28.91
N GLU A 268 2.99 -51.06 -27.72
CA GLU A 268 2.14 -52.20 -27.37
C GLU A 268 2.54 -52.81 -26.02
N PRO A 269 1.60 -53.50 -25.32
CA PRO A 269 1.98 -54.18 -24.06
C PRO A 269 3.18 -55.10 -24.27
N LEU A 270 4.19 -55.00 -23.38
CA LEU A 270 5.36 -55.88 -23.44
C LEU A 270 4.95 -57.27 -22.97
N THR A 271 5.49 -58.27 -23.62
CA THR A 271 5.32 -59.67 -23.27
C THR A 271 6.72 -60.24 -23.30
N LEU A 272 7.11 -60.98 -22.23
CA LEU A 272 8.47 -61.51 -22.11
C LEU A 272 8.60 -62.66 -21.14
N ARG A 273 9.68 -63.45 -21.35
CA ARG A 273 10.05 -64.63 -20.56
C ARG A 273 11.55 -64.64 -20.24
N TRP A 274 11.97 -65.56 -19.37
CA TRP A 274 13.38 -65.77 -19.00
C TRP A 274 14.20 -66.29 -20.24
N GLU A 275 15.18 -65.45 -20.70
CA GLU A 275 16.07 -65.57 -21.89
C GLU A 275 15.33 -65.18 -23.18
N LYS B 3 3.59 -41.29 11.64
CA LYS B 3 3.73 -42.15 10.45
C LYS B 3 5.16 -42.69 10.27
N THR B 4 5.29 -44.07 10.22
CA THR B 4 6.56 -44.83 10.13
C THR B 4 7.20 -44.96 8.73
N PRO B 5 8.47 -44.49 8.62
CA PRO B 5 9.18 -44.54 7.33
C PRO B 5 9.34 -45.90 6.65
N GLN B 6 9.17 -45.89 5.32
CA GLN B 6 9.35 -47.03 4.41
C GLN B 6 10.57 -46.71 3.54
N ILE B 7 11.57 -47.58 3.51
CA ILE B 7 12.84 -47.40 2.80
C ILE B 7 13.08 -48.44 1.72
N GLN B 8 13.62 -48.00 0.58
CA GLN B 8 14.13 -48.86 -0.50
C GLN B 8 15.56 -48.40 -0.75
N VAL B 9 16.51 -49.36 -0.80
CA VAL B 9 17.91 -49.08 -1.14
C VAL B 9 18.14 -49.78 -2.49
N TYR B 10 18.44 -49.00 -3.52
CA TYR B 10 18.56 -49.53 -4.88
C TYR B 10 19.47 -48.66 -5.73
N SER B 11 20.17 -49.29 -6.70
CA SER B 11 21.08 -48.59 -7.63
C SER B 11 20.25 -47.95 -8.75
N ARG B 12 20.73 -46.85 -9.35
CA ARG B 12 20.01 -46.19 -10.44
C ARG B 12 19.94 -47.07 -11.74
N HIS B 13 21.05 -47.76 -12.09
CA HIS B 13 21.09 -48.62 -13.28
C HIS B 13 21.38 -50.05 -12.86
N PRO B 14 21.17 -51.09 -13.74
CA PRO B 14 21.50 -52.47 -13.35
C PRO B 14 22.95 -52.62 -12.90
N PRO B 15 23.16 -53.27 -11.74
CA PRO B 15 24.53 -53.36 -11.20
C PRO B 15 25.54 -54.19 -11.98
N GLU B 16 26.67 -53.55 -12.27
CA GLU B 16 27.78 -54.16 -12.97
C GLU B 16 29.02 -53.78 -12.18
N ASN B 17 29.67 -54.78 -11.53
CA ASN B 17 30.87 -54.60 -10.69
C ASN B 17 31.92 -53.75 -11.43
N GLY B 18 32.44 -52.73 -10.74
CA GLY B 18 33.40 -51.80 -11.32
C GLY B 18 32.79 -50.70 -12.18
N LYS B 19 31.59 -50.93 -12.76
CA LYS B 19 30.93 -49.95 -13.61
C LYS B 19 30.29 -48.82 -12.76
N PRO B 20 30.81 -47.56 -12.82
CA PRO B 20 30.24 -46.45 -12.03
C PRO B 20 28.72 -46.30 -12.12
N ASN B 21 28.09 -46.06 -10.96
CA ASN B 21 26.64 -45.98 -10.78
C ASN B 21 26.29 -44.89 -9.75
N ILE B 22 24.99 -44.81 -9.39
CA ILE B 22 24.43 -43.96 -8.35
C ILE B 22 23.61 -44.90 -7.48
N LEU B 23 23.73 -44.78 -6.15
CA LEU B 23 22.94 -45.56 -5.19
C LEU B 23 21.89 -44.68 -4.62
N ASN B 24 20.62 -45.13 -4.67
CA ASN B 24 19.48 -44.36 -4.15
C ASN B 24 18.89 -44.95 -2.87
N CYS B 25 18.49 -44.06 -1.95
CA CYS B 25 17.79 -44.38 -0.71
C CYS B 25 16.48 -43.63 -0.65
N TYR B 26 15.41 -44.30 -1.04
CA TYR B 26 14.07 -43.76 -1.15
C TYR B 26 13.33 -43.92 0.20
N VAL B 27 13.10 -42.80 0.91
CA VAL B 27 12.42 -42.78 2.20
C VAL B 27 11.06 -42.11 2.07
N THR B 28 9.99 -42.86 2.40
CA THR B 28 8.59 -42.40 2.25
C THR B 28 7.71 -42.65 3.46
N GLN B 29 6.45 -42.20 3.35
CA GLN B 29 5.41 -42.47 4.35
C GLN B 29 5.74 -42.02 5.75
N PHE B 30 6.46 -40.90 5.88
CA PHE B 30 6.86 -40.38 7.20
C PHE B 30 6.23 -39.02 7.55
N HIS B 31 6.02 -38.84 8.85
CA HIS B 31 5.47 -37.66 9.45
C HIS B 31 5.93 -37.64 10.92
N PRO B 32 6.50 -36.53 11.43
CA PRO B 32 6.73 -35.23 10.78
C PRO B 32 7.93 -35.22 9.81
N PRO B 33 8.08 -34.13 9.02
CA PRO B 33 9.20 -34.05 8.06
C PRO B 33 10.62 -34.16 8.62
N HIS B 34 10.87 -33.89 9.92
CA HIS B 34 12.23 -34.03 10.42
C HIS B 34 12.64 -35.48 10.46
N ILE B 35 13.66 -35.81 9.67
CA ILE B 35 14.27 -37.15 9.49
C ILE B 35 15.80 -36.99 9.37
N GLU B 36 16.53 -38.07 9.58
CA GLU B 36 17.96 -38.08 9.50
C GLU B 36 18.37 -39.29 8.71
N ILE B 37 18.84 -39.09 7.48
CA ILE B 37 19.29 -40.16 6.58
C ILE B 37 20.78 -40.17 6.39
N GLN B 38 21.37 -41.36 6.56
CA GLN B 38 22.79 -41.63 6.38
C GLN B 38 23.01 -42.83 5.42
N MET B 39 23.93 -42.68 4.47
CA MET B 39 24.28 -43.77 3.56
C MET B 39 25.62 -44.26 4.02
N LEU B 40 25.79 -45.57 4.03
CA LEU B 40 27.02 -46.22 4.51
C LEU B 40 27.65 -47.14 3.47
N LYS B 41 29.01 -47.22 3.47
CA LYS B 41 29.87 -48.12 2.69
C LYS B 41 30.59 -48.87 3.77
N ASN B 42 30.44 -50.21 3.78
CA ASN B 42 31.03 -51.12 4.78
C ASN B 42 30.89 -50.54 6.19
N GLY B 43 29.64 -50.34 6.61
CA GLY B 43 29.27 -49.77 7.91
C GLY B 43 29.82 -48.39 8.24
N LYS B 44 30.34 -47.64 7.23
CA LYS B 44 30.91 -46.32 7.47
C LYS B 44 30.30 -45.19 6.65
N LYS B 45 29.76 -44.17 7.33
CA LYS B 45 29.12 -42.98 6.78
C LYS B 45 29.80 -42.37 5.55
N ILE B 46 29.12 -42.48 4.39
CA ILE B 46 29.58 -41.95 3.10
C ILE B 46 29.47 -40.42 3.06
N PRO B 47 30.60 -39.68 2.91
CA PRO B 47 30.50 -38.20 2.75
C PRO B 47 30.05 -37.90 1.32
N LYS B 48 29.55 -36.68 1.07
CA LYS B 48 29.06 -36.25 -0.27
C LYS B 48 27.75 -37.01 -0.68
N VAL B 49 26.72 -36.90 0.18
CA VAL B 49 25.42 -37.52 -0.10
C VAL B 49 24.49 -36.38 -0.49
N GLU B 50 23.81 -36.55 -1.62
CA GLU B 50 22.87 -35.55 -2.11
C GLU B 50 21.47 -35.87 -1.55
N MET B 51 20.68 -34.81 -1.26
CA MET B 51 19.34 -34.92 -0.70
C MET B 51 18.38 -34.17 -1.56
N SER B 52 17.20 -34.77 -1.81
CA SER B 52 16.15 -34.13 -2.59
C SER B 52 15.44 -33.11 -1.69
N ASP B 53 14.79 -32.13 -2.31
CA ASP B 53 14.09 -31.15 -1.51
C ASP B 53 12.82 -31.77 -0.95
N MET B 54 12.47 -31.35 0.27
CA MET B 54 11.31 -31.85 1.01
C MET B 54 10.04 -31.68 0.21
N SER B 55 9.46 -32.83 -0.18
CA SER B 55 8.17 -32.93 -0.87
C SER B 55 7.23 -33.83 -0.03
N PHE B 56 5.90 -33.68 -0.24
CA PHE B 56 4.87 -34.49 0.43
C PHE B 56 3.87 -35.07 -0.56
N SER B 57 3.13 -36.12 -0.16
CA SER B 57 2.17 -36.88 -1.01
C SER B 57 0.73 -36.60 -0.75
N LYS B 58 -0.18 -37.10 -1.60
CA LYS B 58 -1.64 -36.94 -1.45
C LYS B 58 -2.13 -37.33 -0.04
N ASP B 59 -1.54 -38.40 0.57
CA ASP B 59 -1.84 -38.85 1.94
C ASP B 59 -1.15 -38.03 3.04
N TRP B 60 -0.60 -36.84 2.67
CA TRP B 60 0.08 -35.86 3.53
C TRP B 60 1.48 -36.25 4.05
N SER B 61 1.89 -37.52 3.84
CA SER B 61 3.15 -38.03 4.29
C SER B 61 4.30 -37.51 3.43
N PHE B 62 5.50 -37.38 4.02
CA PHE B 62 6.66 -36.80 3.37
C PHE B 62 7.53 -37.82 2.73
N TYR B 63 8.30 -37.40 1.73
CA TYR B 63 9.28 -38.23 1.06
C TYR B 63 10.55 -37.46 0.68
N ILE B 64 11.65 -38.18 0.62
CA ILE B 64 12.98 -37.66 0.30
C ILE B 64 13.74 -38.76 -0.39
N LEU B 65 14.66 -38.39 -1.30
CA LEU B 65 15.54 -39.31 -2.01
C LEU B 65 16.97 -38.83 -1.85
N ALA B 66 17.73 -39.68 -1.17
CA ALA B 66 19.13 -39.50 -0.94
C ALA B 66 19.82 -40.38 -1.92
N HIS B 67 20.89 -39.85 -2.53
CA HIS B 67 21.72 -40.64 -3.44
C HIS B 67 23.19 -40.31 -3.34
N THR B 68 24.02 -41.29 -3.67
CA THR B 68 25.46 -41.12 -3.69
C THR B 68 26.04 -41.82 -4.91
N GLU B 69 27.09 -41.23 -5.52
CA GLU B 69 27.84 -41.87 -6.60
C GLU B 69 28.65 -42.99 -5.92
N PHE B 70 28.65 -44.15 -6.55
CA PHE B 70 29.29 -45.36 -6.04
C PHE B 70 29.58 -46.28 -7.24
N THR B 71 30.63 -47.10 -7.11
CA THR B 71 31.05 -48.08 -8.11
C THR B 71 30.88 -49.46 -7.46
N PRO B 72 29.88 -50.28 -7.91
CA PRO B 72 29.65 -51.59 -7.28
C PRO B 72 30.84 -52.54 -7.36
N THR B 73 30.99 -53.40 -6.35
CA THR B 73 32.04 -54.43 -6.22
C THR B 73 31.48 -55.60 -5.42
N GLU B 74 32.19 -56.76 -5.41
CA GLU B 74 31.75 -57.96 -4.66
C GLU B 74 31.86 -57.84 -3.13
N THR B 75 32.90 -57.15 -2.65
CA THR B 75 33.20 -56.97 -1.22
C THR B 75 32.46 -55.77 -0.55
N ASP B 76 32.44 -54.60 -1.20
CA ASP B 76 31.81 -53.39 -0.65
C ASP B 76 30.29 -53.47 -0.49
N THR B 77 29.84 -53.54 0.79
CA THR B 77 28.42 -53.60 1.17
C THR B 77 27.91 -52.18 1.38
N TYR B 78 26.66 -51.94 1.00
CA TYR B 78 26.08 -50.62 1.17
C TYR B 78 24.74 -50.73 1.86
N ALA B 79 24.51 -49.83 2.81
CA ALA B 79 23.32 -49.77 3.65
C ALA B 79 22.80 -48.36 3.77
N CYS B 80 21.63 -48.24 4.34
CA CYS B 80 21.04 -46.96 4.61
C CYS B 80 20.40 -46.89 5.96
N ARG B 81 20.84 -45.94 6.78
CA ARG B 81 20.39 -45.76 8.16
C ARG B 81 19.49 -44.55 8.26
N VAL B 82 18.32 -44.77 8.87
CA VAL B 82 17.31 -43.75 9.02
C VAL B 82 16.95 -43.61 10.50
N LYS B 83 16.91 -42.35 11.00
CA LYS B 83 16.54 -42.00 12.36
C LYS B 83 15.27 -41.08 12.32
N HIS B 84 14.10 -41.62 12.71
CA HIS B 84 12.86 -40.85 12.73
C HIS B 84 12.20 -40.99 14.08
N ALA B 85 11.54 -39.92 14.48
CA ALA B 85 10.82 -39.67 15.73
C ALA B 85 9.79 -40.75 16.03
N SER B 86 9.23 -41.36 14.97
CA SER B 86 8.22 -42.42 15.03
C SER B 86 8.80 -43.79 15.38
N MET B 87 10.13 -43.96 15.20
CA MET B 87 10.81 -45.24 15.49
C MET B 87 11.60 -45.12 16.77
N ALA B 88 11.74 -46.24 17.51
CA ALA B 88 12.50 -46.25 18.77
C ALA B 88 13.98 -46.29 18.47
N GLU B 89 14.38 -47.19 17.58
CA GLU B 89 15.77 -47.33 17.17
C GLU B 89 15.90 -47.00 15.67
N PRO B 90 17.09 -46.60 15.18
CA PRO B 90 17.23 -46.33 13.73
C PRO B 90 17.11 -47.57 12.85
N LYS B 91 16.45 -47.45 11.69
CA LYS B 91 16.29 -48.54 10.72
C LYS B 91 17.49 -48.58 9.80
N THR B 92 17.90 -49.79 9.39
CA THR B 92 19.01 -49.99 8.45
C THR B 92 18.53 -50.96 7.39
N VAL B 93 18.70 -50.58 6.13
CA VAL B 93 18.32 -51.38 4.97
C VAL B 93 19.58 -51.52 4.16
N TYR B 94 19.99 -52.76 3.96
CA TYR B 94 21.19 -53.11 3.23
C TYR B 94 20.86 -53.33 1.76
N TRP B 95 21.74 -52.83 0.87
CA TRP B 95 21.56 -52.97 -0.58
C TRP B 95 21.74 -54.42 -1.01
N ASP B 96 20.83 -54.89 -1.88
CA ASP B 96 20.82 -56.23 -2.48
C ASP B 96 20.65 -55.96 -3.97
N ARG B 97 21.73 -56.21 -4.74
CA ARG B 97 21.78 -56.00 -6.20
C ARG B 97 20.64 -56.71 -6.93
N ASP B 98 20.21 -57.89 -6.45
CA ASP B 98 19.10 -58.71 -7.01
C ASP B 98 17.68 -58.15 -6.76
N MET B 99 17.57 -57.04 -5.97
CA MET B 99 16.29 -56.42 -5.59
C MET B 99 16.24 -54.86 -5.69
N GLY C 1 -15.63 37.22 0.00
CA GLY C 1 -14.33 36.86 -0.56
C GLY C 1 -14.41 36.20 -1.93
N PRO C 2 -13.28 35.75 -2.57
CA PRO C 2 -13.39 35.11 -3.90
C PRO C 2 -13.89 33.68 -3.84
N HIS C 3 -14.63 33.26 -4.87
CA HIS C 3 -15.22 31.93 -4.93
C HIS C 3 -14.76 31.19 -6.14
N SER C 4 -14.96 29.86 -6.15
CA SER C 4 -14.55 29.00 -7.24
C SER C 4 -15.35 27.69 -7.30
N MET C 5 -15.41 27.13 -8.50
CA MET C 5 -15.92 25.80 -8.73
C MET C 5 -14.88 25.09 -9.63
N ARG C 6 -14.52 23.83 -9.24
CA ARG C 6 -13.60 22.98 -9.99
C ARG C 6 -14.16 21.58 -10.02
N TYR C 7 -13.94 20.90 -11.14
CA TYR C 7 -14.19 19.48 -11.28
C TYR C 7 -12.82 18.89 -11.61
N PHE C 8 -12.44 17.88 -10.82
CA PHE C 8 -11.17 17.16 -10.90
C PHE C 8 -11.44 15.72 -11.40
N GLU C 9 -11.29 15.49 -12.73
CA GLU C 9 -11.56 14.19 -13.35
C GLU C 9 -10.29 13.40 -13.66
N THR C 10 -10.28 12.10 -13.31
CA THR C 10 -9.16 11.18 -13.52
C THR C 10 -9.66 9.89 -14.17
N ALA C 11 -8.90 9.40 -15.12
CA ALA C 11 -9.19 8.16 -15.79
C ALA C 11 -7.90 7.39 -15.81
N VAL C 12 -7.90 6.23 -15.14
CA VAL C 12 -6.71 5.37 -15.09
C VAL C 12 -6.99 4.10 -15.90
N SER C 13 -6.32 3.96 -17.06
CA SER C 13 -6.47 2.79 -17.92
C SER C 13 -5.98 1.55 -17.18
N ARG C 14 -6.66 0.41 -17.41
CA ARG C 14 -6.32 -0.87 -16.79
C ARG C 14 -5.80 -1.84 -17.87
N PRO C 15 -4.66 -2.55 -17.64
CA PRO C 15 -4.13 -3.43 -18.68
C PRO C 15 -4.91 -4.73 -18.78
N GLY C 16 -5.31 -5.07 -20.00
CA GLY C 16 -6.10 -6.27 -20.27
C GLY C 16 -7.60 -6.05 -20.18
N LEU C 17 -8.00 -4.86 -19.68
CA LEU C 17 -9.38 -4.39 -19.54
C LEU C 17 -9.61 -3.26 -20.55
N GLU C 18 -10.68 -3.38 -21.35
CA GLU C 18 -11.05 -2.41 -22.36
C GLU C 18 -11.59 -1.07 -21.78
N GLU C 19 -11.93 -1.06 -20.46
CA GLU C 19 -12.45 0.12 -19.82
C GLU C 19 -11.59 0.61 -18.60
N PRO C 20 -11.31 1.94 -18.54
CA PRO C 20 -10.55 2.48 -17.41
C PRO C 20 -11.45 2.80 -16.22
N ARG C 21 -10.84 3.11 -15.06
CA ARG C 21 -11.58 3.54 -13.87
C ARG C 21 -11.67 5.03 -13.99
N TYR C 22 -12.86 5.58 -13.78
CA TYR C 22 -13.08 7.01 -13.90
C TYR C 22 -13.55 7.58 -12.57
N ILE C 23 -12.86 8.63 -12.12
CA ILE C 23 -13.19 9.31 -10.86
C ILE C 23 -13.37 10.78 -11.18
N SER C 24 -14.49 11.36 -10.72
CA SER C 24 -14.80 12.78 -10.89
C SER C 24 -15.16 13.37 -9.55
N VAL C 25 -14.46 14.44 -9.17
CA VAL C 25 -14.64 15.11 -7.90
C VAL C 25 -14.91 16.61 -8.14
N GLY C 26 -16.01 17.09 -7.57
CA GLY C 26 -16.42 18.48 -7.61
C GLY C 26 -16.03 19.20 -6.35
N TYR C 27 -15.56 20.45 -6.50
CA TYR C 27 -15.20 21.30 -5.38
C TYR C 27 -15.84 22.64 -5.60
N VAL C 28 -16.28 23.25 -4.50
CA VAL C 28 -16.86 24.58 -4.39
C VAL C 28 -16.03 25.19 -3.27
N ASP C 29 -15.19 26.19 -3.62
CA ASP C 29 -14.27 26.88 -2.69
C ASP C 29 -13.30 25.87 -2.06
N ASN C 30 -12.72 24.98 -2.90
CA ASN C 30 -11.80 23.88 -2.53
C ASN C 30 -12.39 22.83 -1.57
N LYS C 31 -13.73 22.89 -1.38
CA LYS C 31 -14.47 21.99 -0.51
C LYS C 31 -15.23 21.00 -1.35
N GLU C 32 -14.96 19.70 -1.12
CA GLU C 32 -15.53 18.57 -1.86
C GLU C 32 -17.03 18.54 -1.64
N PHE C 33 -17.79 18.67 -2.74
CA PHE C 33 -19.25 18.74 -2.69
C PHE C 33 -20.02 17.60 -3.36
N VAL C 34 -19.43 16.93 -4.35
CA VAL C 34 -20.01 15.79 -5.08
C VAL C 34 -18.86 14.85 -5.44
N ARG C 35 -19.17 13.63 -5.93
CA ARG C 35 -18.24 12.66 -6.49
C ARG C 35 -18.85 11.44 -7.15
N PHE C 36 -18.27 11.11 -8.31
CA PHE C 36 -18.61 9.93 -9.07
C PHE C 36 -17.39 9.01 -9.05
N ASP C 37 -17.64 7.71 -8.93
CA ASP C 37 -16.61 6.67 -9.00
C ASP C 37 -17.17 5.50 -9.79
N SER C 38 -16.39 5.02 -10.77
CA SER C 38 -16.76 3.93 -11.65
C SER C 38 -16.32 2.54 -11.10
N ASP C 39 -16.17 2.43 -9.77
CA ASP C 39 -15.77 1.20 -9.06
C ASP C 39 -16.84 0.88 -8.03
N ALA C 40 -17.92 1.70 -8.01
CA ALA C 40 -19.05 1.52 -7.11
C ALA C 40 -19.93 0.38 -7.67
N GLU C 41 -20.82 -0.20 -6.83
CA GLU C 41 -21.74 -1.25 -7.31
C GLU C 41 -22.75 -0.57 -8.22
N ASN C 42 -23.26 0.57 -7.76
CA ASN C 42 -24.17 1.47 -8.46
C ASN C 42 -23.36 2.77 -8.70
N PRO C 43 -22.61 2.86 -9.85
CA PRO C 43 -21.82 4.08 -10.11
C PRO C 43 -22.71 5.27 -10.41
N ARG C 44 -22.71 6.28 -9.50
CA ARG C 44 -23.49 7.51 -9.61
C ARG C 44 -22.91 8.68 -8.80
N TYR C 45 -23.26 9.95 -9.16
CA TYR C 45 -22.78 11.13 -8.43
C TYR C 45 -23.43 11.16 -7.08
N GLU C 46 -22.63 11.09 -6.03
CA GLU C 46 -23.13 11.07 -4.66
C GLU C 46 -22.84 12.37 -3.98
N PRO C 47 -23.76 12.94 -3.16
CA PRO C 47 -23.45 14.20 -2.45
C PRO C 47 -22.37 14.00 -1.40
N ARG C 48 -21.49 15.00 -1.30
CA ARG C 48 -20.38 14.93 -0.36
C ARG C 48 -20.33 16.12 0.58
N ALA C 49 -21.38 16.97 0.54
CA ALA C 49 -21.57 18.15 1.39
C ALA C 49 -23.02 18.11 1.86
N PRO C 50 -23.31 18.44 3.13
CA PRO C 50 -24.69 18.37 3.63
C PRO C 50 -25.72 19.16 2.84
N TRP C 51 -25.34 20.37 2.37
CA TRP C 51 -26.22 21.27 1.65
C TRP C 51 -26.63 20.80 0.28
N MET C 52 -25.93 19.79 -0.26
CA MET C 52 -26.23 19.17 -1.55
C MET C 52 -27.45 18.21 -1.52
N GLU C 53 -27.95 17.84 -0.31
CA GLU C 53 -29.11 16.93 -0.19
C GLU C 53 -30.42 17.55 -0.67
N GLN C 54 -30.52 18.90 -0.61
CA GLN C 54 -31.65 19.70 -1.10
C GLN C 54 -31.70 19.74 -2.68
N GLU C 55 -31.07 18.75 -3.36
CA GLU C 55 -31.04 18.63 -4.83
C GLU C 55 -31.73 17.33 -5.19
N GLY C 56 -32.80 17.48 -5.95
CA GLY C 56 -33.69 16.40 -6.38
C GLY C 56 -33.06 15.26 -7.13
N PRO C 57 -33.80 14.14 -7.32
CA PRO C 57 -33.23 12.98 -8.02
C PRO C 57 -32.96 13.23 -9.50
N GLU C 58 -33.63 14.25 -10.06
CA GLU C 58 -33.52 14.66 -11.45
C GLU C 58 -32.09 15.18 -11.71
N TYR C 59 -31.52 15.90 -10.70
CA TYR C 59 -30.16 16.45 -10.69
C TYR C 59 -29.15 15.29 -10.72
N TRP C 60 -29.26 14.39 -9.72
CA TRP C 60 -28.38 13.24 -9.58
C TRP C 60 -28.37 12.30 -10.79
N GLU C 61 -29.45 12.32 -11.56
CA GLU C 61 -29.56 11.50 -12.76
C GLU C 61 -28.82 12.13 -13.95
N ARG C 62 -29.02 13.43 -14.17
CA ARG C 62 -28.44 14.20 -15.24
C ARG C 62 -26.92 14.12 -15.13
N GLU C 63 -26.39 14.43 -13.92
CA GLU C 63 -24.99 14.40 -13.58
C GLU C 63 -24.41 13.02 -13.84
N THR C 64 -25.16 11.96 -13.44
CA THR C 64 -24.78 10.56 -13.66
C THR C 64 -24.68 10.23 -15.15
N GLN C 65 -25.62 10.70 -15.99
CA GLN C 65 -25.58 10.44 -17.43
C GLN C 65 -24.48 11.16 -18.16
N LYS C 66 -24.04 12.29 -17.58
CA LYS C 66 -22.91 13.09 -18.05
C LYS C 66 -21.62 12.30 -17.73
N ALA C 67 -21.53 11.75 -16.47
CA ALA C 67 -20.40 10.93 -15.99
C ALA C 67 -20.18 9.70 -16.83
N LYS C 68 -21.25 9.12 -17.40
CA LYS C 68 -21.17 7.93 -18.24
C LYS C 68 -20.60 8.30 -19.61
N GLY C 69 -20.86 9.54 -20.05
CA GLY C 69 -20.35 10.08 -21.30
C GLY C 69 -18.85 10.39 -21.20
N GLN C 70 -18.44 10.96 -20.03
CA GLN C 70 -17.05 11.29 -19.72
C GLN C 70 -16.20 10.04 -19.70
N GLU C 71 -16.70 8.94 -19.07
CA GLU C 71 -16.04 7.63 -19.04
C GLU C 71 -15.57 7.23 -20.43
N GLN C 72 -16.45 7.41 -21.41
CA GLN C 72 -16.12 7.08 -22.79
C GLN C 72 -15.16 8.08 -23.38
N TRP C 73 -15.28 9.39 -23.01
CA TRP C 73 -14.39 10.44 -23.56
C TRP C 73 -12.93 10.11 -23.21
N PHE C 74 -12.71 9.78 -21.94
CA PHE C 74 -11.41 9.44 -21.44
C PHE C 74 -10.89 8.15 -22.06
N ARG C 75 -11.68 7.04 -22.10
CA ARG C 75 -11.30 5.75 -22.74
C ARG C 75 -10.71 5.93 -24.17
N VAL C 76 -11.34 6.77 -24.99
CA VAL C 76 -10.91 7.01 -26.39
C VAL C 76 -9.66 7.86 -26.45
N SER C 77 -9.64 9.00 -25.70
CA SER C 77 -8.51 9.94 -25.61
C SER C 77 -7.26 9.18 -25.14
N LEU C 78 -7.42 8.34 -24.08
CA LEU C 78 -6.41 7.42 -23.52
C LEU C 78 -5.83 6.55 -24.67
N ARG C 79 -6.71 5.98 -25.52
CA ARG C 79 -6.33 5.10 -26.62
C ARG C 79 -5.56 5.85 -27.68
N ASN C 80 -6.06 7.03 -28.10
CA ASN C 80 -5.40 7.86 -29.12
C ASN C 80 -4.02 8.27 -28.73
N LEU C 81 -3.82 8.55 -27.42
CA LEU C 81 -2.57 8.97 -26.78
C LEU C 81 -1.48 7.91 -26.78
N LEU C 82 -1.86 6.64 -26.50
CA LEU C 82 -1.02 5.44 -26.52
C LEU C 82 -0.40 5.45 -27.91
N GLY C 83 -1.23 5.79 -28.88
CA GLY C 83 -0.85 5.95 -30.26
C GLY C 83 0.17 7.05 -30.48
N TYR C 84 -0.13 8.29 -30.00
CA TYR C 84 0.76 9.44 -30.16
C TYR C 84 2.15 9.28 -29.50
N TYR C 85 2.20 8.59 -28.36
CA TYR C 85 3.42 8.43 -27.63
C TYR C 85 4.09 7.05 -27.84
N ASN C 86 3.56 6.24 -28.77
CA ASN C 86 4.08 4.90 -29.13
C ASN C 86 4.27 3.98 -27.92
N GLN C 87 3.25 3.98 -27.03
CA GLN C 87 3.16 3.24 -25.78
C GLN C 87 2.39 1.94 -25.88
N SER C 88 2.39 1.16 -24.79
CA SER C 88 1.76 -0.14 -24.68
C SER C 88 0.77 -0.18 -23.55
N ALA C 89 -0.43 -0.72 -23.85
CA ALA C 89 -1.56 -0.92 -22.94
C ALA C 89 -1.32 -2.03 -21.91
N GLY C 90 -0.11 -2.59 -21.92
CA GLY C 90 0.36 -3.58 -20.94
C GLY C 90 0.68 -2.89 -19.62
N GLY C 91 0.80 -1.56 -19.70
CA GLY C 91 0.99 -0.65 -18.58
C GLY C 91 -0.23 0.23 -18.37
N SER C 92 -0.40 0.74 -17.14
CA SER C 92 -1.46 1.65 -16.74
C SER C 92 -1.09 3.07 -17.18
N HIS C 93 -2.08 3.87 -17.62
CA HIS C 93 -1.88 5.25 -18.04
C HIS C 93 -2.90 6.13 -17.35
N THR C 94 -2.48 7.34 -16.94
CA THR C 94 -3.32 8.27 -16.21
C THR C 94 -3.65 9.49 -17.05
N LEU C 95 -4.95 9.83 -17.11
CA LEU C 95 -5.46 11.00 -17.83
C LEU C 95 -6.20 11.89 -16.83
N GLN C 96 -5.88 13.19 -16.81
CA GLN C 96 -6.45 14.11 -15.84
C GLN C 96 -6.99 15.38 -16.40
N GLN C 97 -8.09 15.87 -15.79
CA GLN C 97 -8.72 17.09 -16.21
C GLN C 97 -9.13 17.94 -15.04
N MET C 98 -8.73 19.22 -15.10
CA MET C 98 -9.15 20.24 -14.16
C MET C 98 -9.90 21.25 -15.01
N SER C 99 -11.14 21.54 -14.61
CA SER C 99 -12.03 22.50 -15.28
C SER C 99 -12.87 23.22 -14.24
N GLY C 100 -13.34 24.42 -14.58
CA GLY C 100 -14.15 25.24 -13.68
C GLY C 100 -14.02 26.73 -13.92
N CYS C 101 -14.37 27.53 -12.91
CA CYS C 101 -14.37 28.98 -13.00
C CYS C 101 -14.16 29.61 -11.64
N ASP C 102 -13.70 30.87 -11.63
CA ASP C 102 -13.50 31.65 -10.42
C ASP C 102 -14.34 32.89 -10.50
N LEU C 103 -14.88 33.33 -9.33
CA LEU C 103 -15.71 34.54 -9.13
C LEU C 103 -15.11 35.46 -8.06
N GLY C 104 -15.42 36.75 -8.15
CA GLY C 104 -15.02 37.74 -7.18
C GLY C 104 -15.93 37.79 -5.96
N SER C 105 -15.82 38.88 -5.19
CA SER C 105 -16.61 39.19 -3.99
C SER C 105 -18.07 39.40 -4.43
N ASP C 106 -18.22 40.06 -5.61
CA ASP C 106 -19.44 40.42 -6.35
C ASP C 106 -20.08 39.25 -7.12
N TRP C 107 -19.41 38.05 -7.12
CA TRP C 107 -19.82 36.80 -7.79
C TRP C 107 -19.80 36.88 -9.33
N ARG C 108 -19.11 37.90 -9.89
CA ARG C 108 -19.00 38.12 -11.33
C ARG C 108 -17.86 37.27 -11.80
N LEU C 109 -17.99 36.63 -12.98
CA LEU C 109 -16.92 35.79 -13.52
C LEU C 109 -15.60 36.55 -13.59
N LEU C 110 -14.52 35.91 -13.15
CA LEU C 110 -13.19 36.48 -13.24
C LEU C 110 -12.42 35.68 -14.29
N ARG C 111 -12.37 34.34 -14.15
CA ARG C 111 -11.68 33.48 -15.11
C ARG C 111 -12.32 32.12 -15.34
N GLY C 112 -12.09 31.61 -16.50
CA GLY C 112 -12.50 30.28 -16.90
C GLY C 112 -11.25 29.44 -16.73
N TYR C 113 -11.42 28.14 -16.60
CA TYR C 113 -10.29 27.27 -16.32
C TYR C 113 -10.45 25.89 -16.93
N LEU C 114 -9.57 25.51 -17.87
CA LEU C 114 -9.54 24.19 -18.50
C LEU C 114 -8.11 23.70 -18.81
N GLN C 115 -7.64 22.78 -17.98
CA GLN C 115 -6.31 22.17 -18.02
C GLN C 115 -6.42 20.62 -18.16
N PHE C 116 -5.42 20.02 -18.83
CA PHE C 116 -5.32 18.58 -19.05
C PHE C 116 -3.90 18.08 -18.81
N ALA C 117 -3.79 16.94 -18.10
CA ALA C 117 -2.54 16.24 -17.85
C ALA C 117 -2.65 14.79 -18.20
N TYR C 118 -1.57 14.26 -18.77
CA TYR C 118 -1.40 12.87 -19.12
C TYR C 118 -0.09 12.49 -18.47
N GLU C 119 -0.08 11.39 -17.71
CA GLU C 119 1.08 10.92 -16.96
C GLU C 119 1.55 11.99 -15.95
N GLY C 120 0.59 12.64 -15.27
CA GLY C 120 0.86 13.70 -14.29
C GLY C 120 1.70 14.89 -14.73
N ARG C 121 1.91 15.04 -16.05
CA ARG C 121 2.67 16.11 -16.73
C ARG C 121 1.66 16.81 -17.60
N ASP C 122 1.78 18.14 -17.76
CA ASP C 122 0.88 18.98 -18.57
C ASP C 122 0.80 18.51 -19.99
N TYR C 123 -0.44 18.39 -20.50
CA TYR C 123 -0.66 17.90 -21.86
C TYR C 123 -1.15 19.00 -22.80
N ILE C 124 -2.28 19.63 -22.47
CA ILE C 124 -2.89 20.71 -23.26
C ILE C 124 -3.67 21.61 -22.32
N ALA C 125 -3.65 22.91 -22.61
CA ALA C 125 -4.36 23.84 -21.76
C ALA C 125 -5.13 24.92 -22.54
N LEU C 126 -6.25 25.38 -21.97
CA LEU C 126 -7.02 26.48 -22.52
C LEU C 126 -6.56 27.74 -21.80
N ASN C 127 -6.24 28.81 -22.58
CA ASN C 127 -5.70 30.10 -22.10
C ASN C 127 -6.80 31.02 -21.61
N GLU C 128 -6.51 31.91 -20.61
CA GLU C 128 -7.45 32.87 -20.01
C GLU C 128 -8.51 33.42 -21.00
N ASP C 129 -8.11 33.68 -22.28
CA ASP C 129 -8.97 34.18 -23.36
C ASP C 129 -10.14 33.24 -23.75
N LEU C 130 -9.96 31.92 -23.49
CA LEU C 130 -10.86 30.78 -23.78
C LEU C 130 -11.10 30.65 -25.27
N LYS C 131 -10.06 31.02 -26.06
CA LYS C 131 -10.04 31.02 -27.51
C LYS C 131 -8.88 30.18 -28.13
N THR C 132 -7.66 30.26 -27.55
CA THR C 132 -6.44 29.55 -27.99
C THR C 132 -5.92 28.55 -26.96
N TRP C 133 -5.20 27.51 -27.45
CA TRP C 133 -4.65 26.38 -26.69
C TRP C 133 -3.14 26.40 -26.50
N THR C 134 -2.64 25.69 -25.46
CA THR C 134 -1.21 25.56 -25.17
C THR C 134 -0.81 24.10 -25.05
N ALA C 135 -0.16 23.58 -26.10
CA ALA C 135 0.33 22.21 -26.18
C ALA C 135 1.75 22.13 -25.53
N ALA C 136 1.99 21.10 -24.70
CA ALA C 136 3.26 20.95 -23.99
C ALA C 136 4.41 20.32 -24.81
N ASP C 137 4.08 19.51 -25.82
CA ASP C 137 5.08 18.84 -26.66
C ASP C 137 4.58 18.67 -28.08
N MET C 138 5.34 17.92 -28.89
CA MET C 138 5.04 17.60 -30.28
C MET C 138 3.78 16.71 -30.36
N ALA C 139 3.63 15.75 -29.43
CA ALA C 139 2.47 14.83 -29.35
C ALA C 139 1.14 15.52 -28.95
N ALA C 140 1.23 16.64 -28.20
CA ALA C 140 0.10 17.45 -27.74
C ALA C 140 -0.40 18.36 -28.83
N GLN C 141 0.43 18.57 -29.86
CA GLN C 141 0.12 19.41 -31.01
C GLN C 141 -0.89 18.78 -31.92
N ILE C 142 -0.97 17.42 -31.95
CA ILE C 142 -1.97 16.69 -32.73
C ILE C 142 -3.35 17.02 -32.17
N THR C 143 -3.49 16.99 -30.81
CA THR C 143 -4.70 17.39 -30.06
C THR C 143 -4.95 18.90 -30.26
N ARG C 144 -3.88 19.72 -30.32
CA ARG C 144 -4.04 21.17 -30.53
C ARG C 144 -4.64 21.45 -31.92
N ARG C 145 -4.05 20.87 -32.99
CA ARG C 145 -4.53 21.04 -34.36
C ARG C 145 -5.92 20.46 -34.52
N LYS C 146 -6.16 19.28 -33.88
CA LYS C 146 -7.45 18.58 -33.89
C LYS C 146 -8.56 19.50 -33.36
N TRP C 147 -8.35 20.09 -32.18
CA TRP C 147 -9.29 20.94 -31.44
C TRP C 147 -9.53 22.33 -32.00
N GLU C 148 -8.58 22.84 -32.79
CA GLU C 148 -8.71 24.14 -33.45
C GLU C 148 -9.71 23.95 -34.59
N GLN C 149 -9.54 22.84 -35.32
CA GLN C 149 -10.37 22.45 -36.45
C GLN C 149 -11.79 22.08 -36.08
N SER C 150 -11.97 21.50 -34.88
CA SER C 150 -13.28 21.10 -34.36
C SER C 150 -13.99 22.24 -33.59
N GLY C 151 -13.28 23.35 -33.36
CA GLY C 151 -13.77 24.54 -32.68
C GLY C 151 -14.17 24.27 -31.25
N ALA C 152 -13.37 23.42 -30.59
CA ALA C 152 -13.59 22.94 -29.23
C ALA C 152 -13.71 24.05 -28.16
N ALA C 153 -12.85 25.09 -28.23
CA ALA C 153 -12.83 26.16 -27.24
C ALA C 153 -14.16 26.91 -27.13
N GLU C 154 -14.87 27.04 -28.27
CA GLU C 154 -16.17 27.71 -28.37
C GLU C 154 -17.21 27.03 -27.48
N HIS C 155 -17.21 25.69 -27.49
CA HIS C 155 -18.05 24.79 -26.71
C HIS C 155 -17.76 24.96 -25.18
N TYR C 156 -16.47 25.00 -24.80
CA TYR C 156 -16.02 25.13 -23.42
C TYR C 156 -16.18 26.57 -22.90
N LYS C 157 -15.72 27.57 -23.68
CA LYS C 157 -15.84 28.99 -23.32
C LYS C 157 -17.31 29.27 -22.91
N ALA C 158 -18.27 28.75 -23.72
CA ALA C 158 -19.70 28.87 -23.51
C ALA C 158 -20.12 28.33 -22.17
N TYR C 159 -19.54 27.20 -21.75
CA TYR C 159 -19.84 26.57 -20.48
C TYR C 159 -19.24 27.34 -19.28
N LEU C 160 -17.90 27.57 -19.33
CA LEU C 160 -17.14 28.16 -18.25
C LEU C 160 -17.58 29.56 -17.86
N GLU C 161 -18.11 30.31 -18.85
CA GLU C 161 -18.60 31.69 -18.71
C GLU C 161 -20.10 31.68 -18.37
N GLY C 162 -20.81 30.67 -18.89
CA GLY C 162 -22.24 30.50 -18.76
C GLY C 162 -22.71 29.65 -17.60
N GLU C 163 -22.99 28.39 -17.89
CA GLU C 163 -23.52 27.39 -16.97
C GLU C 163 -22.67 27.16 -15.70
N CYS C 164 -21.33 27.33 -15.82
CA CYS C 164 -20.42 27.14 -14.70
C CYS C 164 -20.73 28.20 -13.63
N VAL C 165 -20.93 29.46 -14.07
CA VAL C 165 -21.25 30.62 -13.22
C VAL C 165 -22.67 30.46 -12.63
N GLU C 166 -23.64 30.03 -13.47
CA GLU C 166 -25.04 29.86 -13.08
C GLU C 166 -25.18 28.88 -11.94
N TRP C 167 -24.55 27.72 -12.07
CA TRP C 167 -24.58 26.65 -11.07
C TRP C 167 -23.85 26.97 -9.77
N LEU C 168 -22.68 27.61 -9.86
CA LEU C 168 -21.92 28.03 -8.70
C LEU C 168 -22.74 28.96 -7.80
N HIS C 169 -23.41 29.96 -8.40
CA HIS C 169 -24.23 30.97 -7.72
C HIS C 169 -25.29 30.34 -6.86
N ARG C 170 -25.85 29.21 -7.36
CA ARG C 170 -26.86 28.38 -6.74
C ARG C 170 -26.26 27.68 -5.55
N TYR C 171 -25.20 26.85 -5.76
CA TYR C 171 -24.51 26.13 -4.68
C TYR C 171 -24.11 27.09 -3.57
N LEU C 172 -23.59 28.28 -3.96
CA LEU C 172 -23.17 29.36 -3.07
C LEU C 172 -24.30 29.92 -2.19
N LYS C 173 -25.54 29.83 -2.69
CA LYS C 173 -26.75 30.31 -2.03
C LYS C 173 -27.26 29.21 -1.06
N ASN C 174 -27.34 27.97 -1.59
CA ASN C 174 -27.78 26.77 -0.93
C ASN C 174 -26.87 26.30 0.23
N GLY C 175 -25.61 26.73 0.22
CA GLY C 175 -24.66 26.35 1.26
C GLY C 175 -24.02 27.46 2.08
N ASN C 176 -24.39 28.74 1.79
CA ASN C 176 -23.85 29.98 2.39
C ASN C 176 -23.32 29.89 3.82
N ALA C 177 -24.20 29.61 4.82
CA ALA C 177 -23.82 29.47 6.23
C ALA C 177 -22.74 28.39 6.51
N THR C 178 -22.77 27.27 5.76
CA THR C 178 -21.77 26.21 5.92
C THR C 178 -20.46 26.63 5.22
N LEU C 179 -20.58 27.21 4.02
CA LEU C 179 -19.46 27.67 3.21
C LEU C 179 -18.71 28.83 3.85
N LEU C 180 -19.40 29.70 4.56
CA LEU C 180 -18.78 30.88 5.16
C LEU C 180 -18.36 30.72 6.63
N ARG C 181 -18.56 29.51 7.21
CA ARG C 181 -18.17 29.22 8.59
C ARG C 181 -16.67 29.04 8.68
N THR C 182 -16.09 29.48 9.82
CA THR C 182 -14.67 29.39 10.15
C THR C 182 -14.45 28.79 11.57
N ASP C 183 -13.40 27.96 11.71
CA ASP C 183 -12.99 27.39 13.00
C ASP C 183 -11.66 28.02 13.37
N SER C 184 -11.58 28.69 14.52
CA SER C 184 -10.35 29.36 14.95
C SER C 184 -9.26 28.41 15.42
N PRO C 185 -7.98 28.65 15.00
CA PRO C 185 -6.86 27.84 15.52
C PRO C 185 -6.59 28.05 17.02
N LYS C 186 -6.26 26.95 17.72
CA LYS C 186 -5.90 26.91 19.14
C LYS C 186 -4.36 26.79 19.21
N ALA C 187 -3.71 27.82 19.72
CA ALA C 187 -2.25 27.82 19.71
C ALA C 187 -1.52 27.54 21.04
N HIS C 188 -0.33 26.92 20.91
CA HIS C 188 0.55 26.59 22.03
C HIS C 188 1.96 26.40 21.52
N VAL C 189 2.94 26.70 22.38
CA VAL C 189 4.36 26.64 22.09
C VAL C 189 5.07 25.48 22.84
N THR C 190 5.88 24.67 22.11
CA THR C 190 6.69 23.59 22.72
C THR C 190 8.20 23.84 22.73
N HIS C 191 8.85 23.42 23.81
CA HIS C 191 10.29 23.59 24.10
C HIS C 191 11.06 22.31 23.71
N HIS C 192 12.09 22.41 22.86
CA HIS C 192 12.85 21.23 22.43
C HIS C 192 14.36 21.47 22.49
N PRO C 193 14.99 21.14 23.64
CA PRO C 193 16.44 21.40 23.79
C PRO C 193 17.31 20.66 22.81
N ARG C 194 18.48 21.26 22.53
CA ARG C 194 19.45 20.69 21.59
C ARG C 194 20.92 21.03 21.85
N SER C 195 21.75 20.69 20.83
CA SER C 195 23.20 20.85 20.71
C SER C 195 23.65 22.30 20.99
N LYS C 196 24.90 22.48 21.51
CA LYS C 196 25.54 23.78 21.78
C LYS C 196 24.73 24.77 22.65
N GLY C 197 23.96 24.24 23.60
CA GLY C 197 23.11 25.06 24.47
C GLY C 197 22.09 25.87 23.69
N GLU C 198 21.32 25.17 22.82
CA GLU C 198 20.30 25.73 21.95
C GLU C 198 18.94 25.09 22.23
N VAL C 199 17.86 25.74 21.76
CA VAL C 199 16.49 25.28 21.96
C VAL C 199 15.64 25.48 20.69
N THR C 200 14.94 24.40 20.24
CA THR C 200 14.01 24.51 19.13
C THR C 200 12.72 24.94 19.76
N LEU C 201 12.25 26.11 19.35
CA LEU C 201 11.01 26.68 19.87
C LEU C 201 9.95 26.39 18.83
N ARG C 202 8.94 25.53 19.17
CA ARG C 202 7.90 25.12 18.21
C ARG C 202 6.58 25.78 18.48
N CYS C 203 6.00 26.42 17.44
CA CYS C 203 4.68 27.01 17.54
C CYS C 203 3.66 26.21 16.78
N TRP C 204 2.61 25.74 17.48
CA TRP C 204 1.54 24.93 16.91
C TRP C 204 0.25 25.69 16.73
N ALA C 205 -0.48 25.35 15.69
CA ALA C 205 -1.81 25.86 15.39
C ALA C 205 -2.62 24.62 15.03
N LEU C 206 -3.71 24.40 15.77
CA LEU C 206 -4.56 23.23 15.60
C LEU C 206 -6.05 23.56 15.61
N GLY C 207 -6.82 22.76 14.85
CA GLY C 207 -8.28 22.79 14.80
C GLY C 207 -8.85 23.94 14.00
N PHE C 208 -8.10 24.41 12.97
CA PHE C 208 -8.51 25.52 12.13
C PHE C 208 -9.09 25.16 10.75
N TYR C 209 -9.98 26.03 10.26
CA TYR C 209 -10.69 25.92 8.99
C TYR C 209 -11.17 27.32 8.55
N PRO C 210 -10.88 27.79 7.31
CA PRO C 210 -10.17 27.13 6.19
C PRO C 210 -8.69 26.84 6.45
N ALA C 211 -7.98 26.21 5.47
CA ALA C 211 -6.57 25.78 5.57
C ALA C 211 -5.52 26.87 5.49
N ASP C 212 -5.91 28.07 5.03
CA ASP C 212 -4.93 29.16 4.95
C ASP C 212 -4.72 29.80 6.30
N ILE C 213 -3.42 29.90 6.69
CA ILE C 213 -2.95 30.41 7.96
C ILE C 213 -1.56 30.95 7.80
N THR C 214 -1.17 31.85 8.69
CA THR C 214 0.17 32.38 8.72
C THR C 214 0.67 32.31 10.14
N LEU C 215 1.84 31.70 10.25
CA LEU C 215 2.57 31.47 11.47
C LEU C 215 3.91 32.14 11.29
N THR C 216 4.33 32.91 12.29
CA THR C 216 5.61 33.61 12.25
C THR C 216 6.23 33.66 13.65
N TRP C 217 7.56 33.88 13.68
CA TRP C 217 8.31 34.07 14.92
C TRP C 217 8.94 35.45 14.83
N GLN C 218 9.03 36.15 15.95
CA GLN C 218 9.62 37.49 15.97
C GLN C 218 10.59 37.69 17.13
N LEU C 219 11.77 38.27 16.81
CA LEU C 219 12.75 38.65 17.83
C LEU C 219 12.37 40.09 18.16
N ASN C 220 11.45 40.23 19.15
CA ASN C 220 10.84 41.48 19.65
C ASN C 220 9.92 42.18 18.62
N GLY C 221 10.47 42.55 17.46
CA GLY C 221 9.75 43.23 16.38
C GLY C 221 9.98 42.77 14.95
N GLU C 222 11.16 42.15 14.64
CA GLU C 222 11.46 41.69 13.28
C GLU C 222 11.13 40.20 13.04
N GLU C 223 10.38 39.92 11.95
CA GLU C 223 9.98 38.54 11.55
C GLU C 223 11.18 37.71 11.10
N LEU C 224 11.30 36.50 11.65
CA LEU C 224 12.40 35.58 11.40
C LEU C 224 12.26 34.77 10.08
N THR C 225 12.57 35.45 8.96
CA THR C 225 12.51 34.95 7.56
C THR C 225 13.32 33.66 7.30
N GLN C 226 14.59 33.62 7.78
CA GLN C 226 15.53 32.49 7.66
C GLN C 226 15.65 31.66 8.96
N ASP C 227 16.12 30.40 8.83
CA ASP C 227 16.32 29.44 9.93
C ASP C 227 15.06 28.99 10.71
N MET C 228 13.87 29.23 10.10
CA MET C 228 12.59 28.83 10.66
C MET C 228 12.02 27.61 9.87
N GLU C 229 11.72 26.51 10.58
CA GLU C 229 11.14 25.29 10.01
C GLU C 229 9.63 25.45 9.92
N LEU C 230 9.05 25.01 8.79
CA LEU C 230 7.61 25.13 8.51
C LEU C 230 7.06 23.84 8.03
N VAL C 231 6.09 23.27 8.74
CA VAL C 231 5.51 22.01 8.31
C VAL C 231 4.44 22.28 7.23
N GLU C 232 4.32 21.43 6.23
CA GLU C 232 3.30 21.64 5.20
C GLU C 232 1.90 21.45 5.87
N THR C 233 0.89 22.36 5.63
CA THR C 233 -0.46 22.27 6.27
C THR C 233 -1.11 20.91 6.06
N ARG C 234 -1.54 20.28 7.16
CA ARG C 234 -2.09 18.93 7.14
C ARG C 234 -3.49 18.74 7.71
N PRO C 235 -4.27 17.77 7.16
CA PRO C 235 -5.61 17.53 7.69
C PRO C 235 -5.62 16.79 9.01
N ALA C 236 -6.30 17.37 10.00
CA ALA C 236 -6.47 16.68 11.28
C ALA C 236 -7.39 15.45 11.07
N GLY C 237 -8.19 15.45 9.99
CA GLY C 237 -9.13 14.38 9.66
C GLY C 237 -10.59 14.61 10.06
N ASP C 238 -10.84 15.70 10.85
CA ASP C 238 -12.15 16.06 11.36
C ASP C 238 -12.69 17.29 10.65
N GLY C 239 -12.14 17.55 9.47
CA GLY C 239 -12.50 18.67 8.62
C GLY C 239 -11.69 19.91 8.87
N THR C 240 -10.85 19.87 9.92
CA THR C 240 -9.96 20.97 10.33
C THR C 240 -8.49 20.72 9.92
N PHE C 241 -7.61 21.68 10.24
CA PHE C 241 -6.22 21.57 9.87
C PHE C 241 -5.27 21.83 11.01
N GLN C 242 -4.00 21.42 10.81
CA GLN C 242 -2.90 21.56 11.74
C GLN C 242 -1.68 22.10 10.98
N LYS C 243 -0.81 22.79 11.68
CA LYS C 243 0.45 23.31 11.16
C LYS C 243 1.34 23.79 12.33
N TRP C 244 2.66 23.72 12.15
CA TRP C 244 3.64 24.27 13.09
C TRP C 244 4.79 24.98 12.37
N ALA C 245 5.33 25.96 13.06
CA ALA C 245 6.45 26.79 12.65
C ALA C 245 7.40 26.74 13.82
N SER C 246 8.63 26.37 13.57
CA SER C 246 9.64 26.26 14.61
C SER C 246 10.83 27.17 14.32
N VAL C 247 11.60 27.51 15.36
CA VAL C 247 12.76 28.36 15.23
C VAL C 247 13.87 27.96 16.23
N VAL C 248 15.13 27.82 15.77
CA VAL C 248 16.26 27.47 16.67
C VAL C 248 16.85 28.75 17.32
N VAL C 249 16.86 28.79 18.66
CA VAL C 249 17.28 29.97 19.42
C VAL C 249 18.29 29.67 20.57
N PRO C 250 19.17 30.64 20.98
CA PRO C 250 20.06 30.37 22.12
C PRO C 250 19.27 30.28 23.44
N LEU C 251 19.57 29.25 24.25
CA LEU C 251 18.96 28.96 25.56
C LEU C 251 19.00 30.15 26.54
N GLY C 252 18.05 30.18 27.49
CA GLY C 252 17.94 31.25 28.48
C GLY C 252 17.35 32.55 27.96
N LYS C 253 17.22 32.68 26.62
CA LYS C 253 16.68 33.84 25.94
C LYS C 253 15.37 33.47 25.19
N GLU C 254 14.50 32.66 25.84
CA GLU C 254 13.22 32.18 25.27
C GLU C 254 12.16 33.27 25.18
N GLN C 255 12.22 34.28 26.06
CA GLN C 255 11.24 35.36 26.08
C GLN C 255 11.51 36.55 25.16
N ASN C 256 12.52 36.45 24.32
CA ASN C 256 12.85 37.46 23.31
C ASN C 256 12.08 37.08 22.04
N TYR C 257 11.57 35.84 22.01
CA TYR C 257 10.84 35.26 20.90
C TYR C 257 9.37 35.15 21.18
N THR C 258 8.59 35.68 20.23
CA THR C 258 7.15 35.74 20.27
C THR C 258 6.68 35.14 18.95
N CYS C 259 5.61 34.37 19.03
CA CYS C 259 5.01 33.78 17.85
C CYS C 259 3.64 34.36 17.58
N ARG C 260 3.35 34.67 16.30
CA ARG C 260 2.06 35.21 15.92
C ARG C 260 1.30 34.32 14.92
N VAL C 261 0.01 34.11 15.15
CA VAL C 261 -0.88 33.30 14.29
C VAL C 261 -1.88 34.21 13.56
N TYR C 262 -1.95 34.12 12.23
CA TYR C 262 -2.89 34.90 11.44
C TYR C 262 -3.91 33.99 10.75
N HIS C 263 -5.19 34.20 11.04
CA HIS C 263 -6.27 33.41 10.47
C HIS C 263 -7.57 34.23 10.49
N GLU C 264 -8.34 34.15 9.38
CA GLU C 264 -9.65 34.78 9.15
C GLU C 264 -10.67 34.43 10.24
N GLY C 265 -10.55 33.23 10.80
CA GLY C 265 -11.43 32.74 11.86
C GLY C 265 -11.26 33.51 13.16
N LEU C 266 -10.00 33.78 13.52
CA LEU C 266 -9.54 34.50 14.70
C LEU C 266 -10.17 35.93 14.83
N PRO C 267 -10.60 36.34 16.04
CA PRO C 267 -11.14 37.71 16.20
C PRO C 267 -10.08 38.83 16.20
N GLU C 268 -8.80 38.43 16.31
CA GLU C 268 -7.60 39.27 16.41
C GLU C 268 -6.40 38.31 16.37
N PRO C 269 -5.33 38.61 15.61
CA PRO C 269 -4.17 37.69 15.54
C PRO C 269 -3.56 37.37 16.91
N LEU C 270 -3.32 36.07 17.17
CA LEU C 270 -2.74 35.58 18.40
C LEU C 270 -1.28 35.97 18.51
N THR C 271 -0.85 36.24 19.74
CA THR C 271 0.52 36.57 20.11
C THR C 271 0.82 35.63 21.27
N LEU C 272 1.89 34.79 21.13
CA LEU C 272 2.23 33.82 22.17
C LEU C 272 3.70 33.41 22.34
N ARG C 273 4.03 32.95 23.57
CA ARG C 273 5.34 32.44 23.97
C ARG C 273 5.25 31.30 25.00
N TRP C 274 6.40 30.67 25.28
CA TRP C 274 6.65 29.51 26.14
C TRP C 274 6.42 29.68 27.69
N GLU C 275 5.85 28.64 28.40
CA GLU C 275 5.61 28.61 29.86
C GLU C 275 6.87 28.97 30.72
N LYS D 3 6.46 10.74 -9.54
CA LYS D 3 6.74 11.62 -8.37
C LYS D 3 6.85 10.86 -7.02
N THR D 4 7.91 11.21 -6.20
CA THR D 4 8.24 10.62 -4.87
C THR D 4 7.31 11.10 -3.73
N PRO D 5 6.57 10.16 -3.08
CA PRO D 5 5.62 10.55 -2.05
C PRO D 5 6.22 11.26 -0.85
N GLN D 6 5.45 12.18 -0.21
CA GLN D 6 5.90 12.91 0.98
C GLN D 6 4.97 12.57 2.15
N ILE D 7 5.57 12.10 3.24
CA ILE D 7 4.80 11.60 4.36
C ILE D 7 4.87 12.45 5.60
N GLN D 8 3.73 12.50 6.29
CA GLN D 8 3.57 13.13 7.59
C GLN D 8 2.82 12.14 8.46
N VAL D 9 3.30 11.95 9.69
CA VAL D 9 2.69 11.07 10.70
C VAL D 9 2.45 11.96 11.90
N TYR D 10 1.16 12.04 12.32
CA TYR D 10 0.71 12.96 13.38
C TYR D 10 -0.60 12.56 14.00
N SER D 11 -0.83 13.01 15.23
CA SER D 11 -2.07 12.73 15.90
C SER D 11 -3.15 13.78 15.58
N ARG D 12 -4.45 13.37 15.64
CA ARG D 12 -5.57 14.28 15.39
C ARG D 12 -5.57 15.34 16.49
N HIS D 13 -5.53 14.92 17.77
CA HIS D 13 -5.53 15.84 18.92
C HIS D 13 -4.16 15.83 19.59
N PRO D 14 -3.79 16.87 20.41
CA PRO D 14 -2.48 16.84 21.08
C PRO D 14 -2.25 15.56 21.89
N PRO D 15 -1.02 14.97 21.82
CA PRO D 15 -0.79 13.69 22.50
C PRO D 15 -0.77 13.73 24.03
N GLU D 16 -1.50 12.78 24.64
CA GLU D 16 -1.54 12.59 26.08
C GLU D 16 -1.55 11.09 26.34
N ASN D 17 -0.51 10.61 27.05
CA ASN D 17 -0.35 9.21 27.38
C ASN D 17 -1.62 8.64 28.03
N GLY D 18 -2.08 7.50 27.50
CA GLY D 18 -3.27 6.81 27.99
C GLY D 18 -4.61 7.31 27.48
N LYS D 19 -4.64 8.49 26.84
CA LYS D 19 -5.87 9.05 26.28
C LYS D 19 -6.03 8.61 24.80
N PRO D 20 -7.19 8.03 24.42
CA PRO D 20 -7.37 7.59 23.02
C PRO D 20 -7.28 8.73 22.03
N ASN D 21 -6.96 8.42 20.79
CA ASN D 21 -6.77 9.44 19.77
C ASN D 21 -6.87 8.81 18.40
N ILE D 22 -6.38 9.52 17.39
CA ILE D 22 -6.35 9.13 15.99
C ILE D 22 -4.95 9.47 15.47
N LEU D 23 -4.33 8.50 14.82
CA LEU D 23 -3.02 8.67 14.25
C LEU D 23 -3.25 8.73 12.79
N ASN D 24 -2.75 9.82 12.19
CA ASN D 24 -2.86 10.06 10.76
C ASN D 24 -1.58 9.90 10.04
N CYS D 25 -1.69 9.47 8.79
CA CYS D 25 -0.58 9.38 7.88
C CYS D 25 -0.99 10.06 6.57
N TYR D 26 -0.46 11.29 6.35
CA TYR D 26 -0.75 12.11 5.17
C TYR D 26 0.27 11.87 4.12
N VAL D 27 -0.12 11.19 3.04
CA VAL D 27 0.81 10.92 1.94
C VAL D 27 0.47 11.86 0.78
N THR D 28 1.40 12.68 0.36
CA THR D 28 1.18 13.64 -0.73
C THR D 28 2.26 13.59 -1.82
N GLN D 29 2.09 14.41 -2.88
CA GLN D 29 3.02 14.62 -4.01
C GLN D 29 3.41 13.35 -4.76
N PHE D 30 2.52 12.35 -4.86
CA PHE D 30 2.85 11.11 -5.59
C PHE D 30 2.14 10.93 -6.95
N HIS D 31 2.72 10.11 -7.80
CA HIS D 31 2.22 9.80 -9.14
C HIS D 31 3.04 8.60 -9.68
N PRO D 32 2.43 7.48 -10.14
CA PRO D 32 1.00 7.15 -10.30
C PRO D 32 0.14 6.98 -9.04
N PRO D 33 -1.21 6.97 -9.21
CA PRO D 33 -2.11 6.87 -8.04
C PRO D 33 -2.08 5.56 -7.26
N HIS D 34 -1.55 4.49 -7.86
CA HIS D 34 -1.43 3.24 -7.14
C HIS D 34 -0.32 3.36 -6.10
N ILE D 35 -0.72 3.11 -4.85
CA ILE D 35 0.10 3.15 -3.66
C ILE D 35 -0.45 2.13 -2.65
N GLU D 36 0.41 1.63 -1.76
CA GLU D 36 0.08 0.71 -0.66
C GLU D 36 0.49 1.46 0.61
N ILE D 37 -0.42 1.58 1.60
CA ILE D 37 -0.11 2.27 2.88
C ILE D 37 -0.41 1.41 4.09
N GLN D 38 0.61 1.22 4.95
CA GLN D 38 0.50 0.44 6.18
C GLN D 38 0.79 1.27 7.40
N MET D 39 0.04 1.02 8.45
CA MET D 39 0.23 1.68 9.72
C MET D 39 0.67 0.59 10.70
N LEU D 40 1.81 0.84 11.38
CA LEU D 40 2.46 -0.15 12.24
C LEU D 40 2.49 0.18 13.71
N LYS D 41 2.25 -0.84 14.55
CA LYS D 41 2.39 -0.71 15.99
C LYS D 41 3.47 -1.72 16.38
N ASN D 42 4.63 -1.19 16.81
CA ASN D 42 5.80 -1.97 17.25
C ASN D 42 6.26 -2.94 16.15
N GLY D 43 6.31 -2.41 14.92
CA GLY D 43 6.74 -3.12 13.73
C GLY D 43 5.70 -4.05 13.14
N LYS D 44 4.50 -4.10 13.73
CA LYS D 44 3.44 -5.01 13.26
C LYS D 44 2.24 -4.24 12.70
N LYS D 45 1.79 -4.62 11.50
CA LYS D 45 0.71 -3.94 10.83
C LYS D 45 -0.64 -3.89 11.57
N ILE D 46 -1.27 -2.70 11.59
CA ILE D 46 -2.57 -2.49 12.23
C ILE D 46 -3.64 -2.92 11.23
N PRO D 47 -4.45 -3.95 11.55
CA PRO D 47 -5.49 -4.39 10.59
C PRO D 47 -6.66 -3.41 10.62
N LYS D 48 -7.25 -3.14 9.46
CA LYS D 48 -8.37 -2.21 9.35
C LYS D 48 -7.96 -0.75 9.68
N VAL D 49 -7.44 -0.08 8.64
CA VAL D 49 -7.02 1.32 8.66
C VAL D 49 -7.96 2.06 7.69
N GLU D 50 -8.53 3.18 8.13
CA GLU D 50 -9.47 3.98 7.33
C GLU D 50 -8.73 4.84 6.31
N MET D 51 -9.22 4.89 5.09
CA MET D 51 -8.54 5.65 4.05
C MET D 51 -9.44 6.60 3.28
N SER D 52 -8.94 7.83 3.06
CA SER D 52 -9.63 8.85 2.28
C SER D 52 -9.75 8.35 0.83
N ASP D 53 -10.60 9.00 0.06
CA ASP D 53 -10.80 8.61 -1.32
C ASP D 53 -9.70 9.21 -2.16
N MET D 54 -9.49 8.67 -3.37
CA MET D 54 -8.44 9.15 -4.26
C MET D 54 -8.75 10.55 -4.82
N SER D 55 -7.95 11.52 -4.33
CA SER D 55 -7.99 12.95 -4.62
C SER D 55 -6.64 13.43 -5.16
N PHE D 56 -6.67 14.49 -5.97
CA PHE D 56 -5.49 15.09 -6.57
C PHE D 56 -5.43 16.60 -6.44
N SER D 57 -4.22 17.16 -6.63
CA SER D 57 -3.94 18.59 -6.47
C SER D 57 -3.72 19.32 -7.77
N LYS D 58 -3.71 20.68 -7.69
CA LYS D 58 -3.47 21.64 -8.77
C LYS D 58 -2.19 21.25 -9.58
N ASP D 59 -1.16 20.71 -8.89
CA ASP D 59 0.10 20.26 -9.51
C ASP D 59 0.03 18.84 -10.09
N TRP D 60 -1.22 18.29 -10.22
CA TRP D 60 -1.59 16.99 -10.82
C TRP D 60 -1.32 15.77 -10.00
N SER D 61 -0.53 15.91 -8.93
CA SER D 61 -0.14 14.80 -8.05
C SER D 61 -1.23 14.40 -7.07
N PHE D 62 -1.25 13.10 -6.73
CA PHE D 62 -2.22 12.46 -5.84
C PHE D 62 -1.84 12.56 -4.40
N TYR D 63 -2.86 12.47 -3.54
CA TYR D 63 -2.72 12.48 -2.10
C TYR D 63 -3.73 11.56 -1.43
N ILE D 64 -3.44 11.20 -0.17
CA ILE D 64 -4.27 10.33 0.66
C ILE D 64 -3.98 10.57 2.13
N LEU D 65 -5.04 10.38 2.96
CA LEU D 65 -4.97 10.45 4.40
C LEU D 65 -5.49 9.15 4.98
N ALA D 66 -4.59 8.38 5.58
CA ALA D 66 -4.88 7.12 6.26
C ALA D 66 -4.89 7.44 7.73
N HIS D 67 -5.70 6.73 8.48
CA HIS D 67 -5.79 6.92 9.91
C HIS D 67 -6.30 5.69 10.60
N THR D 68 -6.06 5.63 11.91
CA THR D 68 -6.46 4.53 12.77
C THR D 68 -6.52 5.05 14.19
N GLU D 69 -7.29 4.36 15.04
CA GLU D 69 -7.42 4.70 16.46
C GLU D 69 -6.15 4.18 17.12
N PHE D 70 -5.65 4.88 18.15
CA PHE D 70 -4.41 4.50 18.82
C PHE D 70 -4.33 5.17 20.18
N THR D 71 -3.72 4.50 21.16
CA THR D 71 -3.58 5.11 22.47
C THR D 71 -2.11 5.28 22.79
N PRO D 72 -1.59 6.55 22.70
CA PRO D 72 -0.17 6.78 22.99
C PRO D 72 0.17 6.42 24.44
N THR D 73 1.30 5.71 24.59
CA THR D 73 1.89 5.27 25.87
C THR D 73 3.39 5.60 25.80
N GLU D 74 4.14 5.46 26.90
CA GLU D 74 5.57 5.79 26.79
C GLU D 74 6.38 4.77 26.02
N THR D 75 6.08 3.47 26.21
CA THR D 75 6.76 2.34 25.56
C THR D 75 6.38 2.07 24.10
N ASP D 76 5.15 2.42 23.69
CA ASP D 76 4.64 2.17 22.32
C ASP D 76 5.15 3.11 21.25
N THR D 77 5.57 2.53 20.11
CA THR D 77 6.05 3.27 18.94
C THR D 77 5.15 2.97 17.75
N TYR D 78 4.64 4.03 17.10
CA TYR D 78 3.76 3.99 15.93
C TYR D 78 4.51 4.50 14.69
N ALA D 79 4.20 3.92 13.50
CA ALA D 79 4.82 4.28 12.22
C ALA D 79 3.89 4.11 11.05
N CYS D 80 4.44 4.34 9.85
CA CYS D 80 3.71 4.29 8.59
C CYS D 80 4.70 3.94 7.49
N ARG D 81 4.47 2.77 6.87
CA ARG D 81 5.25 2.21 5.78
C ARG D 81 4.48 2.44 4.50
N VAL D 82 5.20 2.89 3.44
CA VAL D 82 4.62 3.27 2.16
C VAL D 82 5.37 2.67 0.98
N LYS D 83 4.68 1.83 0.18
CA LYS D 83 5.21 1.23 -1.04
C LYS D 83 4.63 2.01 -2.24
N HIS D 84 5.53 2.46 -3.13
CA HIS D 84 5.24 3.21 -4.34
C HIS D 84 6.33 2.96 -5.39
N ALA D 85 5.88 2.85 -6.61
CA ALA D 85 6.54 2.59 -7.87
C ALA D 85 7.75 3.52 -8.15
N SER D 86 7.67 4.75 -7.68
CA SER D 86 8.72 5.77 -7.82
C SER D 86 9.91 5.49 -6.90
N MET D 87 9.68 4.70 -5.80
CA MET D 87 10.64 4.32 -4.76
C MET D 87 11.19 2.92 -4.97
N ALA D 88 12.51 2.76 -4.76
CA ALA D 88 13.21 1.48 -4.88
C ALA D 88 12.80 0.55 -3.76
N GLU D 89 12.80 1.09 -2.54
CA GLU D 89 12.44 0.42 -1.28
C GLU D 89 11.32 1.19 -0.54
N PRO D 90 10.55 0.54 0.38
CA PRO D 90 9.49 1.28 1.09
C PRO D 90 9.99 2.24 2.17
N LYS D 91 9.41 3.47 2.18
CA LYS D 91 9.70 4.53 3.16
C LYS D 91 8.82 4.25 4.40
N THR D 92 9.46 4.22 5.60
CA THR D 92 8.80 3.98 6.88
C THR D 92 9.07 5.19 7.74
N VAL D 93 8.00 5.87 8.19
CA VAL D 93 8.09 7.10 8.99
C VAL D 93 7.43 6.86 10.33
N TYR D 94 8.13 7.21 11.39
CA TYR D 94 7.75 7.06 12.78
C TYR D 94 7.00 8.23 13.31
N TRP D 95 6.07 7.96 14.21
CA TRP D 95 5.34 9.03 14.84
C TRP D 95 6.25 9.68 15.93
N ASP D 96 6.35 11.04 15.95
CA ASP D 96 7.10 11.80 16.95
C ASP D 96 6.09 12.77 17.55
N ARG D 97 5.83 12.64 18.88
CA ARG D 97 4.89 13.50 19.60
C ARG D 97 5.33 14.98 19.61
N ASP D 98 6.50 15.28 19.06
CA ASP D 98 6.99 16.65 19.00
C ASP D 98 6.95 17.25 17.57
N MET D 99 6.30 16.53 16.61
CA MET D 99 6.17 16.94 15.21
C MET D 99 4.87 16.48 14.50
N GLY E 1 -12.35 0.88 41.68
CA GLY E 1 -13.53 0.80 42.54
C GLY E 1 -14.26 -0.53 42.46
N PRO E 2 -15.62 -0.60 42.62
CA PRO E 2 -16.30 -1.90 42.51
C PRO E 2 -16.43 -2.33 41.04
N HIS E 3 -16.45 -3.65 40.81
CA HIS E 3 -16.50 -4.15 39.45
C HIS E 3 -17.67 -5.13 39.27
N SER E 4 -18.30 -5.11 38.09
CA SER E 4 -19.43 -5.99 37.86
C SER E 4 -19.36 -6.67 36.50
N MET E 5 -20.09 -7.77 36.39
CA MET E 5 -20.31 -8.47 35.16
C MET E 5 -21.78 -8.81 35.13
N ARG E 6 -22.48 -8.41 34.05
CA ARG E 6 -23.87 -8.73 33.88
C ARG E 6 -24.12 -9.26 32.50
N TYR E 7 -25.18 -10.08 32.34
CA TYR E 7 -25.71 -10.54 31.07
C TYR E 7 -27.19 -10.24 31.13
N PHE E 8 -27.61 -9.35 30.24
CA PHE E 8 -28.97 -8.88 30.10
C PHE E 8 -29.56 -9.59 28.88
N GLU E 9 -30.41 -10.62 29.11
CA GLU E 9 -31.04 -11.44 28.07
C GLU E 9 -32.54 -11.12 27.87
N THR E 10 -33.03 -11.23 26.63
CA THR E 10 -34.43 -10.95 26.26
C THR E 10 -34.94 -11.96 25.20
N ALA E 11 -36.17 -12.42 25.39
CA ALA E 11 -36.90 -13.28 24.47
C ALA E 11 -38.23 -12.63 24.26
N VAL E 12 -38.48 -12.27 23.02
CA VAL E 12 -39.71 -11.62 22.62
C VAL E 12 -40.35 -12.58 21.61
N SER E 13 -41.44 -13.25 22.04
CA SER E 13 -42.20 -14.19 21.21
C SER E 13 -42.83 -13.45 20.03
N ARG E 14 -42.73 -13.98 18.79
CA ARG E 14 -43.29 -13.34 17.60
C ARG E 14 -44.56 -14.09 17.14
N PRO E 15 -45.81 -13.54 17.33
CA PRO E 15 -47.03 -14.27 16.87
C PRO E 15 -46.95 -14.84 15.45
N GLY E 16 -47.37 -16.11 15.32
CA GLY E 16 -47.31 -16.85 14.06
C GLY E 16 -46.08 -17.74 13.94
N LEU E 17 -44.89 -17.14 14.19
CA LEU E 17 -43.59 -17.81 14.17
C LEU E 17 -43.41 -18.61 15.48
N GLU E 18 -42.98 -19.87 15.36
CA GLU E 18 -42.76 -20.75 16.53
C GLU E 18 -41.45 -20.39 17.27
N GLU E 19 -40.58 -19.55 16.62
CA GLU E 19 -39.31 -19.07 17.16
C GLU E 19 -39.34 -17.59 17.57
N PRO E 20 -39.03 -17.27 18.84
CA PRO E 20 -38.99 -15.87 19.29
C PRO E 20 -37.71 -15.14 18.89
N ARG E 21 -37.58 -13.84 19.25
CA ARG E 21 -36.34 -13.12 18.99
C ARG E 21 -35.55 -13.11 20.30
N TYR E 22 -34.25 -13.48 20.20
CA TYR E 22 -33.36 -13.58 21.34
C TYR E 22 -32.18 -12.66 21.24
N ILE E 23 -32.07 -11.73 22.19
CA ILE E 23 -30.94 -10.81 22.34
C ILE E 23 -30.25 -11.12 23.67
N SER E 24 -28.92 -11.05 23.72
CA SER E 24 -28.17 -11.17 24.97
C SER E 24 -27.07 -10.12 24.92
N VAL E 25 -26.84 -9.42 26.03
CA VAL E 25 -25.87 -8.34 26.09
C VAL E 25 -25.05 -8.50 27.38
N GLY E 26 -23.75 -8.59 27.21
CA GLY E 26 -22.82 -8.71 28.31
C GLY E 26 -22.33 -7.34 28.63
N TYR E 27 -22.06 -7.11 29.93
CA TYR E 27 -21.60 -5.81 30.44
C TYR E 27 -20.51 -6.00 31.45
N VAL E 28 -19.43 -5.24 31.32
CA VAL E 28 -18.37 -5.20 32.33
C VAL E 28 -18.30 -3.75 32.81
N ASP E 29 -18.55 -3.53 34.12
CA ASP E 29 -18.58 -2.23 34.80
C ASP E 29 -19.55 -1.30 34.07
N ASN E 30 -20.75 -1.79 33.80
CA ASN E 30 -21.83 -1.06 33.10
C ASN E 30 -21.55 -0.74 31.62
N LYS E 31 -20.41 -1.25 31.07
CA LYS E 31 -20.00 -1.03 29.67
C LYS E 31 -20.21 -2.28 28.83
N GLU E 32 -20.97 -2.16 27.72
CA GLU E 32 -21.29 -3.26 26.81
C GLU E 32 -20.03 -3.84 26.15
N PHE E 33 -19.88 -5.18 26.16
CA PHE E 33 -18.68 -5.80 25.61
C PHE E 33 -18.89 -6.95 24.64
N VAL E 34 -20.03 -7.65 24.74
CA VAL E 34 -20.43 -8.79 23.89
C VAL E 34 -21.93 -8.63 23.55
N ARG E 35 -22.35 -9.10 22.37
CA ARG E 35 -23.74 -9.02 21.98
C ARG E 35 -24.16 -10.13 20.99
N PHE E 36 -25.33 -10.74 21.28
CA PHE E 36 -25.97 -11.77 20.49
C PHE E 36 -27.38 -11.32 20.06
N ASP E 37 -27.69 -11.43 18.79
CA ASP E 37 -29.01 -11.13 18.23
C ASP E 37 -29.38 -12.27 17.27
N SER E 38 -30.55 -12.88 17.46
CA SER E 38 -30.98 -14.00 16.64
C SER E 38 -31.56 -13.55 15.31
N ASP E 39 -31.69 -12.20 15.13
CA ASP E 39 -32.24 -11.51 13.96
C ASP E 39 -31.21 -11.05 12.95
N ALA E 40 -29.95 -11.51 13.10
CA ALA E 40 -28.89 -11.17 12.15
C ALA E 40 -28.74 -12.29 11.09
N GLU E 41 -28.02 -12.03 9.96
CA GLU E 41 -27.84 -12.99 8.86
C GLU E 41 -27.29 -14.35 9.33
N ASN E 42 -26.07 -14.33 9.92
CA ASN E 42 -25.47 -15.51 10.55
C ASN E 42 -25.31 -15.13 12.04
N PRO E 43 -26.29 -15.57 12.89
CA PRO E 43 -26.27 -15.16 14.31
C PRO E 43 -25.10 -15.70 15.13
N ARG E 44 -24.35 -14.78 15.77
CA ARG E 44 -23.24 -15.09 16.66
C ARG E 44 -22.92 -14.00 17.67
N TYR E 45 -22.17 -14.35 18.74
CA TYR E 45 -21.73 -13.38 19.75
C TYR E 45 -20.63 -12.57 19.11
N GLU E 46 -20.68 -11.23 19.23
CA GLU E 46 -19.75 -10.31 18.59
C GLU E 46 -19.02 -9.40 19.60
N PRO E 47 -17.72 -9.09 19.41
CA PRO E 47 -17.05 -8.14 20.33
C PRO E 47 -17.66 -6.75 20.24
N ARG E 48 -17.83 -6.07 21.40
CA ARG E 48 -18.45 -4.74 21.45
C ARG E 48 -17.57 -3.74 22.19
N ALA E 49 -16.36 -4.17 22.57
CA ALA E 49 -15.30 -3.38 23.20
C ALA E 49 -14.00 -3.69 22.44
N PRO E 50 -13.03 -2.74 22.31
CA PRO E 50 -11.79 -3.04 21.55
C PRO E 50 -10.97 -4.21 22.09
N TRP E 51 -10.87 -4.27 23.42
CA TRP E 51 -10.13 -5.28 24.15
C TRP E 51 -10.72 -6.71 24.09
N MET E 52 -11.87 -6.89 23.39
CA MET E 52 -12.47 -8.23 23.24
C MET E 52 -11.90 -8.99 22.03
N GLU E 53 -11.36 -8.25 21.04
CA GLU E 53 -10.76 -8.77 19.81
C GLU E 53 -9.63 -9.76 20.07
N GLN E 54 -8.94 -9.60 21.22
CA GLN E 54 -7.86 -10.46 21.68
C GLN E 54 -8.30 -11.88 22.15
N GLU E 55 -9.62 -12.18 22.23
CA GLU E 55 -10.11 -13.53 22.56
C GLU E 55 -10.00 -14.32 21.27
N GLY E 56 -9.77 -15.62 21.40
CA GLY E 56 -9.63 -16.49 20.23
C GLY E 56 -10.92 -16.91 19.53
N PRO E 57 -10.84 -17.49 18.30
CA PRO E 57 -12.07 -17.94 17.62
C PRO E 57 -12.83 -19.01 18.36
N GLU E 58 -12.20 -19.78 19.32
CA GLU E 58 -12.92 -20.81 20.12
C GLU E 58 -13.89 -20.16 21.09
N TYR E 59 -13.45 -19.08 21.83
CA TYR E 59 -14.27 -18.29 22.75
C TYR E 59 -15.62 -17.97 22.08
N TRP E 60 -15.57 -17.32 20.89
CA TRP E 60 -16.72 -16.92 20.09
C TRP E 60 -17.61 -18.09 19.70
N GLU E 61 -17.00 -19.28 19.46
CA GLU E 61 -17.75 -20.53 19.14
C GLU E 61 -18.48 -21.00 20.37
N ARG E 62 -17.77 -21.19 21.50
CA ARG E 62 -18.32 -21.61 22.79
C ARG E 62 -19.53 -20.73 23.20
N GLU E 63 -19.35 -19.38 23.17
CA GLU E 63 -20.36 -18.39 23.50
C GLU E 63 -21.60 -18.58 22.62
N THR E 64 -21.40 -18.47 21.29
CA THR E 64 -22.44 -18.66 20.27
C THR E 64 -23.22 -19.97 20.44
N GLN E 65 -22.56 -21.06 20.88
CA GLN E 65 -23.23 -22.35 21.12
C GLN E 65 -24.17 -22.26 22.31
N LYS E 66 -23.75 -21.56 23.37
CA LYS E 66 -24.57 -21.39 24.55
C LYS E 66 -25.80 -20.57 24.18
N ALA E 67 -25.61 -19.51 23.34
CA ALA E 67 -26.71 -18.65 22.90
C ALA E 67 -27.80 -19.50 22.26
N LYS E 68 -27.43 -20.37 21.27
CA LYS E 68 -28.28 -21.32 20.55
C LYS E 68 -29.13 -22.17 21.47
N GLY E 69 -28.57 -22.54 22.63
CA GLY E 69 -29.23 -23.29 23.68
C GLY E 69 -30.15 -22.44 24.56
N GLN E 70 -29.78 -21.16 24.81
CA GLN E 70 -30.61 -20.23 25.61
C GLN E 70 -31.89 -19.88 24.84
N GLU E 71 -31.79 -19.75 23.51
CA GLU E 71 -32.94 -19.51 22.63
C GLU E 71 -34.01 -20.52 22.94
N GLN E 72 -33.61 -21.80 22.97
CA GLN E 72 -34.49 -22.93 23.26
C GLN E 72 -35.05 -22.83 24.63
N TRP E 73 -34.26 -22.34 25.60
CA TRP E 73 -34.71 -22.21 26.98
C TRP E 73 -35.82 -21.18 27.09
N PHE E 74 -35.58 -20.01 26.51
CA PHE E 74 -36.50 -18.90 26.48
C PHE E 74 -37.76 -19.22 25.71
N ARG E 75 -37.66 -19.95 24.59
CA ARG E 75 -38.82 -20.39 23.79
C ARG E 75 -39.72 -21.39 24.57
N VAL E 76 -39.14 -22.32 25.35
CA VAL E 76 -39.92 -23.30 26.14
C VAL E 76 -40.50 -22.55 27.36
N SER E 77 -39.66 -21.70 28.00
CA SER E 77 -40.06 -20.93 29.16
C SER E 77 -41.21 -19.99 28.81
N LEU E 78 -41.14 -19.38 27.62
CA LEU E 78 -42.17 -18.48 27.08
C LEU E 78 -43.49 -19.19 26.85
N ARG E 79 -43.43 -20.47 26.45
CA ARG E 79 -44.58 -21.33 26.17
C ARG E 79 -45.27 -21.75 27.47
N ASN E 80 -44.50 -22.12 28.49
CA ASN E 80 -44.96 -22.54 29.80
C ASN E 80 -45.72 -21.45 30.54
N LEU E 81 -45.20 -20.19 30.49
CA LEU E 81 -45.76 -18.98 31.11
C LEU E 81 -47.13 -18.58 30.57
N LEU E 82 -47.34 -18.81 29.27
CA LEU E 82 -48.61 -18.55 28.57
C LEU E 82 -49.71 -19.43 29.22
N GLY E 83 -49.33 -20.64 29.62
CA GLY E 83 -50.20 -21.60 30.29
C GLY E 83 -50.57 -21.15 31.68
N TYR E 84 -49.54 -20.68 32.45
CA TYR E 84 -49.71 -20.20 33.83
C TYR E 84 -50.59 -18.95 33.92
N TYR E 85 -50.46 -18.00 32.96
CA TYR E 85 -51.15 -16.74 32.97
C TYR E 85 -52.35 -16.76 32.03
N ASN E 86 -52.65 -17.93 31.42
CA ASN E 86 -53.75 -18.14 30.47
C ASN E 86 -53.85 -17.05 29.43
N GLN E 87 -52.80 -16.95 28.63
CA GLN E 87 -52.66 -15.94 27.57
C GLN E 87 -52.69 -16.59 26.16
N SER E 88 -52.57 -15.76 25.11
CA SER E 88 -52.60 -16.15 23.71
C SER E 88 -51.35 -15.79 22.98
N ALA E 89 -50.89 -16.73 22.12
CA ALA E 89 -49.74 -16.51 21.23
C ALA E 89 -50.04 -15.45 20.11
N GLY E 90 -51.26 -14.91 20.08
CA GLY E 90 -51.65 -13.89 19.12
C GLY E 90 -50.95 -12.57 19.37
N GLY E 91 -50.47 -12.41 20.61
CA GLY E 91 -49.73 -11.25 21.05
C GLY E 91 -48.30 -11.59 21.42
N SER E 92 -47.46 -10.55 21.47
CA SER E 92 -46.07 -10.71 21.82
C SER E 92 -45.90 -10.72 23.35
N HIS E 93 -44.97 -11.53 23.85
CA HIS E 93 -44.71 -11.64 25.28
C HIS E 93 -43.23 -11.54 25.54
N THR E 94 -42.85 -10.79 26.59
CA THR E 94 -41.48 -10.48 26.93
C THR E 94 -40.96 -11.25 28.12
N LEU E 95 -39.86 -11.97 27.92
CA LEU E 95 -39.16 -12.67 28.99
C LEU E 95 -37.73 -12.09 29.08
N GLN E 96 -37.35 -11.58 30.25
CA GLN E 96 -36.02 -11.03 30.50
C GLN E 96 -35.28 -11.66 31.72
N GLN E 97 -33.92 -11.62 31.65
CA GLN E 97 -33.02 -12.13 32.69
C GLN E 97 -31.86 -11.14 32.93
N MET E 98 -31.38 -11.06 34.18
CA MET E 98 -30.20 -10.31 34.61
C MET E 98 -29.37 -11.29 35.43
N SER E 99 -28.15 -11.53 35.00
CA SER E 99 -27.27 -12.54 35.58
C SER E 99 -25.88 -11.90 35.78
N GLY E 100 -25.17 -12.30 36.83
CA GLY E 100 -23.83 -11.76 37.06
C GLY E 100 -23.27 -11.70 38.46
N CYS E 101 -22.16 -10.97 38.64
CA CYS E 101 -21.47 -10.85 39.92
C CYS E 101 -20.87 -9.50 40.13
N ASP E 102 -20.82 -9.06 41.41
CA ASP E 102 -20.21 -7.81 41.83
C ASP E 102 -18.98 -8.15 42.65
N LEU E 103 -17.86 -7.45 42.39
CA LEU E 103 -16.55 -7.60 43.08
C LEU E 103 -16.13 -6.34 43.82
N GLY E 104 -15.51 -6.54 44.99
CA GLY E 104 -15.13 -5.44 45.88
C GLY E 104 -13.75 -4.83 45.83
N SER E 105 -13.31 -4.29 44.64
CA SER E 105 -12.03 -3.52 44.43
C SER E 105 -10.70 -4.28 44.66
N ASP E 106 -10.66 -5.15 45.70
CA ASP E 106 -9.57 -6.07 45.96
C ASP E 106 -9.72 -7.16 44.89
N TRP E 107 -10.98 -7.29 44.35
CA TRP E 107 -11.51 -8.15 43.28
C TRP E 107 -12.18 -9.41 43.80
N ARG E 108 -12.50 -9.43 45.11
CA ARG E 108 -13.19 -10.56 45.71
C ARG E 108 -14.68 -10.42 45.57
N LEU E 109 -15.40 -11.55 45.51
CA LEU E 109 -16.86 -11.56 45.35
C LEU E 109 -17.63 -10.88 46.48
N LEU E 110 -18.61 -9.98 46.13
CA LEU E 110 -19.55 -9.35 47.08
C LEU E 110 -20.87 -10.14 47.03
N ARG E 111 -21.36 -10.40 45.80
CA ARG E 111 -22.59 -11.18 45.59
C ARG E 111 -22.84 -11.61 44.16
N GLY E 112 -23.44 -12.78 44.07
CA GLY E 112 -23.96 -13.33 42.83
C GLY E 112 -25.32 -12.69 42.60
N TYR E 113 -25.70 -12.55 41.34
CA TYR E 113 -26.96 -11.92 40.99
C TYR E 113 -27.73 -12.69 39.91
N LEU E 114 -28.98 -13.09 40.21
CA LEU E 114 -29.88 -13.76 39.25
C LEU E 114 -31.35 -13.31 39.41
N GLN E 115 -31.90 -12.71 38.38
CA GLN E 115 -33.25 -12.13 38.33
C GLN E 115 -33.96 -12.49 37.03
N PHE E 116 -35.30 -12.60 37.08
CA PHE E 116 -36.15 -12.82 35.92
C PHE E 116 -37.37 -11.90 35.98
N ALA E 117 -37.91 -11.57 34.80
CA ALA E 117 -39.05 -10.70 34.58
C ALA E 117 -39.79 -11.13 33.39
N TYR E 118 -41.11 -11.02 33.48
CA TYR E 118 -42.07 -11.32 32.43
C TYR E 118 -42.99 -10.15 32.35
N GLU E 119 -43.27 -9.72 31.12
CA GLU E 119 -44.11 -8.57 30.77
C GLU E 119 -43.64 -7.33 31.53
N GLY E 120 -42.31 -7.16 31.60
CA GLY E 120 -41.60 -6.07 32.27
C GLY E 120 -41.77 -5.99 33.77
N ARG E 121 -42.31 -7.05 34.38
CA ARG E 121 -42.53 -7.15 35.82
C ARG E 121 -41.67 -8.27 36.34
N ASP E 122 -41.17 -8.13 37.59
CA ASP E 122 -40.44 -9.12 38.38
C ASP E 122 -41.26 -10.41 38.40
N TYR E 123 -40.59 -11.56 38.16
CA TYR E 123 -41.25 -12.86 38.11
C TYR E 123 -40.70 -13.79 39.18
N ILE E 124 -39.40 -14.02 39.15
CA ILE E 124 -38.70 -14.88 40.10
C ILE E 124 -37.24 -14.39 40.20
N ALA E 125 -36.65 -14.46 41.41
CA ALA E 125 -35.27 -14.05 41.67
C ALA E 125 -34.61 -15.04 42.64
N LEU E 126 -33.30 -15.10 42.60
CA LEU E 126 -32.51 -15.92 43.50
C LEU E 126 -32.11 -14.94 44.62
N ASN E 127 -32.18 -15.39 45.89
CA ASN E 127 -31.81 -14.50 46.99
C ASN E 127 -30.27 -14.40 47.12
N GLU E 128 -29.76 -13.44 47.91
CA GLU E 128 -28.32 -13.26 48.11
C GLU E 128 -27.60 -14.51 48.63
N ASP E 129 -28.30 -15.38 49.40
CA ASP E 129 -27.73 -16.64 49.90
C ASP E 129 -27.25 -17.53 48.76
N LEU E 130 -27.99 -17.48 47.62
CA LEU E 130 -27.84 -18.21 46.34
C LEU E 130 -28.36 -19.65 46.47
N LYS E 131 -29.25 -19.85 47.45
CA LYS E 131 -29.90 -21.14 47.79
C LYS E 131 -31.43 -20.98 47.72
N THR E 132 -31.98 -19.78 48.04
CA THR E 132 -33.44 -19.58 48.01
C THR E 132 -33.99 -18.68 46.88
N TRP E 133 -35.25 -18.91 46.53
CA TRP E 133 -36.00 -18.25 45.47
C TRP E 133 -37.13 -17.46 46.06
N THR E 134 -37.48 -16.33 45.43
CA THR E 134 -38.58 -15.44 45.83
C THR E 134 -39.41 -15.24 44.59
N ALA E 135 -40.66 -15.71 44.63
CA ALA E 135 -41.60 -15.63 43.51
C ALA E 135 -42.49 -14.40 43.66
N ALA E 136 -42.78 -13.68 42.52
CA ALA E 136 -43.59 -12.45 42.49
C ALA E 136 -45.08 -12.62 42.73
N ASP E 137 -45.70 -13.69 42.17
CA ASP E 137 -47.12 -13.98 42.27
C ASP E 137 -47.42 -15.50 42.31
N MET E 138 -48.73 -15.92 42.22
CA MET E 138 -49.14 -17.33 42.29
C MET E 138 -48.55 -18.18 41.17
N ALA E 139 -48.56 -17.67 39.90
CA ALA E 139 -47.96 -18.33 38.72
C ALA E 139 -46.44 -18.52 38.85
N ALA E 140 -45.76 -17.55 39.51
CA ALA E 140 -44.32 -17.57 39.79
C ALA E 140 -43.96 -18.64 40.85
N GLN E 141 -44.93 -19.01 41.72
CA GLN E 141 -44.75 -20.08 42.72
C GLN E 141 -44.57 -21.43 42.05
N ILE E 142 -45.19 -21.63 40.89
CA ILE E 142 -45.10 -22.87 40.12
C ILE E 142 -43.62 -23.11 39.75
N THR E 143 -42.95 -22.08 39.21
CA THR E 143 -41.54 -22.14 38.82
C THR E 143 -40.66 -22.37 40.06
N ARG E 144 -40.96 -21.71 41.18
CA ARG E 144 -40.21 -21.85 42.42
C ARG E 144 -40.17 -23.28 42.89
N ARG E 145 -41.35 -23.94 43.00
CA ARG E 145 -41.47 -25.34 43.43
C ARG E 145 -40.73 -26.26 42.42
N LYS E 146 -40.95 -26.01 41.12
CA LYS E 146 -40.29 -26.73 40.02
C LYS E 146 -38.76 -26.67 40.18
N TRP E 147 -38.21 -25.47 40.44
CA TRP E 147 -36.79 -25.20 40.61
C TRP E 147 -36.23 -25.67 41.95
N GLU E 148 -37.06 -25.75 42.99
CA GLU E 148 -36.61 -26.26 44.28
C GLU E 148 -36.38 -27.77 44.12
N GLN E 149 -37.32 -28.46 43.42
CA GLN E 149 -37.26 -29.91 43.17
C GLN E 149 -36.08 -30.37 42.30
N SER E 150 -35.74 -29.60 41.26
CA SER E 150 -34.64 -29.86 40.36
C SER E 150 -33.26 -29.44 40.92
N GLY E 151 -33.27 -28.68 42.01
CA GLY E 151 -32.07 -28.14 42.64
C GLY E 151 -31.33 -27.17 41.73
N ALA E 152 -32.08 -26.28 41.07
CA ALA E 152 -31.53 -25.29 40.13
C ALA E 152 -30.63 -24.21 40.77
N ALA E 153 -30.93 -23.78 42.00
CA ALA E 153 -30.17 -22.77 42.74
C ALA E 153 -28.71 -23.15 42.88
N GLU E 154 -28.43 -24.45 42.91
CA GLU E 154 -27.09 -25.02 43.08
C GLU E 154 -26.21 -24.76 41.87
N HIS E 155 -26.72 -25.05 40.67
CA HIS E 155 -25.97 -24.84 39.44
C HIS E 155 -25.66 -23.36 39.27
N TYR E 156 -26.65 -22.50 39.55
CA TYR E 156 -26.49 -21.06 39.42
C TYR E 156 -25.42 -20.58 40.37
N LYS E 157 -25.54 -20.94 41.68
CA LYS E 157 -24.57 -20.61 42.73
C LYS E 157 -23.17 -21.00 42.29
N ALA E 158 -23.01 -22.25 41.82
CA ALA E 158 -21.77 -22.79 41.31
C ALA E 158 -21.09 -21.85 40.29
N TYR E 159 -21.84 -21.40 39.27
CA TYR E 159 -21.33 -20.48 38.25
C TYR E 159 -21.09 -19.07 38.80
N LEU E 160 -22.09 -18.48 39.48
CA LEU E 160 -21.99 -17.10 39.94
C LEU E 160 -20.76 -16.82 40.83
N GLU E 161 -20.48 -17.72 41.80
CA GLU E 161 -19.35 -17.66 42.74
C GLU E 161 -17.99 -18.09 42.11
N GLY E 162 -18.03 -18.88 41.03
CA GLY E 162 -16.84 -19.42 40.38
C GLY E 162 -16.51 -18.88 39.01
N GLU E 163 -17.07 -19.50 37.96
CA GLU E 163 -16.85 -19.14 36.55
C GLU E 163 -16.99 -17.61 36.30
N CYS E 164 -18.13 -17.04 36.72
CA CYS E 164 -18.48 -15.64 36.58
C CYS E 164 -17.34 -14.72 37.05
N VAL E 165 -16.83 -14.96 38.27
CA VAL E 165 -15.71 -14.24 38.89
C VAL E 165 -14.41 -14.36 38.06
N GLU E 166 -13.96 -15.63 37.77
CA GLU E 166 -12.77 -16.00 37.00
C GLU E 166 -12.71 -15.29 35.66
N TRP E 167 -13.86 -15.09 35.01
CA TRP E 167 -13.98 -14.41 33.71
C TRP E 167 -13.92 -12.93 33.88
N LEU E 168 -14.47 -12.41 35.00
CA LEU E 168 -14.46 -10.96 35.27
C LEU E 168 -13.05 -10.48 35.53
N HIS E 169 -12.24 -11.25 36.29
CA HIS E 169 -10.82 -10.96 36.54
C HIS E 169 -10.09 -10.89 35.20
N ARG E 170 -10.38 -11.84 34.31
CA ARG E 170 -9.80 -11.89 32.96
C ARG E 170 -10.13 -10.66 32.10
N TYR E 171 -11.42 -10.26 32.09
CA TYR E 171 -11.94 -9.12 31.33
C TYR E 171 -11.38 -7.83 31.92
N LEU E 172 -11.30 -7.78 33.26
CA LEU E 172 -10.75 -6.64 33.99
C LEU E 172 -9.24 -6.44 33.68
N LYS E 173 -8.48 -7.54 33.49
CA LYS E 173 -7.06 -7.49 33.14
C LYS E 173 -6.90 -6.98 31.71
N ASN E 174 -7.53 -7.69 30.75
CA ASN E 174 -7.47 -7.40 29.32
C ASN E 174 -7.98 -6.00 28.89
N GLY E 175 -8.94 -5.44 29.61
CA GLY E 175 -9.49 -4.13 29.27
C GLY E 175 -9.19 -3.03 30.26
N ASN E 176 -8.14 -3.20 31.09
CA ASN E 176 -7.78 -2.24 32.14
C ASN E 176 -7.54 -0.80 31.68
N ALA E 177 -6.76 -0.61 30.59
CA ALA E 177 -6.45 0.73 30.07
C ALA E 177 -7.74 1.47 29.65
N THR E 178 -8.66 0.73 28.98
CA THR E 178 -9.95 1.19 28.49
C THR E 178 -10.89 1.51 29.65
N LEU E 179 -11.17 0.51 30.51
CA LEU E 179 -12.09 0.66 31.64
C LEU E 179 -11.70 1.79 32.63
N LEU E 180 -10.41 1.84 33.00
CA LEU E 180 -9.79 2.81 33.92
C LEU E 180 -9.91 4.26 33.40
N ARG E 181 -9.94 4.45 32.05
CA ARG E 181 -10.04 5.78 31.42
C ARG E 181 -11.35 6.55 31.65
N THR E 182 -11.22 7.91 31.65
CA THR E 182 -12.25 8.91 31.88
C THR E 182 -12.10 10.13 30.88
N ASP E 183 -13.23 10.78 30.53
CA ASP E 183 -13.30 12.00 29.72
C ASP E 183 -13.83 13.08 30.64
N SER E 184 -13.24 14.27 30.58
CA SER E 184 -13.57 15.35 31.49
C SER E 184 -14.78 16.19 31.10
N PRO E 185 -15.67 16.54 32.07
CA PRO E 185 -16.79 17.43 31.73
C PRO E 185 -16.33 18.87 31.41
N LYS E 186 -16.74 19.38 30.25
CA LYS E 186 -16.50 20.76 29.77
C LYS E 186 -17.79 21.45 30.14
N ALA E 187 -17.71 22.46 31.03
CA ALA E 187 -18.88 23.10 31.57
C ALA E 187 -19.01 24.59 31.32
N HIS E 188 -20.25 25.06 31.07
CA HIS E 188 -20.56 26.48 30.85
C HIS E 188 -21.91 26.83 31.45
N VAL E 189 -22.11 28.11 31.80
CA VAL E 189 -23.37 28.62 32.34
C VAL E 189 -24.06 29.49 31.27
N THR E 190 -25.38 29.25 31.06
CA THR E 190 -26.18 30.02 30.12
C THR E 190 -27.30 30.79 30.83
N HIS E 191 -27.80 31.85 30.17
CA HIS E 191 -28.82 32.77 30.66
C HIS E 191 -30.10 32.65 29.84
N HIS E 192 -31.28 32.54 30.50
CA HIS E 192 -32.59 32.43 29.80
C HIS E 192 -33.69 33.37 30.33
N PRO E 193 -34.28 34.21 29.40
CA PRO E 193 -35.31 35.21 29.79
C PRO E 193 -36.20 35.08 31.04
N ARG E 194 -37.17 34.13 31.06
CA ARG E 194 -38.09 33.84 32.19
C ARG E 194 -39.31 34.79 32.45
N SER E 195 -39.08 36.13 32.61
CA SER E 195 -40.10 37.16 32.93
C SER E 195 -40.74 36.93 34.33
N LYS E 196 -41.66 37.84 34.75
CA LYS E 196 -42.34 37.86 36.06
C LYS E 196 -41.39 38.39 37.16
N GLY E 197 -40.28 39.02 36.73
CA GLY E 197 -39.26 39.60 37.60
C GLY E 197 -38.11 38.67 37.99
N GLU E 198 -37.92 37.57 37.21
CA GLU E 198 -36.86 36.58 37.43
C GLU E 198 -36.15 36.18 36.10
N VAL E 199 -35.09 35.35 36.21
CA VAL E 199 -34.29 34.82 35.11
C VAL E 199 -33.82 33.36 35.35
N THR E 200 -33.54 32.61 34.26
CA THR E 200 -33.06 31.23 34.41
C THR E 200 -31.54 31.09 34.13
N LEU E 201 -30.84 30.42 35.07
CA LEU E 201 -29.42 30.08 34.98
C LEU E 201 -29.30 28.54 34.88
N ARG E 202 -28.73 28.08 33.75
CA ARG E 202 -28.59 26.65 33.43
C ARG E 202 -27.11 26.31 33.31
N CYS E 203 -26.69 25.36 34.13
CA CYS E 203 -25.32 24.88 34.16
C CYS E 203 -25.20 23.61 33.33
N TRP E 204 -24.39 23.66 32.27
CA TRP E 204 -24.20 22.55 31.37
C TRP E 204 -22.95 21.79 31.69
N ALA E 205 -22.99 20.45 31.59
CA ALA E 205 -21.84 19.57 31.77
C ALA E 205 -21.79 18.71 30.50
N LEU E 206 -20.72 18.85 29.68
CA LEU E 206 -20.67 18.16 28.40
C LEU E 206 -19.42 17.33 28.06
N GLY E 207 -19.63 16.22 27.37
CA GLY E 207 -18.59 15.33 26.86
C GLY E 207 -17.79 14.63 27.92
N PHE E 208 -18.45 14.11 28.95
CA PHE E 208 -17.84 13.41 30.07
C PHE E 208 -18.06 11.88 30.04
N TYR E 209 -17.12 11.16 30.64
CA TYR E 209 -17.15 9.70 30.75
C TYR E 209 -16.36 9.29 31.98
N PRO E 210 -16.84 8.39 32.91
CA PRO E 210 -18.15 7.69 32.97
C PRO E 210 -19.33 8.64 33.22
N ALA E 211 -20.58 8.13 33.13
CA ALA E 211 -21.82 8.91 33.30
C ALA E 211 -22.07 9.59 34.63
N ASP E 212 -21.58 9.01 35.73
CA ASP E 212 -21.78 9.47 37.11
C ASP E 212 -21.21 10.87 37.26
N ILE E 213 -22.05 11.82 37.71
CA ILE E 213 -21.69 13.23 37.90
C ILE E 213 -22.64 13.92 38.92
N THR E 214 -22.14 15.00 39.56
CA THR E 214 -22.94 15.77 40.48
C THR E 214 -22.81 17.25 40.11
N LEU E 215 -23.97 17.91 39.92
CA LEU E 215 -24.04 19.31 39.56
C LEU E 215 -24.82 20.01 40.65
N THR E 216 -24.32 21.17 41.11
CA THR E 216 -24.90 21.92 42.23
C THR E 216 -24.88 23.45 42.00
N TRP E 217 -25.88 24.17 42.56
CA TRP E 217 -25.93 25.64 42.49
C TRP E 217 -25.77 26.18 43.91
N GLN E 218 -25.04 27.30 44.06
CA GLN E 218 -24.83 27.89 45.39
C GLN E 218 -24.94 29.40 45.52
N LEU E 219 -25.78 29.84 46.49
CA LEU E 219 -25.97 31.25 46.85
C LEU E 219 -25.08 31.53 48.08
N ASN E 220 -24.07 32.43 47.90
CA ASN E 220 -23.12 32.88 48.93
C ASN E 220 -22.37 31.74 49.69
N GLY E 221 -22.53 30.49 49.24
CA GLY E 221 -21.93 29.31 49.86
C GLY E 221 -22.94 28.34 50.44
N GLU E 222 -24.24 28.52 50.11
CA GLU E 222 -25.33 27.66 50.57
C GLU E 222 -25.86 26.81 49.40
N GLU E 223 -25.93 25.46 49.58
CA GLU E 223 -26.40 24.50 48.57
C GLU E 223 -27.93 24.43 48.43
N LEU E 224 -28.42 24.67 47.19
CA LEU E 224 -29.84 24.67 46.82
C LEU E 224 -30.34 23.27 46.39
N THR E 225 -31.29 22.70 47.17
CA THR E 225 -31.91 21.38 46.89
C THR E 225 -33.35 21.49 46.32
N GLN E 226 -33.95 22.68 46.47
CA GLN E 226 -35.26 23.10 45.94
C GLN E 226 -34.98 24.20 44.91
N ASP E 227 -35.94 24.50 43.99
CA ASP E 227 -35.79 25.51 42.90
C ASP E 227 -34.67 25.08 41.90
N MET E 228 -34.22 23.83 42.04
CA MET E 228 -33.17 23.25 41.22
C MET E 228 -33.72 22.25 40.23
N GLU E 229 -33.89 22.67 38.96
CA GLU E 229 -34.37 21.80 37.89
C GLU E 229 -33.18 21.02 37.34
N LEU E 230 -33.40 19.74 37.07
CA LEU E 230 -32.36 18.80 36.63
C LEU E 230 -32.86 17.93 35.47
N VAL E 231 -32.01 17.71 34.44
CA VAL E 231 -32.30 16.83 33.30
C VAL E 231 -31.61 15.46 33.55
N GLU E 232 -32.22 14.36 33.11
CA GLU E 232 -31.67 13.01 33.26
C GLU E 232 -30.45 12.83 32.34
N THR E 233 -29.29 12.35 32.89
CA THR E 233 -28.05 12.10 32.15
C THR E 233 -28.38 11.30 30.91
N ARG E 234 -27.90 11.78 29.74
CA ARG E 234 -28.17 11.24 28.41
C ARG E 234 -26.88 10.99 27.62
N PRO E 235 -26.91 10.04 26.66
CA PRO E 235 -25.73 9.81 25.83
C PRO E 235 -25.61 10.81 24.69
N ALA E 236 -24.38 11.33 24.44
CA ALA E 236 -24.12 12.26 23.32
C ALA E 236 -24.07 11.47 22.00
N GLY E 237 -23.89 10.17 22.10
CA GLY E 237 -23.81 9.31 20.92
C GLY E 237 -22.40 8.84 20.64
N ASP E 238 -21.39 9.69 20.92
CA ASP E 238 -19.95 9.49 20.72
C ASP E 238 -19.26 8.89 21.96
N GLY E 239 -19.96 8.07 22.72
CA GLY E 239 -19.42 7.46 23.94
C GLY E 239 -19.42 8.37 25.16
N THR E 240 -19.71 9.67 24.99
CA THR E 240 -19.76 10.64 26.09
C THR E 240 -21.20 11.01 26.51
N PHE E 241 -21.33 11.65 27.68
CA PHE E 241 -22.59 12.06 28.28
C PHE E 241 -22.68 13.54 28.53
N GLN E 242 -23.95 14.01 28.69
CA GLN E 242 -24.34 15.39 28.97
C GLN E 242 -25.36 15.41 30.09
N LYS E 243 -25.46 16.53 30.77
CA LYS E 243 -26.41 16.76 31.85
C LYS E 243 -26.40 18.25 32.13
N TRP E 244 -27.58 18.83 32.38
CA TRP E 244 -27.64 20.21 32.84
C TRP E 244 -28.48 20.29 34.07
N ALA E 245 -28.21 21.33 34.85
CA ALA E 245 -28.92 21.59 36.08
C ALA E 245 -29.16 23.07 36.07
N SER E 246 -30.41 23.46 36.28
CA SER E 246 -30.79 24.87 36.26
C SER E 246 -31.40 25.40 37.56
N VAL E 247 -31.42 26.76 37.68
CA VAL E 247 -31.93 27.51 38.82
C VAL E 247 -32.61 28.84 38.38
N VAL E 248 -33.79 29.13 38.97
CA VAL E 248 -34.51 30.37 38.69
C VAL E 248 -34.31 31.39 39.81
N VAL E 249 -33.46 32.40 39.49
CA VAL E 249 -32.98 33.46 40.37
C VAL E 249 -33.45 34.87 39.96
N PRO E 250 -33.55 35.86 40.90
CA PRO E 250 -33.95 37.22 40.47
C PRO E 250 -32.86 37.90 39.63
N LEU E 251 -33.27 38.70 38.61
CA LEU E 251 -32.40 39.45 37.68
C LEU E 251 -31.36 40.32 38.39
N GLY E 252 -30.32 40.73 37.64
CA GLY E 252 -29.23 41.57 38.13
C GLY E 252 -28.23 40.84 39.03
N LYS E 253 -28.75 40.12 40.07
CA LYS E 253 -27.95 39.34 41.02
C LYS E 253 -27.67 37.89 40.53
N GLU E 254 -27.08 37.80 39.32
CA GLU E 254 -26.75 36.54 38.65
C GLU E 254 -25.41 35.97 39.18
N GLN E 255 -24.38 36.84 39.31
CA GLN E 255 -23.02 36.51 39.78
C GLN E 255 -22.93 36.23 41.28
N ASN E 256 -24.08 36.22 41.98
CA ASN E 256 -24.20 35.92 43.41
C ASN E 256 -24.33 34.40 43.57
N TYR E 257 -24.64 33.71 42.45
CA TYR E 257 -24.87 32.27 42.34
C TYR E 257 -23.75 31.59 41.58
N THR E 258 -23.26 30.49 42.16
CA THR E 258 -22.15 29.73 41.63
C THR E 258 -22.53 28.29 41.40
N CYS E 259 -21.96 27.72 40.35
CA CYS E 259 -22.15 26.33 40.05
C CYS E 259 -20.88 25.46 40.29
N ARG E 260 -21.08 24.20 40.71
CA ARG E 260 -19.98 23.28 40.94
C ARG E 260 -20.21 21.97 40.18
N VAL E 261 -19.16 21.44 39.53
CA VAL E 261 -19.20 20.17 38.78
C VAL E 261 -18.22 19.17 39.40
N TYR E 262 -18.74 18.02 39.84
CA TYR E 262 -17.93 16.96 40.43
C TYR E 262 -17.92 15.78 39.51
N HIS E 263 -16.74 15.36 39.13
CA HIS E 263 -16.55 14.21 38.28
C HIS E 263 -15.16 13.66 38.51
N GLU E 264 -15.04 12.33 38.40
CA GLU E 264 -13.81 11.56 38.55
C GLU E 264 -12.73 11.91 37.52
N GLY E 265 -13.15 12.39 36.35
CA GLY E 265 -12.27 12.74 35.24
C GLY E 265 -11.58 14.06 35.44
N LEU E 266 -12.17 14.94 36.32
CA LEU E 266 -11.65 16.27 36.62
C LEU E 266 -10.40 16.27 37.52
N PRO E 267 -9.39 17.12 37.15
CA PRO E 267 -8.20 17.26 38.01
C PRO E 267 -8.47 18.23 39.17
N GLU E 268 -9.74 18.24 39.67
CA GLU E 268 -10.40 18.98 40.75
C GLU E 268 -11.75 19.54 40.31
N PRO E 269 -12.75 19.61 41.24
CA PRO E 269 -14.06 20.18 40.90
C PRO E 269 -14.03 21.56 40.21
N LEU E 270 -15.04 21.77 39.34
CA LEU E 270 -15.25 22.98 38.55
C LEU E 270 -16.09 24.00 39.34
N THR E 271 -15.72 25.30 39.23
CA THR E 271 -16.44 26.42 39.84
C THR E 271 -16.86 27.30 38.69
N LEU E 272 -18.18 27.54 38.55
CA LEU E 272 -18.75 28.26 37.42
C LEU E 272 -19.72 29.38 37.76
N ARG E 273 -19.64 30.47 36.98
CA ARG E 273 -20.52 31.63 37.10
C ARG E 273 -20.88 32.12 35.72
N TRP E 274 -22.04 32.79 35.59
CA TRP E 274 -22.47 33.39 34.33
C TRP E 274 -21.54 34.60 33.95
N GLU E 275 -21.31 34.85 32.61
CA GLU E 275 -20.50 35.93 32.03
C GLU E 275 -20.54 37.27 32.80
N GLN F 2 -47.38 -2.22 30.74
CA GLN F 2 -47.21 -1.10 29.79
C GLN F 2 -46.73 0.22 30.45
N LYS F 3 -45.46 0.64 30.14
CA LYS F 3 -44.84 1.87 30.69
C LYS F 3 -44.64 3.00 29.66
N THR F 4 -45.02 4.25 30.05
CA THR F 4 -44.94 5.48 29.22
C THR F 4 -43.48 5.96 28.89
N PRO F 5 -43.15 6.07 27.57
CA PRO F 5 -41.80 6.50 27.19
C PRO F 5 -41.46 7.95 27.51
N GLN F 6 -40.18 8.20 27.94
CA GLN F 6 -39.62 9.53 28.21
C GLN F 6 -38.76 9.89 27.05
N ILE F 7 -38.82 11.14 26.57
CA ILE F 7 -38.05 11.57 25.40
C ILE F 7 -37.23 12.81 25.71
N GLN F 8 -36.06 12.91 25.08
CA GLN F 8 -35.16 14.04 25.18
C GLN F 8 -34.64 14.27 23.78
N VAL F 9 -34.72 15.53 23.31
CA VAL F 9 -34.22 15.89 21.98
C VAL F 9 -33.11 16.91 22.26
N TYR F 10 -31.89 16.59 21.77
CA TYR F 10 -30.70 17.38 22.09
C TYR F 10 -29.57 17.18 21.07
N SER F 11 -28.68 18.17 20.96
CA SER F 11 -27.54 18.13 20.04
C SER F 11 -26.33 17.48 20.71
N ARG F 12 -25.47 16.80 19.93
CA ARG F 12 -24.28 16.15 20.47
C ARG F 12 -23.22 17.18 20.90
N HIS F 13 -23.10 18.29 20.14
CA HIS F 13 -22.17 19.41 20.41
C HIS F 13 -23.01 20.69 20.58
N PRO F 14 -22.57 21.72 21.37
CA PRO F 14 -23.39 22.95 21.49
C PRO F 14 -23.69 23.54 20.12
N PRO F 15 -24.91 24.03 19.87
CA PRO F 15 -25.24 24.44 18.50
C PRO F 15 -24.65 25.76 17.99
N GLU F 16 -24.23 25.67 16.75
CA GLU F 16 -23.60 26.72 15.96
C GLU F 16 -24.25 26.59 14.60
N ASN F 17 -25.00 27.63 14.19
CA ASN F 17 -25.64 27.64 12.87
C ASN F 17 -24.57 27.48 11.76
N GLY F 18 -24.88 26.65 10.76
CA GLY F 18 -23.96 26.39 9.66
C GLY F 18 -22.92 25.34 9.97
N LYS F 19 -22.77 24.99 11.27
CA LYS F 19 -21.83 23.96 11.73
C LYS F 19 -22.53 22.60 11.83
N PRO F 20 -22.10 21.61 10.99
CA PRO F 20 -22.74 20.28 11.02
C PRO F 20 -22.67 19.61 12.40
N ASN F 21 -23.81 19.09 12.84
CA ASN F 21 -23.97 18.51 14.15
C ASN F 21 -24.81 17.22 14.08
N ILE F 22 -25.15 16.69 15.27
CA ILE F 22 -25.93 15.48 15.44
C ILE F 22 -27.09 15.79 16.38
N LEU F 23 -28.30 15.44 15.93
CA LEU F 23 -29.49 15.59 16.76
C LEU F 23 -29.83 14.21 17.24
N ASN F 24 -29.88 14.09 18.57
CA ASN F 24 -30.16 12.90 19.31
C ASN F 24 -31.58 12.87 19.77
N CYS F 25 -32.13 11.69 19.85
CA CYS F 25 -33.46 11.46 20.36
C CYS F 25 -33.35 10.25 21.28
N TYR F 26 -33.30 10.55 22.58
CA TYR F 26 -33.13 9.56 23.62
C TYR F 26 -34.45 9.20 24.19
N VAL F 27 -34.94 7.97 23.89
CA VAL F 27 -36.23 7.46 24.35
C VAL F 27 -36.01 6.38 25.40
N THR F 28 -36.48 6.60 26.64
CA THR F 28 -36.32 5.64 27.75
C THR F 28 -37.60 5.25 28.48
N GLN F 29 -37.46 4.42 29.51
CA GLN F 29 -38.53 3.97 30.40
C GLN F 29 -39.73 3.39 29.68
N PHE F 30 -39.56 2.69 28.54
CA PHE F 30 -40.71 2.08 27.85
C PHE F 30 -40.80 0.56 27.89
N HIS F 31 -41.99 0.01 27.66
CA HIS F 31 -42.28 -1.44 27.67
C HIS F 31 -43.72 -1.66 27.10
N PRO F 32 -43.96 -2.56 26.12
CA PRO F 32 -43.08 -3.54 25.46
C PRO F 32 -41.95 -2.98 24.59
N PRO F 33 -40.98 -3.77 24.10
CA PRO F 33 -39.92 -3.16 23.27
C PRO F 33 -40.30 -2.63 21.88
N HIS F 34 -41.44 -3.00 21.33
CA HIS F 34 -41.84 -2.44 20.05
C HIS F 34 -42.19 -0.96 20.20
N ILE F 35 -41.62 -0.12 19.31
CA ILE F 35 -41.74 1.34 19.27
C ILE F 35 -41.45 1.82 17.85
N GLU F 36 -41.92 3.02 17.54
CA GLU F 36 -41.72 3.69 16.27
C GLU F 36 -41.24 5.11 16.57
N ILE F 37 -40.03 5.41 16.07
CA ILE F 37 -39.33 6.67 16.30
C ILE F 37 -39.08 7.37 14.97
N GLN F 38 -39.77 8.50 14.78
CA GLN F 38 -39.69 9.38 13.62
C GLN F 38 -38.90 10.58 14.06
N MET F 39 -38.03 11.09 13.21
CA MET F 39 -37.30 12.33 13.47
C MET F 39 -37.72 13.22 12.34
N LEU F 40 -38.16 14.46 12.64
CA LEU F 40 -38.65 15.39 11.60
C LEU F 40 -37.95 16.75 11.53
N LYS F 41 -37.73 17.28 10.31
CA LYS F 41 -37.19 18.62 10.04
C LYS F 41 -38.31 19.40 9.40
N ASN F 42 -38.80 20.45 10.07
CA ASN F 42 -39.92 21.29 9.61
C ASN F 42 -41.19 20.50 9.36
N GLY F 43 -41.46 19.56 10.25
CA GLY F 43 -42.65 18.72 10.23
C GLY F 43 -42.61 17.60 9.22
N LYS F 44 -41.41 17.30 8.66
CA LYS F 44 -41.29 16.24 7.66
C LYS F 44 -40.28 15.18 8.01
N LYS F 45 -40.73 13.90 8.02
CA LYS F 45 -39.93 12.71 8.30
C LYS F 45 -38.52 12.79 7.68
N ILE F 46 -37.46 12.64 8.54
CA ILE F 46 -36.06 12.64 8.10
C ILE F 46 -35.73 11.26 7.53
N PRO F 47 -35.30 11.18 6.24
CA PRO F 47 -35.06 9.87 5.60
C PRO F 47 -34.00 9.01 6.25
N LYS F 48 -32.76 9.53 6.39
CA LYS F 48 -31.68 8.78 7.02
C LYS F 48 -31.59 9.11 8.53
N VAL F 49 -31.99 8.11 9.38
CA VAL F 49 -32.02 8.15 10.86
C VAL F 49 -31.49 6.84 11.40
N GLU F 50 -30.45 6.91 12.22
CA GLU F 50 -29.84 5.75 12.84
C GLU F 50 -30.39 5.47 14.23
N MET F 51 -30.39 4.19 14.62
CA MET F 51 -30.89 3.70 15.92
C MET F 51 -29.92 2.76 16.58
N SER F 52 -29.73 2.94 17.88
CA SER F 52 -28.93 2.03 18.65
C SER F 52 -29.61 0.64 18.74
N ASP F 53 -28.87 -0.34 19.23
CA ASP F 53 -29.36 -1.67 19.41
C ASP F 53 -30.30 -1.71 20.63
N MET F 54 -31.09 -2.79 20.78
CA MET F 54 -32.01 -2.88 21.91
C MET F 54 -31.37 -3.21 23.24
N SER F 55 -31.57 -2.31 24.18
CA SER F 55 -31.07 -2.46 25.52
C SER F 55 -32.20 -2.20 26.47
N PHE F 56 -32.06 -2.73 27.68
CA PHE F 56 -32.95 -2.51 28.79
C PHE F 56 -32.12 -2.14 30.02
N SER F 57 -32.78 -1.49 31.00
CA SER F 57 -32.18 -1.04 32.27
C SER F 57 -32.56 -1.92 33.38
N LYS F 58 -31.90 -1.81 34.55
CA LYS F 58 -32.11 -2.58 35.82
C LYS F 58 -33.61 -2.74 36.22
N ASP F 59 -34.47 -1.75 35.92
CA ASP F 59 -35.93 -1.75 36.20
C ASP F 59 -36.72 -2.53 35.14
N TRP F 60 -36.01 -3.11 34.13
CA TRP F 60 -36.53 -3.97 33.05
C TRP F 60 -37.04 -3.20 31.82
N SER F 61 -37.08 -1.86 31.89
CA SER F 61 -37.58 -1.02 30.80
C SER F 61 -36.54 -0.87 29.71
N PHE F 62 -37.00 -0.72 28.48
CA PHE F 62 -36.16 -0.57 27.32
C PHE F 62 -35.79 0.88 27.06
N TYR F 63 -34.73 1.09 26.27
CA TYR F 63 -34.25 2.38 25.84
C TYR F 63 -33.54 2.25 24.49
N ILE F 64 -33.66 3.31 23.67
CA ILE F 64 -33.15 3.45 22.29
C ILE F 64 -32.61 4.85 22.13
N LEU F 65 -31.58 4.99 21.30
CA LEU F 65 -31.01 6.27 20.90
C LEU F 65 -31.04 6.36 19.38
N ALA F 66 -31.91 7.24 18.89
CA ALA F 66 -32.07 7.57 17.50
C ALA F 66 -31.35 8.88 17.25
N HIS F 67 -30.58 8.92 16.14
CA HIS F 67 -29.83 10.12 15.76
C HIS F 67 -29.76 10.32 14.27
N THR F 68 -29.48 11.57 13.88
CA THR F 68 -29.40 12.03 12.50
C THR F 68 -28.43 13.17 12.39
N GLU F 69 -27.84 13.30 11.20
CA GLU F 69 -26.93 14.41 10.92
C GLU F 69 -27.82 15.66 10.69
N PHE F 70 -27.49 16.79 11.34
CA PHE F 70 -28.30 17.99 11.17
C PHE F 70 -27.46 19.24 11.17
N THR F 71 -27.88 20.27 10.42
CA THR F 71 -27.17 21.54 10.41
C THR F 71 -28.11 22.65 10.87
N PRO F 72 -27.90 23.14 12.11
CA PRO F 72 -28.83 24.15 12.66
C PRO F 72 -28.91 25.48 11.93
N THR F 73 -30.09 26.09 11.99
CA THR F 73 -30.45 27.38 11.40
C THR F 73 -31.44 28.01 12.37
N GLU F 74 -31.65 29.33 12.27
CA GLU F 74 -32.62 30.07 13.11
C GLU F 74 -34.04 29.71 12.68
N THR F 75 -34.18 29.42 11.36
CA THR F 75 -35.39 29.12 10.61
C THR F 75 -35.88 27.68 10.82
N ASP F 76 -35.03 26.70 10.47
CA ASP F 76 -35.32 25.25 10.54
C ASP F 76 -35.69 24.82 11.94
N THR F 77 -36.74 23.96 12.01
CA THR F 77 -37.22 23.34 13.24
C THR F 77 -37.12 21.83 13.13
N TYR F 78 -36.51 21.22 14.17
CA TYR F 78 -36.27 19.79 14.31
C TYR F 78 -37.09 19.22 15.48
N ALA F 79 -37.55 17.96 15.35
CA ALA F 79 -38.37 17.27 16.34
C ALA F 79 -38.28 15.75 16.22
N CYS F 80 -38.87 15.06 17.19
CA CYS F 80 -38.94 13.61 17.21
C CYS F 80 -40.31 13.17 17.73
N ARG F 81 -41.00 12.32 16.94
CA ARG F 81 -42.33 11.77 17.17
C ARG F 81 -42.22 10.28 17.53
N VAL F 82 -42.83 9.88 18.68
CA VAL F 82 -42.75 8.52 19.22
C VAL F 82 -44.11 7.82 19.28
N LYS F 83 -44.18 6.53 18.84
CA LYS F 83 -45.40 5.73 18.86
C LYS F 83 -45.24 4.50 19.73
N HIS F 84 -46.02 4.44 20.79
CA HIS F 84 -46.00 3.33 21.70
C HIS F 84 -47.38 2.94 22.05
N ALA F 85 -47.54 1.65 22.24
CA ALA F 85 -48.73 0.89 22.62
C ALA F 85 -49.35 1.53 23.86
N SER F 86 -48.50 2.03 24.78
CA SER F 86 -48.88 2.68 26.03
C SER F 86 -49.47 4.08 25.91
N MET F 87 -49.55 4.65 24.69
CA MET F 87 -50.02 6.02 24.47
C MET F 87 -51.17 6.05 23.47
N ALA F 88 -52.19 6.86 23.74
CA ALA F 88 -53.32 6.97 22.81
C ALA F 88 -52.91 7.75 21.55
N GLU F 89 -52.08 8.77 21.69
CA GLU F 89 -51.59 9.54 20.54
C GLU F 89 -50.05 9.59 20.48
N PRO F 90 -49.43 9.88 19.32
CA PRO F 90 -47.96 9.94 19.28
C PRO F 90 -47.45 11.17 20.01
N LYS F 91 -46.24 11.08 20.54
CA LYS F 91 -45.65 12.16 21.31
C LYS F 91 -44.64 12.80 20.44
N THR F 92 -44.75 14.12 20.24
CA THR F 92 -43.81 14.88 19.44
C THR F 92 -43.07 15.82 20.37
N VAL F 93 -41.75 15.70 20.41
CA VAL F 93 -40.90 16.57 21.22
C VAL F 93 -40.02 17.34 20.29
N TYR F 94 -40.06 18.65 20.43
CA TYR F 94 -39.33 19.58 19.61
C TYR F 94 -38.00 19.91 20.24
N TRP F 95 -36.99 20.09 19.40
CA TRP F 95 -35.65 20.46 19.83
C TRP F 95 -35.61 21.93 20.21
N ASP F 96 -35.23 22.21 21.47
CA ASP F 96 -35.08 23.54 22.03
C ASP F 96 -33.59 23.65 22.38
N ARG F 97 -32.83 24.43 21.59
CA ARG F 97 -31.40 24.60 21.81
C ARG F 97 -30.95 25.10 23.19
N ASP F 98 -31.87 25.64 24.01
CA ASP F 98 -31.57 26.13 25.37
C ASP F 98 -31.81 25.03 26.40
N MET F 99 -32.22 23.82 25.94
CA MET F 99 -32.63 22.67 26.74
C MET F 99 -31.95 21.31 26.35
N GLY G 1 46.89 19.36 -11.50
CA GLY G 1 45.53 19.13 -11.00
C GLY G 1 45.02 17.70 -11.16
N PRO G 2 43.69 17.44 -10.90
CA PRO G 2 43.15 16.07 -11.06
C PRO G 2 43.10 15.56 -12.50
N HIS G 3 42.94 14.26 -12.64
CA HIS G 3 42.87 13.60 -13.93
C HIS G 3 41.71 12.64 -13.94
N SER G 4 41.12 12.41 -15.10
CA SER G 4 40.01 11.50 -15.19
C SER G 4 39.89 10.82 -16.54
N MET G 5 39.40 9.59 -16.54
CA MET G 5 39.04 8.88 -17.75
C MET G 5 37.59 8.50 -17.59
N ARG G 6 36.79 8.67 -18.65
CA ARG G 6 35.37 8.36 -18.68
C ARG G 6 35.02 7.78 -20.06
N TYR G 7 33.98 6.95 -20.09
CA TYR G 7 33.40 6.33 -21.27
C TYR G 7 31.89 6.50 -21.16
N PHE G 8 31.32 7.31 -22.06
CA PHE G 8 29.91 7.69 -22.18
C PHE G 8 29.29 6.83 -23.29
N GLU G 9 28.74 5.66 -22.92
CA GLU G 9 28.17 4.70 -23.87
C GLU G 9 26.64 4.86 -24.03
N THR G 10 26.17 5.32 -25.21
CA THR G 10 24.74 5.45 -25.52
C THR G 10 24.19 4.33 -26.44
N ALA G 11 22.89 3.98 -26.29
CA ALA G 11 22.18 3.03 -27.13
C ALA G 11 20.71 3.39 -27.28
N VAL G 12 20.31 3.66 -28.54
CA VAL G 12 18.94 4.03 -28.93
C VAL G 12 18.26 2.86 -29.70
N SER G 13 17.16 2.32 -29.13
CA SER G 13 16.44 1.25 -29.79
C SER G 13 15.50 1.83 -30.85
N ARG G 14 15.79 1.63 -32.15
CA ARG G 14 14.98 2.13 -33.28
C ARG G 14 13.87 1.13 -33.66
N PRO G 15 12.58 1.54 -33.87
CA PRO G 15 11.54 0.57 -34.25
C PRO G 15 11.73 -0.02 -35.66
N GLY G 16 11.44 -1.32 -35.80
CA GLY G 16 11.58 -2.10 -37.02
C GLY G 16 12.86 -2.95 -37.00
N LEU G 17 14.00 -2.26 -36.87
CA LEU G 17 15.35 -2.80 -36.78
C LEU G 17 15.53 -3.32 -35.34
N GLU G 18 15.91 -4.60 -35.16
CA GLU G 18 16.12 -5.16 -33.80
C GLU G 18 17.60 -5.01 -33.31
N GLU G 19 18.40 -4.18 -34.02
CA GLU G 19 19.82 -3.92 -33.67
C GLU G 19 19.99 -2.42 -33.36
N PRO G 20 19.99 -1.99 -32.07
CA PRO G 20 20.12 -0.54 -31.76
C PRO G 20 21.40 0.14 -32.25
N ARG G 21 21.35 1.50 -32.38
CA ARG G 21 22.51 2.32 -32.73
C ARG G 21 23.33 2.52 -31.44
N TYR G 22 24.60 2.12 -31.47
CA TYR G 22 25.46 2.17 -30.30
C TYR G 22 26.69 3.07 -30.45
N ILE G 23 26.69 4.16 -29.65
CA ILE G 23 27.78 5.12 -29.59
C ILE G 23 28.50 4.93 -28.24
N SER G 24 29.84 5.05 -28.26
CA SER G 24 30.70 4.88 -27.09
C SER G 24 31.83 5.86 -27.25
N VAL G 25 31.80 6.94 -26.44
CA VAL G 25 32.79 8.03 -26.49
C VAL G 25 33.66 7.97 -25.26
N GLY G 26 34.97 7.99 -25.48
CA GLY G 26 35.98 7.96 -24.42
C GLY G 26 36.57 9.34 -24.18
N TYR G 27 36.67 9.72 -22.91
CA TYR G 27 37.21 11.02 -22.50
C TYR G 27 38.39 10.84 -21.51
N VAL G 28 39.40 11.70 -21.64
CA VAL G 28 40.59 11.80 -20.78
C VAL G 28 40.71 13.28 -20.45
N ASP G 29 40.67 13.65 -19.14
CA ASP G 29 40.69 15.03 -18.65
C ASP G 29 39.62 15.88 -19.36
N ASN G 30 38.41 15.30 -19.48
CA ASN G 30 37.22 15.89 -20.08
C ASN G 30 37.28 16.18 -21.59
N LYS G 31 38.31 15.71 -22.30
CA LYS G 31 38.41 15.93 -23.75
C LYS G 31 38.42 14.65 -24.51
N GLU G 32 37.50 14.52 -25.50
CA GLU G 32 37.31 13.33 -26.36
C GLU G 32 38.64 12.85 -26.94
N PHE G 33 38.85 11.52 -26.85
CA PHE G 33 40.08 10.89 -27.32
C PHE G 33 39.83 9.71 -28.27
N VAL G 34 38.75 8.94 -28.04
CA VAL G 34 38.31 7.80 -28.85
C VAL G 34 36.81 7.92 -29.07
N ARG G 35 36.27 7.14 -30.01
CA ARG G 35 34.85 7.08 -30.35
C ARG G 35 34.60 5.84 -31.16
N PHE G 36 33.46 5.17 -30.91
CA PHE G 36 32.94 4.05 -31.67
C PHE G 36 31.50 4.40 -32.08
N ASP G 37 31.13 4.19 -33.36
CA ASP G 37 29.76 4.44 -33.81
C ASP G 37 29.31 3.33 -34.75
N SER G 38 28.20 2.64 -34.39
CA SER G 38 27.61 1.54 -35.15
C SER G 38 26.99 1.91 -36.53
N ASP G 39 26.78 3.21 -36.78
CA ASP G 39 26.20 3.69 -38.03
C ASP G 39 27.21 4.01 -39.16
N ALA G 40 28.51 3.93 -38.85
CA ALA G 40 29.58 4.16 -39.82
C ALA G 40 29.62 2.97 -40.79
N GLU G 41 30.18 3.17 -42.01
CA GLU G 41 30.29 2.15 -43.06
C GLU G 41 30.99 0.88 -42.55
N ASN G 42 32.07 1.07 -41.75
CA ASN G 42 32.86 0.02 -41.12
C ASN G 42 32.93 0.36 -39.62
N PRO G 43 32.06 -0.24 -38.78
CA PRO G 43 32.07 0.12 -37.35
C PRO G 43 33.33 -0.30 -36.58
N ARG G 44 34.15 0.70 -36.15
CA ARG G 44 35.40 0.51 -35.37
C ARG G 44 35.78 1.74 -34.53
N TYR G 45 36.67 1.56 -33.52
CA TYR G 45 37.14 2.64 -32.64
C TYR G 45 38.07 3.59 -33.38
N GLU G 46 37.85 4.91 -33.25
CA GLU G 46 38.62 5.92 -33.96
C GLU G 46 39.32 6.94 -33.06
N PRO G 47 40.57 7.40 -33.38
CA PRO G 47 41.19 8.46 -32.56
C PRO G 47 40.49 9.80 -32.77
N ARG G 48 40.45 10.63 -31.71
CA ARG G 48 39.82 11.96 -31.71
C ARG G 48 40.80 12.99 -31.13
N ALA G 49 41.97 12.48 -30.73
CA ALA G 49 43.11 13.24 -30.23
C ALA G 49 44.33 12.68 -30.97
N PRO G 50 45.17 13.57 -31.55
CA PRO G 50 46.33 13.10 -32.34
C PRO G 50 47.33 12.28 -31.55
N TRP G 51 47.39 12.47 -30.21
CA TRP G 51 48.25 11.68 -29.33
C TRP G 51 47.78 10.22 -29.20
N MET G 52 46.65 9.87 -29.84
CA MET G 52 46.09 8.52 -29.83
C MET G 52 46.44 7.71 -31.09
N GLU G 53 46.91 8.40 -32.16
CA GLU G 53 47.33 7.79 -33.42
C GLU G 53 48.50 6.80 -33.27
N GLN G 54 49.37 7.03 -32.26
CA GLN G 54 50.53 6.19 -31.90
C GLN G 54 50.14 4.83 -31.27
N GLU G 55 48.84 4.63 -30.99
CA GLU G 55 48.36 3.36 -30.44
C GLU G 55 48.33 2.36 -31.56
N GLY G 56 48.75 1.13 -31.25
CA GLY G 56 48.89 0.00 -32.17
C GLY G 56 47.68 -0.44 -32.98
N PRO G 57 47.86 -1.23 -34.06
CA PRO G 57 46.69 -1.70 -34.84
C PRO G 57 45.92 -2.77 -34.06
N GLU G 58 46.64 -3.50 -33.16
CA GLU G 58 46.15 -4.55 -32.26
C GLU G 58 45.21 -3.96 -31.21
N TYR G 59 45.53 -2.71 -30.74
CA TYR G 59 44.77 -1.92 -29.75
C TYR G 59 43.35 -1.70 -30.25
N TRP G 60 43.23 -0.97 -31.39
CA TRP G 60 41.97 -0.64 -32.08
C TRP G 60 41.19 -1.89 -32.46
N GLU G 61 41.76 -3.07 -32.20
CA GLU G 61 41.08 -4.32 -32.48
C GLU G 61 40.53 -5.06 -31.28
N ARG G 62 41.20 -5.03 -30.11
CA ARG G 62 40.64 -5.62 -28.90
C ARG G 62 39.52 -4.68 -28.56
N GLU G 63 39.77 -3.36 -28.82
CA GLU G 63 38.83 -2.28 -28.57
C GLU G 63 37.56 -2.46 -29.35
N THR G 64 37.66 -2.68 -30.68
CA THR G 64 36.47 -2.92 -31.51
C THR G 64 35.75 -4.19 -31.05
N GLN G 65 36.50 -5.22 -30.57
CA GLN G 65 35.90 -6.46 -30.04
C GLN G 65 35.00 -6.17 -28.86
N LYS G 66 35.50 -5.37 -27.88
CA LYS G 66 34.82 -4.89 -26.65
C LYS G 66 33.52 -4.13 -27.01
N ALA G 67 33.56 -3.32 -28.10
CA ALA G 67 32.47 -2.53 -28.66
C ALA G 67 31.36 -3.41 -29.27
N LYS G 68 31.72 -4.59 -29.82
CA LYS G 68 30.72 -5.51 -30.36
C LYS G 68 30.07 -6.27 -29.19
N GLY G 69 30.82 -6.38 -28.09
CA GLY G 69 30.36 -7.04 -26.87
C GLY G 69 29.35 -6.21 -26.14
N GLN G 70 29.47 -4.86 -26.25
CA GLN G 70 28.54 -3.90 -25.63
C GLN G 70 27.29 -3.67 -26.52
N GLU G 71 27.44 -3.84 -27.86
CA GLU G 71 26.34 -3.72 -28.82
C GLU G 71 25.26 -4.69 -28.40
N GLN G 72 25.68 -5.89 -27.98
CA GLN G 72 24.78 -6.93 -27.52
C GLN G 72 24.26 -6.67 -26.13
N TRP G 73 25.13 -6.26 -25.19
CA TRP G 73 24.75 -5.94 -23.81
C TRP G 73 23.61 -4.90 -23.75
N PHE G 74 23.77 -3.78 -24.51
CA PHE G 74 22.78 -2.69 -24.59
C PHE G 74 21.51 -3.12 -25.31
N ARG G 75 21.63 -3.95 -26.38
CA ARG G 75 20.47 -4.49 -27.13
C ARG G 75 19.57 -5.37 -26.22
N VAL G 76 20.19 -6.32 -25.48
CA VAL G 76 19.51 -7.27 -24.56
C VAL G 76 18.91 -6.49 -23.40
N SER G 77 19.74 -5.67 -22.72
CA SER G 77 19.32 -4.83 -21.57
C SER G 77 18.13 -3.93 -21.89
N LEU G 78 18.13 -3.32 -23.10
CA LEU G 78 17.08 -2.46 -23.67
C LEU G 78 15.75 -3.19 -23.71
N ARG G 79 15.79 -4.45 -24.23
CA ARG G 79 14.69 -5.40 -24.34
C ARG G 79 14.16 -5.77 -22.94
N ASN G 80 15.07 -5.91 -21.99
CA ASN G 80 14.72 -6.25 -20.63
C ASN G 80 14.02 -5.12 -19.91
N LEU G 81 14.44 -3.85 -20.12
CA LEU G 81 13.79 -2.70 -19.45
C LEU G 81 12.46 -2.40 -20.09
N LEU G 82 12.34 -2.69 -21.40
CA LEU G 82 11.11 -2.53 -22.17
C LEU G 82 9.97 -3.30 -21.50
N GLY G 83 10.32 -4.40 -20.84
CA GLY G 83 9.40 -5.25 -20.09
C GLY G 83 9.24 -4.85 -18.64
N TYR G 84 10.23 -4.17 -18.05
CA TYR G 84 10.08 -3.79 -16.64
C TYR G 84 9.21 -2.54 -16.53
N TYR G 85 9.19 -1.75 -17.62
CA TYR G 85 8.49 -0.47 -17.71
C TYR G 85 7.20 -0.54 -18.48
N ASN G 86 6.87 -1.76 -18.99
CA ASN G 86 5.66 -2.10 -19.74
C ASN G 86 5.48 -1.10 -20.86
N GLN G 87 6.45 -1.09 -21.80
CA GLN G 87 6.48 -0.17 -22.95
C GLN G 87 6.35 -0.92 -24.27
N SER G 88 6.21 -0.19 -25.37
CA SER G 88 6.12 -0.75 -26.72
C SER G 88 7.40 -0.47 -27.53
N ALA G 89 7.93 -1.49 -28.24
CA ALA G 89 9.13 -1.34 -29.09
C ALA G 89 8.82 -0.54 -30.38
N GLY G 90 7.61 0.02 -30.43
CA GLY G 90 7.17 0.86 -31.54
C GLY G 90 7.72 2.27 -31.41
N GLY G 91 8.31 2.54 -30.25
CA GLY G 91 8.92 3.83 -29.91
C GLY G 91 10.38 3.70 -29.56
N SER G 92 11.13 4.80 -29.73
CA SER G 92 12.55 4.78 -29.41
C SER G 92 12.81 4.89 -27.89
N HIS G 93 13.66 4.00 -27.39
CA HIS G 93 14.03 4.01 -25.98
C HIS G 93 15.56 4.21 -25.85
N THR G 94 16.00 4.80 -24.71
CA THR G 94 17.39 5.22 -24.51
C THR G 94 18.06 4.69 -23.28
N LEU G 95 19.23 4.13 -23.48
CA LEU G 95 20.07 3.61 -22.42
C LEU G 95 21.39 4.33 -22.41
N GLN G 96 21.84 4.73 -21.23
CA GLN G 96 23.08 5.48 -21.09
C GLN G 96 23.92 5.00 -19.95
N GLN G 97 25.25 5.02 -20.16
CA GLN G 97 26.25 4.61 -19.18
C GLN G 97 27.42 5.60 -19.14
N MET G 98 27.86 5.95 -17.93
CA MET G 98 29.06 6.74 -17.65
C MET G 98 29.89 5.85 -16.75
N SER G 99 31.12 5.56 -17.17
CA SER G 99 32.05 4.69 -16.45
C SER G 99 33.46 5.28 -16.58
N GLY G 100 34.22 5.26 -15.48
CA GLY G 100 35.57 5.80 -15.47
C GLY G 100 36.21 5.94 -14.09
N CYS G 101 37.22 6.78 -13.98
CA CYS G 101 37.95 6.94 -12.72
C CYS G 101 38.58 8.33 -12.57
N ASP G 102 38.67 8.79 -11.32
CA ASP G 102 39.31 10.06 -11.00
C ASP G 102 40.64 9.81 -10.30
N LEU G 103 41.61 10.68 -10.61
CA LEU G 103 42.95 10.66 -10.09
C LEU G 103 43.25 11.97 -9.40
N GLY G 104 44.17 11.94 -8.45
CA GLY G 104 44.66 13.17 -7.81
C GLY G 104 45.82 13.72 -8.63
N SER G 105 46.40 14.86 -8.20
CA SER G 105 47.55 15.50 -8.86
C SER G 105 48.82 14.60 -8.88
N ASP G 106 48.94 13.68 -7.90
CA ASP G 106 50.01 12.71 -7.74
C ASP G 106 49.76 11.40 -8.54
N TRP G 107 48.74 11.42 -9.44
CA TRP G 107 48.28 10.30 -10.29
C TRP G 107 47.68 9.11 -9.50
N ARG G 108 47.46 9.29 -8.20
CA ARG G 108 46.84 8.24 -7.40
C ARG G 108 45.31 8.31 -7.56
N LEU G 109 44.66 7.15 -7.51
CA LEU G 109 43.21 7.00 -7.60
C LEU G 109 42.44 7.61 -6.41
N LEU G 110 41.49 8.55 -6.72
CA LEU G 110 40.60 9.17 -5.73
C LEU G 110 39.30 8.32 -5.63
N ARG G 111 38.57 8.17 -6.75
CA ARG G 111 37.36 7.35 -6.80
C ARG G 111 37.15 6.70 -8.14
N GLY G 112 36.30 5.68 -8.15
CA GLY G 112 35.84 4.95 -9.33
C GLY G 112 34.40 5.34 -9.61
N TYR G 113 34.01 5.33 -10.88
CA TYR G 113 32.69 5.80 -11.27
C TYR G 113 32.00 4.88 -12.29
N LEU G 114 30.69 4.61 -12.04
CA LEU G 114 29.79 3.83 -12.89
C LEU G 114 28.33 4.11 -12.53
N GLN G 115 27.54 4.51 -13.54
CA GLN G 115 26.10 4.74 -13.42
C GLN G 115 25.42 4.64 -14.75
N PHE G 116 24.18 4.11 -14.71
CA PHE G 116 23.29 3.93 -15.86
C PHE G 116 22.06 4.83 -15.73
N ALA G 117 21.51 5.21 -16.87
CA ALA G 117 20.29 6.01 -16.94
C ALA G 117 19.36 5.45 -17.95
N TYR G 118 18.07 5.32 -17.58
CA TYR G 118 17.04 4.86 -18.52
C TYR G 118 16.15 6.02 -18.90
N GLU G 119 16.07 6.31 -20.23
CA GLU G 119 15.22 7.36 -20.81
C GLU G 119 15.52 8.78 -20.27
N GLY G 120 16.82 9.06 -20.11
CA GLY G 120 17.29 10.35 -19.62
C GLY G 120 17.34 10.52 -18.12
N ARG G 121 16.58 9.68 -17.37
CA ARG G 121 16.52 9.74 -15.92
C ARG G 121 17.44 8.71 -15.35
N ASP G 122 17.86 8.87 -14.08
CA ASP G 122 18.68 7.88 -13.39
C ASP G 122 17.94 6.55 -13.29
N TYR G 123 18.71 5.43 -13.28
CA TYR G 123 18.19 4.07 -13.17
C TYR G 123 18.95 3.38 -12.06
N ILE G 124 20.26 3.09 -12.29
CA ILE G 124 21.15 2.42 -11.32
C ILE G 124 22.57 2.99 -11.27
N ALA G 125 23.11 3.17 -10.06
CA ALA G 125 24.46 3.67 -9.85
C ALA G 125 25.16 2.84 -8.81
N LEU G 126 26.47 2.64 -9.00
CA LEU G 126 27.37 1.92 -8.12
C LEU G 126 27.86 2.93 -7.08
N ASN G 127 27.82 2.58 -5.78
CA ASN G 127 28.26 3.51 -4.74
C ASN G 127 29.77 3.71 -4.73
N GLU G 128 30.29 4.82 -4.18
CA GLU G 128 31.73 5.10 -4.15
C GLU G 128 32.55 3.99 -3.48
N ASP G 129 31.87 3.14 -2.67
CA ASP G 129 32.43 2.01 -1.97
C ASP G 129 32.79 0.91 -2.97
N LEU G 130 32.18 0.97 -4.17
CA LEU G 130 32.28 0.05 -5.30
C LEU G 130 31.88 -1.39 -4.89
N LYS G 131 31.00 -1.48 -3.86
CA LYS G 131 30.47 -2.72 -3.27
C LYS G 131 28.96 -2.73 -3.42
N THR G 132 28.31 -1.61 -3.04
CA THR G 132 26.85 -1.50 -3.05
C THR G 132 26.27 -0.71 -4.20
N TRP G 133 25.01 -1.02 -4.53
CA TRP G 133 24.22 -0.43 -5.60
C TRP G 133 23.15 0.53 -5.09
N THR G 134 22.74 1.45 -5.95
CA THR G 134 21.70 2.42 -5.67
C THR G 134 20.80 2.39 -6.90
N ALA G 135 19.52 2.06 -6.70
CA ALA G 135 18.47 1.97 -7.73
C ALA G 135 17.52 3.14 -7.54
N ALA G 136 17.10 3.75 -8.66
CA ALA G 136 16.19 4.91 -8.66
C ALA G 136 14.75 4.61 -8.18
N ASP G 137 14.12 3.60 -8.80
CA ASP G 137 12.74 3.21 -8.55
C ASP G 137 12.58 1.73 -8.33
N MET G 138 11.31 1.28 -8.31
CA MET G 138 10.88 -0.08 -8.10
C MET G 138 11.27 -1.00 -9.29
N ALA G 139 11.24 -0.47 -10.54
CA ALA G 139 11.64 -1.25 -11.72
C ALA G 139 13.13 -1.55 -11.73
N ALA G 140 13.94 -0.56 -11.33
CA ALA G 140 15.39 -0.65 -11.23
C ALA G 140 15.87 -1.60 -10.10
N GLN G 141 14.94 -2.09 -9.21
CA GLN G 141 15.27 -3.09 -8.17
C GLN G 141 15.37 -4.57 -8.69
N ILE G 142 14.87 -4.82 -9.89
CA ILE G 142 14.97 -6.09 -10.63
C ILE G 142 16.45 -6.27 -11.05
N THR G 143 17.13 -5.14 -11.34
CA THR G 143 18.53 -5.06 -11.74
C THR G 143 19.42 -5.13 -10.50
N ARG G 144 19.03 -4.47 -9.38
CA ARG G 144 19.79 -4.48 -8.12
C ARG G 144 19.95 -5.91 -7.60
N ARG G 145 18.82 -6.65 -7.48
CA ARG G 145 18.79 -8.06 -7.03
C ARG G 145 19.59 -8.96 -7.97
N LYS G 146 19.32 -8.86 -9.27
CA LYS G 146 19.99 -9.65 -10.32
C LYS G 146 21.53 -9.49 -10.27
N TRP G 147 21.99 -8.25 -9.97
CA TRP G 147 23.37 -7.81 -9.90
C TRP G 147 23.97 -8.04 -8.54
N GLU G 148 23.18 -7.92 -7.45
CA GLU G 148 23.63 -8.23 -6.08
C GLU G 148 23.92 -9.74 -6.01
N GLN G 149 23.17 -10.54 -6.82
CA GLN G 149 23.31 -11.99 -6.93
C GLN G 149 24.55 -12.35 -7.72
N SER G 150 24.59 -11.99 -9.03
CA SER G 150 25.68 -12.27 -10.00
C SER G 150 27.04 -11.58 -9.72
N GLY G 151 27.14 -10.87 -8.59
CA GLY G 151 28.33 -10.17 -8.12
C GLY G 151 28.96 -9.24 -9.14
N ALA G 152 28.15 -8.32 -9.71
CA ALA G 152 28.64 -7.37 -10.71
C ALA G 152 29.51 -6.28 -10.11
N ALA G 153 29.26 -5.91 -8.85
CA ALA G 153 30.01 -4.88 -8.16
C ALA G 153 31.50 -5.24 -8.14
N GLU G 154 31.82 -6.49 -7.80
CA GLU G 154 33.19 -6.99 -7.75
C GLU G 154 33.86 -6.94 -9.14
N HIS G 155 33.10 -7.30 -10.19
CA HIS G 155 33.53 -7.29 -11.58
C HIS G 155 34.06 -5.90 -11.97
N TYR G 156 33.19 -4.88 -11.83
CA TYR G 156 33.45 -3.47 -12.12
C TYR G 156 34.51 -2.88 -11.20
N LYS G 157 34.47 -3.20 -9.87
CA LYS G 157 35.48 -2.71 -8.92
C LYS G 157 36.88 -2.98 -9.48
N ALA G 158 37.13 -4.24 -9.94
CA ALA G 158 38.38 -4.70 -10.55
C ALA G 158 38.88 -3.84 -11.71
N TYR G 159 37.98 -3.34 -12.55
CA TYR G 159 38.42 -2.50 -13.65
C TYR G 159 38.69 -1.08 -13.18
N LEU G 160 37.65 -0.43 -12.63
CA LEU G 160 37.70 0.93 -12.15
C LEU G 160 38.95 1.26 -11.31
N GLU G 161 39.25 0.39 -10.31
CA GLU G 161 40.39 0.47 -9.39
C GLU G 161 41.73 0.03 -10.01
N GLY G 162 41.68 -1.00 -10.87
CA GLY G 162 42.87 -1.57 -11.49
C GLY G 162 43.14 -1.10 -12.91
N GLU G 163 42.65 -1.87 -13.90
CA GLU G 163 42.87 -1.64 -15.34
C GLU G 163 42.67 -0.20 -15.81
N CYS G 164 41.60 0.45 -15.35
CA CYS G 164 41.22 1.82 -15.69
C CYS G 164 42.33 2.82 -15.33
N VAL G 165 42.91 2.66 -14.12
CA VAL G 165 43.98 3.51 -13.59
C VAL G 165 45.21 3.30 -14.47
N GLU G 166 45.75 2.04 -14.54
CA GLU G 166 46.84 1.60 -15.41
C GLU G 166 46.80 2.30 -16.77
N TRP G 167 45.64 2.23 -17.47
CA TRP G 167 45.43 2.77 -18.82
C TRP G 167 45.48 4.29 -18.95
N LEU G 168 44.90 5.04 -17.99
CA LEU G 168 44.87 6.52 -17.97
C LEU G 168 46.25 7.06 -17.67
N HIS G 169 47.05 6.29 -16.90
CA HIS G 169 48.45 6.63 -16.63
C HIS G 169 49.16 6.72 -17.99
N ARG G 170 48.96 5.70 -18.86
CA ARG G 170 49.51 5.58 -20.21
C ARG G 170 49.07 6.74 -21.10
N TYR G 171 47.77 7.08 -21.07
CA TYR G 171 47.21 8.17 -21.90
C TYR G 171 47.70 9.53 -21.47
N LEU G 172 47.91 9.74 -20.16
CA LEU G 172 48.37 11.04 -19.68
C LEU G 172 49.82 11.21 -19.98
N LYS G 173 50.55 10.09 -20.12
CA LYS G 173 51.97 10.11 -20.46
C LYS G 173 52.11 10.49 -21.93
N ASN G 174 51.37 9.77 -22.82
CA ASN G 174 51.41 9.95 -24.28
C ASN G 174 50.76 11.23 -24.72
N GLY G 175 49.82 11.71 -23.91
CA GLY G 175 49.07 12.93 -24.22
C GLY G 175 49.68 14.22 -23.76
N ASN G 176 50.08 14.28 -22.45
CA ASN G 176 50.58 15.41 -21.64
C ASN G 176 50.87 16.75 -22.32
N ALA G 177 51.62 16.78 -23.46
CA ALA G 177 51.90 18.02 -24.20
C ALA G 177 50.58 18.73 -24.63
N THR G 178 49.54 17.93 -24.97
CA THR G 178 48.19 18.38 -25.32
C THR G 178 47.38 18.61 -24.04
N LEU G 179 47.40 17.61 -23.15
CA LEU G 179 46.67 17.63 -21.88
C LEU G 179 47.03 18.77 -20.91
N LEU G 180 48.33 19.04 -20.70
CA LEU G 180 48.86 20.11 -19.83
C LEU G 180 48.58 21.51 -20.33
N ARG G 181 48.35 21.64 -21.63
CA ARG G 181 48.13 22.91 -22.28
C ARG G 181 46.82 23.55 -21.92
N THR G 182 46.91 24.86 -21.70
CA THR G 182 45.83 25.78 -21.37
C THR G 182 45.92 26.92 -22.38
N ASP G 183 44.79 27.63 -22.62
CA ASP G 183 44.73 28.77 -23.54
C ASP G 183 44.19 29.95 -22.75
N SER G 184 44.98 31.03 -22.60
CA SER G 184 44.56 32.21 -21.84
C SER G 184 43.41 32.84 -22.56
N PRO G 185 42.34 33.23 -21.85
CA PRO G 185 41.25 33.93 -22.54
C PRO G 185 41.72 35.35 -22.95
N LYS G 186 41.02 35.99 -23.90
CA LYS G 186 41.32 37.37 -24.33
C LYS G 186 40.04 38.18 -24.13
N ALA G 187 40.10 39.21 -23.25
CA ALA G 187 38.91 39.99 -22.88
C ALA G 187 38.80 41.45 -23.33
N HIS G 188 37.60 41.81 -23.77
CA HIS G 188 37.28 43.16 -24.20
C HIS G 188 35.93 43.55 -23.71
N VAL G 189 35.76 44.85 -23.46
CA VAL G 189 34.50 45.42 -23.01
C VAL G 189 33.88 46.08 -24.25
N THR G 190 32.58 45.86 -24.44
CA THR G 190 31.82 46.44 -25.55
C THR G 190 30.74 47.35 -25.01
N HIS G 191 30.58 48.49 -25.69
CA HIS G 191 29.63 49.53 -25.31
C HIS G 191 28.39 49.41 -26.17
N HIS G 192 27.27 49.05 -25.54
CA HIS G 192 25.97 48.89 -26.22
C HIS G 192 24.94 49.87 -25.67
N PRO G 193 24.83 51.07 -26.30
CA PRO G 193 23.91 52.10 -25.80
C PRO G 193 22.43 51.75 -25.73
N ARG G 194 21.79 52.20 -24.62
CA ARG G 194 20.38 51.94 -24.32
C ARG G 194 19.54 53.23 -24.08
N SER G 195 18.24 53.04 -23.78
CA SER G 195 17.23 54.04 -23.46
C SER G 195 17.30 54.36 -21.97
N LYS G 196 16.73 55.52 -21.54
CA LYS G 196 16.66 56.00 -20.14
C LYS G 196 18.02 56.42 -19.49
N GLY G 197 19.02 56.69 -20.33
CA GLY G 197 20.34 57.11 -19.90
C GLY G 197 21.28 56.01 -19.41
N GLU G 198 20.86 54.73 -19.55
CA GLU G 198 21.68 53.57 -19.17
C GLU G 198 22.38 52.99 -20.39
N VAL G 199 23.36 52.09 -20.18
CA VAL G 199 24.16 51.45 -21.23
C VAL G 199 24.47 49.97 -20.93
N THR G 200 24.52 49.12 -21.96
CA THR G 200 24.93 47.73 -21.77
C THR G 200 26.46 47.69 -21.90
N LEU G 201 27.10 47.11 -20.89
CA LEU G 201 28.54 46.93 -20.80
C LEU G 201 28.78 45.42 -20.79
N ARG G 202 29.50 44.92 -21.79
CA ARG G 202 29.74 43.50 -21.96
C ARG G 202 31.19 43.14 -21.92
N CYS G 203 31.55 42.24 -21.01
CA CYS G 203 32.88 41.68 -20.84
C CYS G 203 32.91 40.34 -21.57
N TRP G 204 33.78 40.22 -22.59
CA TRP G 204 33.91 39.04 -23.43
C TRP G 204 35.15 38.20 -23.14
N ALA G 205 35.01 36.93 -22.81
CA ALA G 205 36.21 36.14 -22.65
C ALA G 205 36.25 35.22 -23.86
N LEU G 206 37.35 35.27 -24.64
CA LEU G 206 37.42 34.46 -25.85
C LEU G 206 38.72 33.72 -26.03
N GLY G 207 38.61 32.58 -26.68
CA GLY G 207 39.71 31.71 -27.04
C GLY G 207 40.36 31.00 -25.88
N PHE G 208 39.56 30.46 -24.94
CA PHE G 208 40.12 29.78 -23.75
C PHE G 208 39.93 28.25 -23.61
N TYR G 209 40.91 27.57 -23.01
CA TYR G 209 40.82 26.15 -22.70
C TYR G 209 41.50 25.88 -21.33
N PRO G 210 40.81 25.22 -20.36
CA PRO G 210 39.50 24.57 -20.43
C PRO G 210 38.30 25.49 -20.27
N ALA G 211 37.09 24.92 -20.19
CA ALA G 211 35.82 25.67 -20.11
C ALA G 211 35.64 26.48 -18.83
N ASP G 212 36.24 26.02 -17.72
CA ASP G 212 36.11 26.66 -16.42
C ASP G 212 36.78 28.04 -16.36
N ILE G 213 35.94 29.06 -16.13
CA ILE G 213 36.31 30.46 -16.06
C ILE G 213 35.35 31.21 -15.14
N THR G 214 35.80 32.33 -14.59
CA THR G 214 34.93 33.13 -13.75
C THR G 214 34.98 34.55 -14.28
N LEU G 215 33.81 35.06 -14.66
CA LEU G 215 33.65 36.42 -15.13
C LEU G 215 32.87 37.12 -14.02
N THR G 216 33.42 38.23 -13.50
CA THR G 216 32.79 39.05 -12.46
C THR G 216 32.92 40.54 -12.79
N TRP G 217 31.82 41.25 -12.56
CA TRP G 217 31.75 42.69 -12.73
C TRP G 217 31.81 43.32 -11.35
N GLN G 218 32.53 44.47 -11.22
CA GLN G 218 32.67 45.20 -9.95
C GLN G 218 32.69 46.73 -10.08
N LEU G 219 31.86 47.40 -9.24
CA LEU G 219 31.76 48.86 -9.16
C LEU G 219 32.62 49.38 -7.98
N ASN G 220 33.77 50.03 -8.29
CA ASN G 220 34.70 50.62 -7.30
C ASN G 220 35.14 49.60 -6.23
N GLY G 221 35.54 48.41 -6.67
CA GLY G 221 36.00 47.31 -5.83
C GLY G 221 34.92 46.48 -5.17
N GLU G 222 33.63 46.81 -5.42
CA GLU G 222 32.43 46.14 -4.89
C GLU G 222 31.77 45.24 -5.96
N GLU G 223 31.62 43.93 -5.66
CA GLU G 223 31.01 42.92 -6.56
C GLU G 223 29.48 43.07 -6.78
N LEU G 224 28.96 42.46 -7.88
CA LEU G 224 27.54 42.53 -8.27
C LEU G 224 26.86 41.16 -8.41
N THR G 225 26.23 40.67 -7.32
CA THR G 225 25.47 39.41 -7.29
C THR G 225 24.19 39.60 -8.12
N GLN G 226 23.33 40.55 -7.66
CA GLN G 226 22.07 40.93 -8.31
C GLN G 226 22.32 41.59 -9.66
N ASP G 227 21.40 41.33 -10.60
CA ASP G 227 21.38 41.91 -11.93
C ASP G 227 22.71 41.97 -12.69
N MET G 228 23.16 40.81 -13.17
CA MET G 228 24.33 40.68 -14.03
C MET G 228 24.01 39.57 -15.02
N GLU G 229 23.69 39.97 -16.27
CA GLU G 229 23.32 39.08 -17.36
C GLU G 229 24.53 38.24 -17.75
N LEU G 230 24.32 36.94 -17.77
CA LEU G 230 25.33 35.94 -18.05
C LEU G 230 24.98 35.13 -19.32
N VAL G 231 25.92 34.32 -19.79
CA VAL G 231 25.72 33.42 -20.91
C VAL G 231 26.41 32.10 -20.56
N GLU G 232 25.82 30.95 -20.90
CA GLU G 232 26.45 29.67 -20.57
C GLU G 232 27.69 29.46 -21.43
N THR G 233 28.77 28.87 -20.87
CA THR G 233 30.06 28.62 -21.54
C THR G 233 29.85 27.78 -22.83
N ARG G 234 30.16 28.40 -23.98
CA ARG G 234 29.97 27.83 -25.30
C ARG G 234 31.26 27.52 -26.07
N PRO G 235 31.26 26.47 -26.92
CA PRO G 235 32.47 26.15 -27.68
C PRO G 235 32.55 27.01 -28.93
N ALA G 236 33.76 27.46 -29.25
CA ALA G 236 33.99 28.30 -30.40
C ALA G 236 34.04 27.50 -31.69
N GLY G 237 34.26 26.19 -31.56
CA GLY G 237 34.39 25.27 -32.69
C GLY G 237 35.83 24.87 -32.95
N ASP G 238 36.81 25.72 -32.54
CA ASP G 238 38.26 25.50 -32.73
C ASP G 238 38.96 24.78 -31.56
N GLY G 239 38.17 24.22 -30.63
CA GLY G 239 38.70 23.54 -29.43
C GLY G 239 38.82 24.43 -28.21
N THR G 240 38.51 25.74 -28.36
CA THR G 240 38.51 26.74 -27.29
C THR G 240 37.04 27.15 -26.96
N PHE G 241 36.84 27.87 -25.81
CA PHE G 241 35.54 28.33 -25.32
C PHE G 241 35.38 29.84 -25.26
N GLN G 242 34.10 30.30 -25.17
CA GLN G 242 33.70 31.71 -25.10
C GLN G 242 32.67 31.86 -23.99
N LYS G 243 32.59 33.07 -23.42
CA LYS G 243 31.66 33.46 -22.34
C LYS G 243 31.61 34.98 -22.19
N TRP G 244 30.45 35.50 -21.74
CA TRP G 244 30.25 36.94 -21.47
C TRP G 244 29.37 37.27 -20.29
N ALA G 245 29.59 38.45 -19.68
CA ALA G 245 28.81 38.98 -18.57
C ALA G 245 28.46 40.42 -18.89
N SER G 246 27.18 40.68 -19.01
CA SER G 246 26.64 41.99 -19.31
C SER G 246 26.18 42.67 -18.02
N VAL G 247 26.32 43.99 -18.00
CA VAL G 247 25.89 44.80 -16.87
C VAL G 247 25.28 46.13 -17.33
N VAL G 248 24.08 46.45 -16.83
CA VAL G 248 23.43 47.73 -17.15
C VAL G 248 24.04 48.84 -16.24
N VAL G 249 24.56 49.90 -16.88
CA VAL G 249 25.27 50.99 -16.20
C VAL G 249 24.77 52.39 -16.63
N PRO G 250 24.68 53.39 -15.72
CA PRO G 250 24.29 54.75 -16.17
C PRO G 250 25.41 55.45 -16.94
N LEU G 251 25.05 56.19 -18.01
CA LEU G 251 25.96 56.93 -18.89
C LEU G 251 26.92 57.89 -18.17
N GLY G 252 28.21 57.73 -18.46
CA GLY G 252 29.31 58.49 -17.84
C GLY G 252 30.04 57.66 -16.80
N LYS G 253 29.26 57.03 -15.90
CA LYS G 253 29.74 56.16 -14.81
C LYS G 253 30.46 54.88 -15.28
N GLU G 254 30.66 54.75 -16.61
CA GLU G 254 31.30 53.63 -17.32
C GLU G 254 32.70 53.25 -16.81
N GLN G 255 33.52 54.24 -16.39
CA GLN G 255 34.88 53.99 -15.91
C GLN G 255 34.96 53.48 -14.45
N ASN G 256 33.85 53.64 -13.66
CA ASN G 256 33.72 53.19 -12.26
C ASN G 256 33.65 51.67 -12.18
N TYR G 257 32.78 51.09 -13.03
CA TYR G 257 32.55 49.66 -13.15
C TYR G 257 33.74 49.01 -13.87
N THR G 258 34.38 48.03 -13.20
CA THR G 258 35.55 47.27 -13.67
C THR G 258 35.24 45.77 -13.69
N CYS G 259 35.78 45.05 -14.68
CA CYS G 259 35.55 43.62 -14.80
C CYS G 259 36.80 42.77 -14.66
N ARG G 260 36.63 41.63 -13.96
CA ARG G 260 37.70 40.69 -13.67
C ARG G 260 37.45 39.33 -14.34
N VAL G 261 38.51 38.68 -14.83
CA VAL G 261 38.47 37.36 -15.48
C VAL G 261 39.50 36.45 -14.77
N TYR G 262 39.07 35.23 -14.37
CA TYR G 262 39.90 34.24 -13.68
C TYR G 262 39.95 32.93 -14.47
N HIS G 263 41.16 32.50 -14.83
CA HIS G 263 41.39 31.26 -15.55
C HIS G 263 42.74 30.66 -15.12
N GLU G 264 42.80 29.33 -15.06
CA GLU G 264 43.95 28.47 -14.75
C GLU G 264 45.18 28.80 -15.65
N GLY G 265 44.91 29.01 -16.93
CA GLY G 265 45.93 29.33 -17.92
C GLY G 265 46.38 30.77 -17.91
N LEU G 266 45.56 31.63 -17.31
CA LEU G 266 45.83 33.05 -17.20
C LEU G 266 47.09 33.34 -16.34
N PRO G 267 48.18 33.90 -16.93
CA PRO G 267 49.35 34.28 -16.12
C PRO G 267 48.93 35.53 -15.33
N GLU G 268 48.26 35.32 -14.16
CA GLU G 268 47.68 36.36 -13.29
C GLU G 268 46.25 36.79 -13.77
N PRO G 269 45.25 37.07 -12.86
CA PRO G 269 43.92 37.50 -13.34
C PRO G 269 43.91 38.76 -14.21
N LEU G 270 42.95 38.86 -15.13
CA LEU G 270 42.75 40.04 -16.00
C LEU G 270 41.82 41.04 -15.37
N THR G 271 42.15 42.31 -15.51
CA THR G 271 41.29 43.41 -15.10
C THR G 271 41.19 44.38 -16.26
N LEU G 272 39.95 44.86 -16.53
CA LEU G 272 39.59 45.76 -17.64
C LEU G 272 38.27 46.44 -17.33
N ARG G 273 38.05 47.66 -17.87
CA ARG G 273 36.83 48.43 -17.61
C ARG G 273 36.38 49.22 -18.84
N TRP G 274 37.34 49.40 -19.79
CA TRP G 274 37.36 50.18 -21.04
C TRP G 274 36.13 50.99 -21.52
N GLU G 275 36.43 52.16 -22.15
CA GLU G 275 35.59 53.17 -22.81
C GLU G 275 35.99 54.61 -22.49
N LYS H 3 13.03 16.46 -22.23
CA LYS H 3 13.87 17.61 -21.84
C LYS H 3 14.01 18.67 -22.96
N THR H 4 13.54 19.93 -22.64
CA THR H 4 13.56 21.12 -23.50
C THR H 4 14.99 21.58 -23.87
N PRO H 5 15.25 21.76 -25.19
CA PRO H 5 16.59 22.18 -25.59
C PRO H 5 16.87 23.65 -25.35
N GLN H 6 18.17 24.00 -25.25
CA GLN H 6 18.67 25.37 -25.08
C GLN H 6 19.57 25.65 -26.27
N ILE H 7 19.33 26.75 -26.98
CA ILE H 7 20.08 27.12 -28.19
C ILE H 7 20.83 28.40 -27.97
N GLN H 8 22.02 28.46 -28.56
CA GLN H 8 22.90 29.61 -28.66
C GLN H 8 23.34 29.69 -30.10
N VAL H 9 23.24 30.89 -30.68
CA VAL H 9 23.62 31.22 -32.05
C VAL H 9 24.61 32.36 -31.92
N TYR H 10 25.85 32.10 -32.37
CA TYR H 10 26.99 33.01 -32.25
C TYR H 10 28.03 32.66 -33.29
N SER H 11 29.04 33.52 -33.47
CA SER H 11 30.11 33.32 -34.42
C SER H 11 31.41 32.92 -33.72
N ARG H 12 32.23 32.04 -34.38
CA ARG H 12 33.54 31.55 -33.88
C ARG H 12 34.47 32.69 -33.39
N HIS H 13 34.56 33.81 -34.16
CA HIS H 13 35.40 34.98 -33.85
C HIS H 13 34.56 36.29 -33.94
N PRO H 14 35.02 37.47 -33.36
CA PRO H 14 34.24 38.72 -33.45
C PRO H 14 33.71 39.09 -34.86
N PRO H 15 32.46 39.60 -34.97
CA PRO H 15 31.86 39.83 -36.31
C PRO H 15 32.35 41.03 -37.13
N GLU H 16 33.39 40.83 -37.95
CA GLU H 16 33.88 41.90 -38.82
C GLU H 16 33.10 41.81 -40.13
N ASN H 17 32.37 42.89 -40.47
CA ASN H 17 31.57 42.96 -41.68
C ASN H 17 32.45 42.84 -42.92
N GLY H 18 32.24 41.75 -43.67
CA GLY H 18 33.01 41.43 -44.87
C GLY H 18 34.01 40.30 -44.68
N LYS H 19 34.51 40.11 -43.43
CA LYS H 19 35.46 39.06 -43.11
C LYS H 19 34.78 37.70 -42.94
N PRO H 20 35.26 36.69 -43.70
CA PRO H 20 34.67 35.34 -43.58
C PRO H 20 34.89 34.75 -42.18
N ASN H 21 33.79 34.29 -41.60
CA ASN H 21 33.72 33.72 -40.27
C ASN H 21 33.02 32.35 -40.32
N ILE H 22 32.67 31.83 -39.12
CA ILE H 22 31.92 30.60 -38.88
C ILE H 22 30.74 30.98 -37.97
N LEU H 23 29.55 30.50 -38.30
CA LEU H 23 28.35 30.73 -37.49
C LEU H 23 28.10 29.44 -36.77
N ASN H 24 28.12 29.52 -35.45
CA ASN H 24 27.95 28.39 -34.56
C ASN H 24 26.58 28.41 -33.96
N CYS H 25 25.97 27.23 -33.95
CA CYS H 25 24.70 26.99 -33.32
C CYS H 25 24.88 25.84 -32.31
N TYR H 26 24.99 26.22 -31.03
CA TYR H 26 25.19 25.30 -29.91
C TYR H 26 23.81 24.93 -29.30
N VAL H 27 23.40 23.64 -29.40
CA VAL H 27 22.11 23.12 -28.91
C VAL H 27 22.37 22.11 -27.79
N THR H 28 21.89 22.39 -26.57
CA THR H 28 22.13 21.54 -25.40
C THR H 28 20.87 21.23 -24.62
N GLN H 29 21.03 20.45 -23.54
CA GLN H 29 19.99 20.10 -22.56
C GLN H 29 18.80 19.38 -23.15
N PHE H 30 19.01 18.54 -24.19
CA PHE H 30 17.89 17.81 -24.77
C PHE H 30 17.89 16.30 -24.59
N HIS H 31 16.67 15.75 -24.61
CA HIS H 31 16.37 14.33 -24.48
C HIS H 31 14.91 14.09 -24.95
N PRO H 32 14.61 13.15 -25.89
CA PRO H 32 15.52 12.19 -26.55
C PRO H 32 16.59 12.79 -27.48
N PRO H 33 17.66 12.02 -27.83
CA PRO H 33 18.69 12.57 -28.76
C PRO H 33 18.25 12.80 -30.21
N HIS H 34 17.03 12.39 -30.62
CA HIS H 34 16.64 12.66 -32.00
C HIS H 34 16.26 14.12 -32.11
N ILE H 35 17.05 14.90 -32.86
CA ILE H 35 16.83 16.33 -33.04
C ILE H 35 17.02 16.80 -34.49
N GLU H 36 16.38 17.92 -34.85
CA GLU H 36 16.49 18.54 -36.16
C GLU H 36 16.91 19.99 -36.02
N ILE H 37 18.15 20.29 -36.42
CA ILE H 37 18.72 21.63 -36.40
C ILE H 37 18.85 22.12 -37.84
N GLN H 38 18.38 23.34 -38.11
CA GLN H 38 18.52 23.95 -39.44
C GLN H 38 19.07 25.35 -39.27
N MET H 39 20.07 25.73 -40.08
CA MET H 39 20.61 27.09 -40.06
C MET H 39 20.02 27.84 -41.25
N LEU H 40 19.57 29.09 -41.02
CA LEU H 40 18.87 29.87 -42.05
C LEU H 40 19.45 31.22 -42.33
N LYS H 41 19.85 31.45 -43.59
CA LYS H 41 20.32 32.76 -44.03
C LYS H 41 19.05 33.43 -44.55
N ASN H 42 18.76 34.63 -44.04
CA ASN H 42 17.56 35.39 -44.39
C ASN H 42 16.24 34.56 -44.50
N GLY H 43 16.03 33.67 -43.52
CA GLY H 43 14.85 32.81 -43.48
C GLY H 43 14.93 31.62 -44.39
N LYS H 44 15.90 31.62 -45.33
CA LYS H 44 16.14 30.56 -46.31
C LYS H 44 17.14 29.57 -45.74
N LYS H 45 16.76 28.27 -45.75
CA LYS H 45 17.56 27.16 -45.24
C LYS H 45 18.95 27.09 -45.88
N ILE H 46 20.00 26.93 -45.04
CA ILE H 46 21.40 26.85 -45.48
C ILE H 46 21.82 25.37 -45.73
N PRO H 47 22.28 25.03 -46.96
CA PRO H 47 22.81 23.66 -47.18
C PRO H 47 24.26 23.57 -46.66
N LYS H 48 24.83 22.33 -46.59
CA LYS H 48 26.22 22.08 -46.15
C LYS H 48 26.58 22.68 -44.76
N VAL H 49 25.84 22.23 -43.74
CA VAL H 49 26.04 22.61 -42.35
C VAL H 49 26.61 21.37 -41.68
N GLU H 50 27.83 21.50 -41.14
CA GLU H 50 28.52 20.45 -40.41
C GLU H 50 27.87 20.29 -39.05
N MET H 51 27.59 19.05 -38.67
CA MET H 51 27.01 18.72 -37.37
C MET H 51 28.07 17.98 -36.63
N SER H 52 28.19 18.22 -35.34
CA SER H 52 29.18 17.49 -34.58
C SER H 52 28.55 16.12 -34.23
N ASP H 53 29.39 15.19 -33.76
CA ASP H 53 28.95 13.85 -33.40
C ASP H 53 28.20 13.87 -32.08
N MET H 54 27.31 12.90 -31.90
CA MET H 54 26.49 12.81 -30.69
C MET H 54 27.22 12.50 -29.43
N SER H 55 27.10 13.48 -28.54
CA SER H 55 27.73 13.53 -27.24
C SER H 55 26.70 14.01 -26.22
N PHE H 56 26.89 13.64 -24.95
CA PHE H 56 26.01 14.04 -23.85
C PHE H 56 26.79 14.51 -22.59
N SER H 57 26.06 15.15 -21.64
CA SER H 57 26.63 15.67 -20.39
C SER H 57 26.42 14.77 -19.14
N LYS H 58 27.05 15.16 -18.02
CA LYS H 58 26.97 14.50 -16.72
C LYS H 58 25.48 14.29 -16.28
N ASP H 59 24.57 15.22 -16.63
CA ASP H 59 23.13 15.16 -16.29
C ASP H 59 22.29 14.29 -17.25
N TRP H 60 23.00 13.53 -18.15
CA TRP H 60 22.45 12.62 -19.16
C TRP H 60 21.88 13.33 -20.41
N SER H 61 21.77 14.67 -20.39
CA SER H 61 21.22 15.44 -21.53
C SER H 61 22.22 15.45 -22.70
N PHE H 62 21.72 15.55 -23.92
CA PHE H 62 22.56 15.53 -25.13
C PHE H 62 22.94 16.89 -25.61
N TYR H 63 24.06 16.97 -26.35
CA TYR H 63 24.49 18.23 -26.93
C TYR H 63 25.06 18.11 -28.35
N ILE H 64 24.81 19.13 -29.16
CA ILE H 64 25.25 19.27 -30.54
C ILE H 64 25.71 20.71 -30.89
N LEU H 65 26.74 20.83 -31.74
CA LEU H 65 27.24 22.07 -32.28
C LEU H 65 27.20 21.98 -33.81
N ALA H 66 26.37 22.82 -34.42
CA ALA H 66 26.22 22.89 -35.86
C ALA H 66 26.89 24.15 -36.32
N HIS H 67 27.65 24.06 -37.41
CA HIS H 67 28.31 25.25 -37.94
C HIS H 67 28.31 25.35 -39.48
N THR H 68 28.47 26.59 -39.98
CA THR H 68 28.53 26.90 -41.40
C THR H 68 29.43 28.11 -41.65
N GLU H 69 30.27 28.04 -42.73
CA GLU H 69 31.16 29.12 -43.15
C GLU H 69 30.29 30.25 -43.64
N PHE H 70 30.50 31.47 -43.14
CA PHE H 70 29.67 32.59 -43.50
C PHE H 70 30.43 33.91 -43.51
N THR H 71 29.91 34.90 -44.24
CA THR H 71 30.52 36.23 -44.33
C THR H 71 29.47 37.26 -43.89
N PRO H 72 29.57 37.75 -42.65
CA PRO H 72 28.56 38.69 -42.14
C PRO H 72 28.50 40.02 -42.89
N THR H 73 27.30 40.39 -43.31
CA THR H 73 27.01 41.66 -43.96
C THR H 73 26.05 42.37 -43.02
N GLU H 74 25.84 43.69 -43.18
CA GLU H 74 24.94 44.44 -42.30
C GLU H 74 23.48 44.18 -42.65
N THR H 75 23.27 43.75 -43.90
CA THR H 75 21.99 43.38 -44.49
C THR H 75 21.58 41.95 -44.08
N ASP H 76 22.45 40.94 -44.41
CA ASP H 76 22.29 39.49 -44.17
C ASP H 76 21.99 39.11 -42.72
N THR H 77 20.83 38.47 -42.52
CA THR H 77 20.38 37.97 -41.21
C THR H 77 20.59 36.47 -41.19
N TYR H 78 20.99 35.93 -40.04
CA TYR H 78 21.20 34.50 -39.90
C TYR H 78 20.47 34.03 -38.64
N ALA H 79 19.91 32.80 -38.69
CA ALA H 79 19.12 32.18 -37.62
C ALA H 79 19.27 30.67 -37.55
N CYS H 80 18.70 30.06 -36.50
CA CYS H 80 18.75 28.62 -36.28
C CYS H 80 17.40 28.10 -35.81
N ARG H 81 16.89 27.06 -36.48
CA ARG H 81 15.59 26.47 -36.23
C ARG H 81 15.77 25.05 -35.73
N VAL H 82 15.33 24.82 -34.50
CA VAL H 82 15.41 23.51 -33.88
C VAL H 82 13.98 22.95 -33.67
N LYS H 83 13.78 21.68 -34.11
CA LYS H 83 12.55 20.90 -34.04
C LYS H 83 12.85 19.69 -33.13
N HIS H 84 12.13 19.60 -32.00
CA HIS H 84 12.33 18.55 -31.02
C HIS H 84 10.99 18.19 -30.44
N ALA H 85 10.90 16.93 -30.04
CA ALA H 85 9.80 16.17 -29.48
C ALA H 85 9.26 16.81 -28.21
N SER H 86 10.17 17.36 -27.40
CA SER H 86 9.90 18.00 -26.11
C SER H 86 9.15 19.32 -26.26
N MET H 87 9.05 19.84 -27.51
CA MET H 87 8.47 21.13 -27.89
C MET H 87 7.25 21.02 -28.79
N ALA H 88 6.29 21.90 -28.56
CA ALA H 88 5.07 21.99 -29.35
C ALA H 88 5.40 22.36 -30.81
N GLU H 89 6.07 23.50 -31.01
CA GLU H 89 6.47 24.04 -32.32
C GLU H 89 8.01 24.23 -32.42
N PRO H 90 8.60 24.47 -33.62
CA PRO H 90 10.05 24.71 -33.67
C PRO H 90 10.48 26.02 -33.01
N LYS H 91 11.66 26.03 -32.38
CA LYS H 91 12.21 27.22 -31.73
C LYS H 91 13.24 27.76 -32.69
N THR H 92 13.17 29.09 -32.98
CA THR H 92 14.08 29.83 -33.88
C THR H 92 14.85 30.86 -33.06
N VAL H 93 16.18 30.91 -33.24
CA VAL H 93 17.06 31.83 -32.52
C VAL H 93 17.80 32.73 -33.51
N TYR H 94 17.45 34.00 -33.54
CA TYR H 94 18.02 34.94 -34.50
C TYR H 94 19.35 35.48 -33.97
N TRP H 95 20.42 35.33 -34.80
CA TRP H 95 21.80 35.73 -34.48
C TRP H 95 21.95 37.24 -34.21
N ASP H 96 22.55 37.60 -33.07
CA ASP H 96 22.81 38.98 -32.66
C ASP H 96 24.31 39.08 -32.52
N ARG H 97 24.98 39.86 -33.42
CA ARG H 97 26.45 40.01 -33.42
C ARG H 97 27.04 40.44 -32.06
N ASP H 98 26.24 41.21 -31.26
CA ASP H 98 26.59 41.74 -29.95
C ASP H 98 26.26 40.78 -28.77
N MET H 99 25.81 39.56 -29.11
CA MET H 99 25.48 38.56 -28.09
C MET H 99 26.05 37.13 -28.29
N ALA I 1 0.51 -20.47 -11.07
CA ALA I 1 0.50 -19.30 -10.20
C ALA I 1 -0.44 -19.50 -9.03
N SER I 2 0.14 -19.58 -7.82
CA SER I 2 -0.52 -19.77 -6.54
C SER I 2 -1.49 -18.67 -6.20
N ASP I 3 -2.39 -18.95 -5.25
CA ASP I 3 -3.38 -18.01 -4.76
C ASP I 3 -2.94 -17.60 -3.33
N GLU I 4 -3.74 -16.75 -2.68
CA GLU I 4 -3.53 -16.37 -1.30
C GLU I 4 -4.78 -16.77 -0.53
N ASN I 5 -4.62 -17.45 0.63
CA ASN I 5 -5.77 -17.91 1.41
C ASN I 5 -6.43 -16.70 2.04
N MET I 6 -7.76 -16.70 2.10
CA MET I 6 -8.39 -15.52 2.65
C MET I 6 -8.40 -15.46 4.18
N GLU I 7 -9.49 -15.89 4.84
CA GLU I 7 -9.54 -15.86 6.30
C GLU I 7 -8.67 -16.92 6.90
N THR I 8 -8.09 -16.58 8.03
CA THR I 8 -7.19 -17.44 8.77
C THR I 8 -7.91 -18.64 9.45
N MET I 9 -7.16 -19.58 10.02
CA MET I 9 -7.81 -20.73 10.65
C MET I 9 -8.44 -20.47 12.05
N ALA J 1 -22.49 21.98 -11.49
CA ALA J 1 -22.82 20.87 -12.38
C ALA J 1 -21.75 20.75 -13.45
N SER J 2 -21.30 19.50 -13.73
CA SER J 2 -20.25 19.22 -14.70
C SER J 2 -20.66 19.46 -16.17
N ASP J 3 -19.67 19.52 -17.05
CA ASP J 3 -19.84 19.70 -18.49
C ASP J 3 -19.40 18.40 -19.18
N GLU J 4 -19.69 18.27 -20.48
CA GLU J 4 -19.27 17.14 -21.26
C GLU J 4 -18.29 17.60 -22.33
N ASN J 5 -17.17 16.90 -22.46
CA ASN J 5 -16.17 17.30 -23.44
C ASN J 5 -16.60 16.98 -24.86
N MET J 6 -16.26 17.88 -25.78
CA MET J 6 -16.52 17.77 -27.21
C MET J 6 -15.19 17.45 -27.85
N GLU J 7 -15.15 16.39 -28.67
CA GLU J 7 -13.97 15.89 -29.39
C GLU J 7 -12.89 15.31 -28.51
N THR J 8 -12.45 14.11 -28.85
CA THR J 8 -11.41 13.41 -28.11
C THR J 8 -10.02 14.00 -28.46
N MET J 9 -8.98 13.49 -27.78
CA MET J 9 -7.59 13.92 -27.99
C MET J 9 -6.94 13.18 -29.16
N ALA K 1 -17.91 -14.53 30.34
CA ALA K 1 -18.58 -15.61 29.65
C ALA K 1 -19.91 -15.95 30.30
N SER K 2 -20.95 -16.13 29.47
CA SER K 2 -22.30 -16.47 29.91
C SER K 2 -22.43 -17.91 30.31
N ASP K 3 -23.47 -18.22 31.06
CA ASP K 3 -23.78 -19.57 31.54
C ASP K 3 -25.09 -20.02 30.90
N GLU K 4 -25.40 -21.28 31.02
CA GLU K 4 -26.66 -21.76 30.49
C GLU K 4 -27.62 -22.02 31.64
N ASN K 5 -28.90 -21.68 31.44
CA ASN K 5 -29.91 -21.89 32.47
C ASN K 5 -30.24 -23.38 32.52
N MET K 6 -30.65 -23.87 33.69
CA MET K 6 -30.96 -25.27 33.83
C MET K 6 -32.41 -25.59 33.53
N GLU K 7 -33.24 -25.82 34.56
CA GLU K 7 -34.64 -26.12 34.32
C GLU K 7 -35.33 -24.88 33.76
N THR K 8 -36.26 -25.11 32.84
CA THR K 8 -37.05 -24.07 32.19
C THR K 8 -38.11 -23.51 33.18
N MET K 9 -39.04 -22.67 32.69
CA MET K 9 -40.02 -22.14 33.62
C MET K 9 -41.21 -23.01 33.93
N ALA L 1 41.62 2.16 -21.93
CA ALA L 1 40.88 1.22 -22.76
C ALA L 1 39.52 0.89 -22.12
N SER L 2 38.54 0.45 -22.92
CA SER L 2 37.17 0.10 -22.50
C SER L 2 37.10 -1.13 -21.60
N ASP L 3 35.90 -1.43 -21.09
CA ASP L 3 35.60 -2.60 -20.27
C ASP L 3 34.25 -3.10 -20.72
N GLU L 4 34.04 -4.42 -20.64
CA GLU L 4 32.76 -5.03 -21.02
C GLU L 4 31.91 -5.32 -19.79
N ASN L 5 30.63 -4.93 -19.88
CA ASN L 5 29.64 -5.07 -18.82
C ASN L 5 29.33 -6.55 -18.58
N MET L 6 29.19 -6.96 -17.32
CA MET L 6 28.89 -8.35 -17.04
C MET L 6 27.42 -8.76 -17.28
N GLU L 7 26.61 -8.96 -16.22
CA GLU L 7 25.20 -9.35 -16.32
C GLU L 7 24.37 -8.21 -16.88
N THR L 8 23.43 -8.55 -17.77
CA THR L 8 22.50 -7.61 -18.38
C THR L 8 21.55 -7.03 -17.32
N MET L 9 20.89 -5.90 -17.65
CA MET L 9 19.97 -5.17 -16.77
C MET L 9 18.86 -6.05 -16.19
S SO4 M . -8.33 -37.34 -4.36
O1 SO4 M . -7.43 -36.84 -5.41
O2 SO4 M . -9.73 -37.11 -4.77
O3 SO4 M . -8.10 -38.78 -4.18
O4 SO4 M . -8.06 -36.64 -3.10
S SO4 N . 6.47 5.14 -21.92
O1 SO4 N . 7.88 5.53 -21.72
O2 SO4 N . 6.34 4.60 -23.28
O3 SO4 N . 6.04 4.15 -20.91
O4 SO4 N . 5.63 6.34 -21.77
S SO4 O . -3.52 28.43 -11.69
O1 SO4 O . -3.60 29.03 -13.02
O2 SO4 O . -4.00 27.04 -11.72
O3 SO4 O . -2.13 28.42 -11.21
O4 SO4 O . -4.34 29.20 -10.75
S SO4 P . -52.72 -10.75 29.07
O1 SO4 P . -51.90 -10.49 27.85
O2 SO4 P . -53.75 -11.75 28.81
O3 SO4 P . -51.91 -11.21 30.21
O4 SO4 P . -53.40 -9.51 29.45
S SO4 Q . -30.16 -4.49 42.69
O1 SO4 Q . -29.05 -4.91 41.82
O2 SO4 Q . -31.43 -4.73 42.00
O3 SO4 Q . -30.13 -5.25 43.95
O4 SO4 Q . -30.00 -3.06 42.90
#